data_7TPP
#
_entry.id   7TPP
#
loop_
_entity.id
_entity.type
_entity.pdbx_description
1 polymer Prothrombin
2 polymer 'Factor X light chain'
3 polymer 'Coagulation factor Va'
4 polymer 'Coagulation factor Va'
5 polymer 'Activated factor Xa heavy chain'
#
loop_
_entity_poly.entity_id
_entity_poly.type
_entity_poly.pdbx_seq_one_letter_code
_entity_poly.pdbx_strand_id
1 'polypeptide(L)'
;ANTFLEEVRKGNLERECVEETCSYEEAFEALESSTATDVFWAKYTACETARTPRDKLAACLEGNCAEGLGTNYRGHVNIT
RSGIECQLWRSRYPHKPEINSTTHPGADLQENFCRNPDSSTTGPWCYTTDPTVRRQECSIPVCGQDQVTVAMTPRSEGSS
VNLSPPLEQCVPDRGQQYQGRLAVTTHGLPCLAWASAQAKALSKHQDFNSAVQLVENFCRNPDGDEEGVWCYVAGKPGDF
GYCDLNYCEEAVEEETGDGLDEDSDRAIEGRTATSEYQTFFNPRTFGSGEADCGLRPLFEKKSLEDKTERELLESYIDGR
IVEGSDAEIGMSPWQVMLFRKSPQELLCGASLISDRWVLTAAHCLLYPPWDKNFTENDLLVRIGKHSRTRYERNIEKISM
LEKIYIHPRYNWRENLDRDIALMKLKKPVAFSDYIHPVCLPDRETAASLLQAGYKGRVTGWGNLKETWTANVGKGQPSVL
QVVNLPIVERPVCKDSTRIRITDNMFCAGYKPDEGKRGDACEGDAGGPFVMKSPFNNRWYQMGIVSWGEGCDRDGKYGFY
THVFRLKKWIQKVIDQFGE
;
E
2 'polypeptide(L)'
;ANSFLEEMKKGHLERECMEETCSYEEAREVFEDSDKTNEFWNKYKDGDQCETSPCQNQGKCKDGLGEYTCTCLEGFEGKN
CELFTRKLCSLDNGDCDQFCHEEQNSVVCSCARGYTLADNGKACIPTGPYPCGKQTLER
;
A
3 'polypeptide(L)'
;AQLRQFYVAAQGISWSYRPEPTNSSLNLSVTSFKKIVYREYEPYFKKEKPQSTISGLLGPTLYAEVGDIIKVHFKNKADK
PLSIHPQGIRYSKLSEGASYLDHTFPAEKMDDAVAPGREYTYEWSISEDSGPTHDDPPCLTHIYYSHENLIEDFNSGLIG
PLLICKKGTLTEGGTQKTFDKQIVLLFAVFDESKSWSQSSSLMYTVNGYVNGTMPDITVCAHDHISWHLLGMSSGPELFS
IHFNGQVLEQNHHKVSAITLVSATSTTANMTVGPEGKWIISSLTPKHLQAGMQAYIDIKNCPKKTRNLKKITREQRRHMK
RWEYFIAAEEVIWDYAPVIPANMDKKYRSQHLDNFSNQIGKHYKKVMYTQYEDESFTKHTVNPNMKEDGILGPIIRAQVR
DTLKIVFKNMASRPYSIYPHGVTFSPYEDEVNSSFTSGRNNTMIRAVQPGETYTYKWNILEFDEPTENDAQCLTRPYYSD
VDIMRDIASGLIGLLLICKSRSLDRRGIQRAADIEQQAVFAVFDENKSWYLEDNINKFCENPDEVKRDDPKFYESNIMST
INGYVPESITTLGFCFDDTVQWHFCSVGTQNEILTIHFTGHSFIYGKRHEDTLTLFPMRGESVTVTMDNVGTWMLTSMNS
SPRSKKLRLKFRDVKCIPDDDEDSYEIFEPPESTVMATRKMHDRLEPEDEESDADYDYQNRLAAALGIR
;
C
4 'polypeptide(L)'
;SNNGNRRNYYIAAEEISWDYSEFVQRETDIEDSDDIPEDTTYKKVVFRKYLDSTFTKRDPRGEYEEHLGILGPIIRAEVD
DVIQVRFKNLASRPYSLHAHGLSYEKSSEGKTYEDDSPEWFKEDNAVQPNSSYTYVWHATERSGPESPGSACRAWAYYSA
VNPEKDIHSGLIGPLLICQKGILHKDSNMPMDMREFVLLFMTFDEKKSWYYEKKSRSSWRLTSSEMKKSHEFHAINGMIY
SLPGLKMYEQEWVRLHLLNIGGSQDIHVVHFHGQTLLENGNKQHQLGVWPLLPGSFKTLEMKASKPGWWLLNTEVGENQR
AGMQTPFLIMDRDCRMPMGLSTGIISDSQIKASEFLGYWEPRLARLNNGGSYNAWSVEKLAAEFASKPWIQVDMQKEVII
TGIQTQGAKHYLKSCYTTEFYVAYSSNQINWQIFKGNSTRNVMYFNGNSDASTIKENQFDPPIVARYIRISPTRAYNRPT
LRLELQGCEVNGCSTPLGMENGKIENKQITASSFKKSWWGDYWEPFRARLNAQGRVNAWQAKANNNKQWLEIDLLKIKKI
TAIITQGCKSLSSEMYVKSYTIHYSEQGVEWKPYRLKSSMVDKIFEGNTNTKGHVKNFFNPPIISRFIRVIPKTWNQSIA
LRLELFGCDIY
;
D
5 'polypeptide(L)'
;IVGGQECKDGECPWQALLINEENEGFCGGTILSEFYILTAAHCLYQAKRFKVRVGDRNTEQEEGGEAVHEVEVVIKHNRF
TKETYDFDIAVLRLKTPITFRMNVAPACLPERDWAESTLMTQKTGIVSGFGRTHEKGRQSTRLKMLEVPYVDRNSCKLSS
SFIITQNMFCAGYDTKQEDACQGDAGGPHVTRFKDTYFVTGIVSWGEGCARKGKYGIYTKVTAFLKWIDRSMKTRGLPKA
KSHAPEVITSSPLK
;
B
#
# COMPACT_ATOMS: atom_id res chain seq x y z
N ALA A 1 -48.52 -6.30 0.45
CA ALA A 1 -47.57 -5.21 0.34
C ALA A 1 -47.04 -5.08 -1.08
N ASN A 2 -47.02 -6.19 -1.80
CA ASN A 2 -46.54 -6.23 -3.18
C ASN A 2 -47.67 -6.40 -4.18
N THR A 3 -48.43 -7.50 -4.07
CA THR A 3 -49.54 -7.77 -4.97
C THR A 3 -50.80 -7.99 -4.15
N PHE A 4 -51.94 -7.53 -4.69
CA PHE A 4 -53.22 -7.67 -4.02
C PHE A 4 -53.56 -9.14 -3.82
N LEU A 5 -53.13 -9.70 -2.69
CA LEU A 5 -53.38 -11.10 -2.38
C LEU A 5 -53.23 -11.35 -0.88
N GLU A 6 -52.25 -10.69 -0.26
CA GLU A 6 -52.01 -10.84 1.18
C GLU A 6 -52.77 -9.79 1.99
N GLU A 7 -52.94 -8.59 1.45
CA GLU A 7 -53.66 -7.52 2.15
C GLU A 7 -55.16 -7.59 1.83
N VAL A 8 -55.74 -8.74 2.10
CA VAL A 8 -57.16 -8.97 1.86
C VAL A 8 -57.95 -9.26 3.14
N ARG A 9 -57.30 -9.69 4.21
CA ARG A 9 -57.99 -9.95 5.46
C ARG A 9 -58.25 -8.70 6.29
N LYS A 10 -57.57 -7.60 5.97
CA LYS A 10 -57.75 -6.35 6.70
C LYS A 10 -59.05 -5.65 6.32
N GLY A 11 -59.35 -5.56 5.03
CA GLY A 11 -60.56 -4.92 4.55
C GLY A 11 -61.73 -5.85 4.32
N ASN A 12 -61.65 -7.10 4.75
CA ASN A 12 -62.74 -8.06 4.57
C ASN A 12 -63.75 -7.96 5.71
N LEU A 13 -63.30 -8.10 6.95
CA LEU A 13 -64.17 -8.02 8.11
C LEU A 13 -64.45 -6.55 8.40
N GLU A 14 -65.57 -6.06 7.87
CA GLU A 14 -65.97 -4.68 8.06
C GLU A 14 -67.37 -4.58 8.66
N ARG A 15 -68.39 -4.77 7.82
CA ARG A 15 -69.77 -4.69 8.27
C ARG A 15 -70.45 -6.05 8.18
N GLU A 16 -69.81 -7.08 8.74
CA GLU A 16 -70.37 -8.43 8.70
C GLU A 16 -70.43 -9.13 10.05
N CYS A 17 -69.70 -8.65 11.06
CA CYS A 17 -69.68 -9.31 12.36
C CYS A 17 -69.31 -8.32 13.46
N VAL A 18 -68.81 -7.15 13.07
CA VAL A 18 -68.44 -6.14 14.05
C VAL A 18 -69.66 -5.59 14.76
N GLU A 19 -70.75 -5.36 14.01
CA GLU A 19 -71.99 -4.83 14.58
C GLU A 19 -73.21 -5.60 14.10
N GLU A 20 -73.03 -6.82 13.61
CA GLU A 20 -74.13 -7.65 13.13
C GLU A 20 -74.14 -8.97 13.90
N THR A 21 -74.94 -9.92 13.41
CA THR A 21 -75.10 -11.22 14.05
C THR A 21 -74.10 -12.20 13.46
N CYS A 22 -73.37 -12.89 14.34
CA CYS A 22 -72.39 -13.88 13.93
C CYS A 22 -72.08 -14.80 15.10
N SER A 23 -71.65 -16.02 14.78
CA SER A 23 -71.33 -17.01 15.80
C SER A 23 -70.24 -17.96 15.31
N TYR A 24 -70.62 -19.14 14.87
CA TYR A 24 -69.67 -20.13 14.37
C TYR A 24 -70.03 -20.64 12.98
N GLU A 25 -71.32 -20.82 12.69
CA GLU A 25 -71.77 -21.31 11.38
C GLU A 25 -72.46 -20.23 10.57
N GLU A 26 -72.27 -18.96 10.93
CA GLU A 26 -72.88 -17.83 10.22
C GLU A 26 -71.87 -16.96 9.49
N ALA A 27 -70.70 -16.70 10.09
CA ALA A 27 -69.66 -15.88 9.47
C ALA A 27 -68.30 -16.56 9.72
N PHE A 28 -68.07 -17.66 9.02
CA PHE A 28 -66.84 -18.42 9.16
C PHE A 28 -66.08 -18.54 7.84
N GLU A 29 -66.77 -18.67 6.71
CA GLU A 29 -66.14 -18.80 5.42
C GLU A 29 -65.73 -17.46 4.82
N ALA A 30 -66.10 -16.35 5.45
CA ALA A 30 -65.76 -15.01 4.97
C ALA A 30 -64.52 -14.45 5.66
N LEU A 31 -63.56 -15.30 5.97
CA LEU A 31 -62.33 -14.86 6.64
C LEU A 31 -61.08 -15.20 5.85
N GLU A 32 -61.04 -16.38 5.21
CA GLU A 32 -59.90 -16.83 4.43
C GLU A 32 -58.63 -16.87 5.28
N SER A 33 -58.42 -17.97 5.99
CA SER A 33 -57.25 -18.12 6.85
C SER A 33 -56.94 -19.61 6.99
N SER A 34 -55.76 -20.02 6.52
CA SER A 34 -55.34 -21.41 6.59
C SER A 34 -54.43 -21.68 7.78
N THR A 35 -53.39 -20.88 7.96
CA THR A 35 -52.47 -21.08 9.09
C THR A 35 -52.98 -20.38 10.34
N ALA A 36 -53.33 -19.10 10.22
CA ALA A 36 -53.82 -18.33 11.37
C ALA A 36 -55.33 -18.52 11.50
N THR A 37 -55.71 -19.74 11.87
CA THR A 37 -57.11 -20.11 12.06
C THR A 37 -57.50 -20.25 13.52
N ASP A 38 -56.74 -21.04 14.28
CA ASP A 38 -57.07 -21.21 15.70
C ASP A 38 -56.70 -19.98 16.51
N VAL A 39 -55.67 -19.24 16.10
CA VAL A 39 -55.26 -18.03 16.82
C VAL A 39 -56.14 -16.84 16.52
N PHE A 40 -57.08 -16.95 15.58
CA PHE A 40 -57.96 -15.83 15.25
C PHE A 40 -59.00 -15.60 16.33
N TRP A 41 -59.35 -16.65 17.09
CA TRP A 41 -60.34 -16.50 18.15
C TRP A 41 -59.80 -15.74 19.36
N ALA A 42 -58.47 -15.65 19.50
CA ALA A 42 -57.86 -14.94 20.61
C ALA A 42 -57.45 -13.52 20.27
N LYS A 43 -57.11 -13.25 19.01
CA LYS A 43 -56.70 -11.91 18.61
C LYS A 43 -57.89 -10.96 18.51
N TYR A 44 -59.00 -11.44 17.96
CA TYR A 44 -60.19 -10.60 17.83
C TYR A 44 -60.89 -10.39 19.18
N THR A 45 -60.74 -11.34 20.10
CA THR A 45 -61.37 -11.25 21.41
C THR A 45 -60.43 -10.54 22.36
N ALA A 46 -60.70 -9.26 22.63
CA ALA A 46 -59.89 -8.48 23.54
C ALA A 46 -60.72 -7.38 24.18
N CYS A 47 -61.56 -6.71 23.39
CA CYS A 47 -62.46 -5.68 23.89
C CYS A 47 -63.57 -6.34 24.69
N GLU A 48 -63.49 -6.25 26.01
CA GLU A 48 -64.50 -6.86 26.87
C GLU A 48 -65.78 -6.03 26.92
N THR A 49 -65.67 -4.72 26.73
CA THR A 49 -66.85 -3.85 26.78
C THR A 49 -67.64 -3.94 25.47
N ALA A 50 -67.10 -3.36 24.40
CA ALA A 50 -67.77 -3.39 23.11
C ALA A 50 -66.72 -3.22 22.02
N ARG A 51 -67.10 -3.63 20.80
CA ARG A 51 -66.23 -3.53 19.63
C ARG A 51 -66.72 -2.49 18.63
N THR A 52 -67.61 -1.59 19.05
CA THR A 52 -68.15 -0.57 18.18
C THR A 52 -67.75 0.82 18.70
N PRO A 53 -67.40 1.75 17.80
CA PRO A 53 -67.34 1.54 16.35
C PRO A 53 -65.99 0.98 15.88
N ARG A 54 -65.54 1.44 14.72
CA ARG A 54 -64.28 0.99 14.13
C ARG A 54 -63.19 2.05 14.15
N ASP A 55 -63.53 3.28 13.76
CA ASP A 55 -62.55 4.37 13.71
C ASP A 55 -62.57 5.16 15.02
N LYS A 56 -62.30 4.45 16.11
CA LYS A 56 -62.28 5.06 17.43
C LYS A 56 -61.43 4.24 18.39
N LEU A 57 -61.88 3.02 18.70
CA LEU A 57 -61.13 2.16 19.62
C LEU A 57 -59.90 1.56 18.93
N ALA A 58 -60.13 0.65 17.99
CA ALA A 58 -59.06 -0.01 17.23
C ALA A 58 -58.08 -0.72 18.17
N ALA A 59 -58.61 -1.35 19.22
CA ALA A 59 -57.81 -2.08 20.19
C ALA A 59 -57.84 -3.59 19.96
N CYS A 60 -59.03 -4.16 19.79
CA CYS A 60 -59.19 -5.59 19.54
C CYS A 60 -59.20 -5.92 18.05
N LEU A 61 -58.73 -5.02 17.20
CA LEU A 61 -58.67 -5.25 15.77
C LEU A 61 -57.26 -5.11 15.20
N GLU A 62 -56.41 -4.27 15.79
CA GLU A 62 -55.05 -4.09 15.29
C GLU A 62 -54.06 -4.15 16.44
N GLY A 63 -54.17 -3.23 17.39
CA GLY A 63 -53.29 -3.22 18.54
C GLY A 63 -52.71 -1.85 18.85
N ASN A 64 -53.38 -1.09 19.72
CA ASN A 64 -52.92 0.23 20.10
C ASN A 64 -52.95 0.40 21.61
N CYS A 65 -54.13 0.69 22.16
CA CYS A 65 -54.30 0.87 23.59
C CYS A 65 -54.57 -0.50 24.24
N ALA A 66 -54.96 -0.50 25.52
CA ALA A 66 -55.25 -1.71 26.26
C ALA A 66 -56.62 -1.61 26.92
N GLU A 67 -57.64 -1.34 26.10
CA GLU A 67 -59.00 -1.21 26.60
C GLU A 67 -59.57 -2.59 26.93
N GLY A 68 -60.04 -2.74 28.17
CA GLY A 68 -60.60 -4.00 28.61
C GLY A 68 -59.86 -4.60 29.79
N LEU A 69 -58.70 -5.20 29.52
CA LEU A 69 -57.89 -5.81 30.57
C LEU A 69 -56.41 -5.75 30.23
N GLY A 70 -56.11 -5.56 28.95
CA GLY A 70 -54.73 -5.48 28.51
C GLY A 70 -54.04 -6.82 28.48
N THR A 71 -53.96 -7.43 27.29
CA THR A 71 -53.33 -8.73 27.12
C THR A 71 -52.24 -8.74 26.06
N ASN A 72 -52.13 -7.70 25.23
CA ASN A 72 -51.12 -7.65 24.20
C ASN A 72 -50.82 -6.19 23.86
N TYR A 73 -49.65 -5.97 23.26
CA TYR A 73 -49.21 -4.63 22.88
C TYR A 73 -48.43 -4.74 21.58
N ARG A 74 -48.90 -4.05 20.54
CA ARG A 74 -48.21 -4.08 19.26
C ARG A 74 -47.02 -3.13 19.22
N GLY A 75 -47.09 -2.02 19.94
CA GLY A 75 -46.00 -1.07 19.96
C GLY A 75 -44.76 -1.61 20.63
N HIS A 76 -43.65 -0.91 20.39
CA HIS A 76 -42.34 -1.29 20.92
C HIS A 76 -42.07 -0.43 22.16
N VAL A 77 -42.58 -0.88 23.31
CA VAL A 77 -42.40 -0.19 24.58
C VAL A 77 -41.73 -1.18 25.53
N ASN A 78 -40.46 -0.94 25.84
CA ASN A 78 -39.70 -1.82 26.71
C ASN A 78 -39.56 -1.28 28.14
N ILE A 79 -39.90 -0.01 28.36
CA ILE A 79 -39.79 0.57 29.69
C ILE A 79 -40.93 0.09 30.58
N THR A 80 -40.69 0.10 31.89
CA THR A 80 -41.69 -0.32 32.86
C THR A 80 -41.90 0.76 33.92
N ARG A 81 -41.05 0.74 34.96
CA ARG A 81 -41.14 1.73 36.03
C ARG A 81 -39.83 1.80 36.80
N SER A 82 -38.83 1.03 36.37
CA SER A 82 -37.54 1.02 37.04
C SER A 82 -36.35 1.07 36.08
N GLY A 83 -36.58 1.03 34.77
CA GLY A 83 -35.49 1.08 33.82
C GLY A 83 -35.13 -0.29 33.28
N ILE A 84 -35.33 -1.33 34.08
CA ILE A 84 -35.03 -2.69 33.67
C ILE A 84 -36.22 -3.26 32.91
N GLU A 85 -35.95 -3.84 31.73
CA GLU A 85 -37.02 -4.42 30.93
C GLU A 85 -37.54 -5.70 31.59
N CYS A 86 -38.66 -6.18 31.07
CA CYS A 86 -39.28 -7.38 31.61
C CYS A 86 -38.46 -8.62 31.22
N GLN A 87 -38.71 -9.70 31.95
CA GLN A 87 -37.98 -10.94 31.72
C GLN A 87 -38.41 -11.58 30.40
N LEU A 88 -37.45 -12.16 29.69
CA LEU A 88 -37.74 -12.82 28.43
C LEU A 88 -38.52 -14.11 28.67
N TRP A 89 -39.38 -14.45 27.71
CA TRP A 89 -40.25 -15.61 27.86
C TRP A 89 -39.55 -16.91 27.51
N ARG A 90 -38.53 -16.87 26.65
CA ARG A 90 -37.81 -18.06 26.24
C ARG A 90 -36.73 -18.49 27.23
N SER A 91 -36.75 -17.95 28.46
CA SER A 91 -35.79 -18.33 29.48
C SER A 91 -36.42 -18.13 30.84
N ARG A 92 -35.87 -18.83 31.83
CA ARG A 92 -36.34 -18.79 33.22
C ARG A 92 -35.18 -18.35 34.09
N TYR A 93 -35.05 -17.03 34.28
CA TYR A 93 -33.99 -16.46 35.08
C TYR A 93 -34.42 -15.10 35.59
N PRO A 94 -34.28 -14.82 36.90
CA PRO A 94 -33.77 -15.77 37.89
C PRO A 94 -34.85 -16.69 38.46
N HIS A 95 -36.11 -16.26 38.34
CA HIS A 95 -37.23 -17.03 38.85
C HIS A 95 -37.69 -18.05 37.80
N LYS A 96 -38.80 -18.73 38.10
CA LYS A 96 -39.36 -19.73 37.20
C LYS A 96 -40.87 -19.48 37.08
N PRO A 97 -41.36 -19.05 35.92
CA PRO A 97 -42.80 -18.81 35.77
C PRO A 97 -43.61 -20.09 35.69
N GLU A 98 -44.92 -19.97 35.54
CA GLU A 98 -45.77 -21.15 35.46
C GLU A 98 -45.59 -21.88 34.14
N ILE A 99 -45.60 -21.15 33.03
CA ILE A 99 -45.42 -21.72 31.71
C ILE A 99 -44.07 -21.30 31.17
N ASN A 100 -43.53 -22.14 30.26
CA ASN A 100 -42.24 -21.87 29.64
C ASN A 100 -42.50 -21.49 28.20
N SER A 101 -42.10 -22.30 27.23
CA SER A 101 -42.33 -21.97 25.81
C SER A 101 -42.67 -23.24 25.03
N THR A 102 -43.59 -24.05 25.56
CA THR A 102 -43.99 -25.28 24.89
C THR A 102 -45.49 -25.52 24.90
N THR A 103 -46.28 -24.52 25.30
CA THR A 103 -47.74 -24.66 25.34
C THR A 103 -48.43 -24.13 24.09
N HIS A 104 -47.94 -23.03 23.52
CA HIS A 104 -48.52 -22.46 22.32
C HIS A 104 -47.54 -21.49 21.67
N PRO A 105 -46.66 -21.97 20.78
CA PRO A 105 -45.68 -21.07 20.15
C PRO A 105 -46.29 -20.15 19.09
N GLY A 106 -47.56 -20.34 18.74
CA GLY A 106 -48.19 -19.52 17.72
C GLY A 106 -48.60 -18.13 18.17
N ALA A 107 -48.53 -17.85 19.47
CA ALA A 107 -48.91 -16.54 20.02
C ALA A 107 -47.70 -15.63 20.21
N ASP A 108 -46.62 -15.86 19.48
CA ASP A 108 -45.40 -15.05 19.58
C ASP A 108 -44.86 -15.03 21.01
N LEU A 109 -44.11 -16.06 21.38
CA LEU A 109 -43.54 -16.19 22.72
C LEU A 109 -42.19 -15.49 22.85
N GLN A 110 -41.94 -14.47 22.04
CA GLN A 110 -40.69 -13.70 22.08
C GLN A 110 -41.02 -12.24 22.38
N GLU A 111 -39.96 -11.42 22.40
CA GLU A 111 -40.06 -9.99 22.68
C GLU A 111 -40.72 -9.73 24.03
N ASN A 112 -39.91 -9.64 25.08
CA ASN A 112 -40.41 -9.44 26.43
C ASN A 112 -41.11 -8.08 26.56
N PHE A 113 -42.44 -8.09 26.52
CA PHE A 113 -43.22 -6.87 26.66
C PHE A 113 -43.99 -6.86 27.98
N CYS A 114 -45.24 -6.40 27.94
CA CYS A 114 -46.11 -6.33 29.11
C CYS A 114 -47.36 -7.15 28.82
N ARG A 115 -47.34 -8.42 29.23
CA ARG A 115 -48.46 -9.31 29.00
C ARG A 115 -48.99 -9.88 30.30
N ASN A 116 -49.82 -10.92 30.21
CA ASN A 116 -50.40 -11.55 31.40
C ASN A 116 -50.49 -13.06 31.19
N PRO A 117 -49.62 -13.85 31.83
CA PRO A 117 -49.68 -15.30 31.63
C PRO A 117 -50.85 -15.95 32.34
N ASP A 118 -51.22 -15.46 33.54
CA ASP A 118 -52.31 -16.05 34.30
C ASP A 118 -53.46 -15.07 34.44
N SER A 119 -54.07 -15.02 35.62
CA SER A 119 -55.21 -14.15 35.85
C SER A 119 -54.76 -12.68 35.90
N SER A 120 -55.72 -11.79 35.71
CA SER A 120 -55.47 -10.35 35.72
C SER A 120 -55.98 -9.76 37.02
N THR A 121 -55.07 -9.15 37.79
CA THR A 121 -55.41 -8.51 39.04
C THR A 121 -55.27 -7.00 39.03
N THR A 122 -54.44 -6.45 38.14
CA THR A 122 -54.25 -5.01 38.05
C THR A 122 -54.08 -4.58 36.60
N GLY A 123 -53.21 -5.27 35.87
CA GLY A 123 -52.96 -4.96 34.48
C GLY A 123 -51.82 -5.78 33.91
N PRO A 124 -51.21 -5.28 32.83
CA PRO A 124 -50.08 -6.01 32.23
C PRO A 124 -48.84 -5.98 33.10
N TRP A 125 -48.78 -6.90 34.06
CA TRP A 125 -47.64 -6.97 34.98
C TRP A 125 -46.52 -7.82 34.39
N CYS A 126 -45.37 -7.77 35.05
CA CYS A 126 -44.19 -8.51 34.63
C CYS A 126 -43.57 -9.20 35.84
N TYR A 127 -42.51 -9.96 35.59
CA TYR A 127 -41.74 -10.61 36.65
C TYR A 127 -40.51 -9.77 36.94
N THR A 128 -40.21 -9.59 38.23
CA THR A 128 -39.09 -8.75 38.63
C THR A 128 -37.76 -9.45 38.32
N THR A 129 -36.88 -8.73 37.62
CA THR A 129 -35.57 -9.29 37.29
C THR A 129 -34.69 -9.40 38.54
N ASP A 130 -34.72 -8.37 39.40
CA ASP A 130 -33.94 -8.40 40.62
C ASP A 130 -34.60 -9.33 41.64
N PRO A 131 -33.81 -9.95 42.53
CA PRO A 131 -34.39 -10.82 43.55
C PRO A 131 -35.06 -10.06 44.67
N THR A 132 -35.33 -8.78 44.48
CA THR A 132 -35.98 -7.96 45.50
C THR A 132 -37.45 -8.34 45.62
N VAL A 133 -38.32 -7.67 44.87
CA VAL A 133 -39.74 -7.97 44.88
C VAL A 133 -40.03 -9.10 43.90
N ARG A 134 -41.31 -9.36 43.62
CA ARG A 134 -41.70 -10.46 42.76
C ARG A 134 -42.39 -10.02 41.47
N ARG A 135 -43.04 -8.87 41.46
CA ARG A 135 -43.75 -8.39 40.28
C ARG A 135 -43.52 -6.90 40.10
N GLN A 136 -43.47 -6.49 38.83
CA GLN A 136 -43.32 -5.07 38.47
C GLN A 136 -44.30 -4.78 37.34
N GLU A 137 -45.43 -4.15 37.68
CA GLU A 137 -46.43 -3.83 36.68
C GLU A 137 -45.97 -2.71 35.78
N CYS A 138 -46.47 -2.70 34.55
CA CYS A 138 -46.11 -1.69 33.57
C CYS A 138 -47.05 -0.48 33.70
N SER A 139 -46.89 0.47 32.77
CA SER A 139 -47.75 1.64 32.73
C SER A 139 -48.29 1.84 31.32
N ILE A 140 -48.93 0.81 30.78
CA ILE A 140 -49.44 0.86 29.41
C ILE A 140 -50.71 1.71 29.39
N PRO A 141 -50.82 2.67 28.47
CA PRO A 141 -52.04 3.48 28.40
C PRO A 141 -53.25 2.64 28.02
N VAL A 142 -54.43 3.24 28.21
CA VAL A 142 -55.70 2.58 27.96
C VAL A 142 -56.64 3.59 27.30
N CYS A 143 -57.42 3.12 26.33
CA CYS A 143 -58.39 3.98 25.67
C CYS A 143 -59.49 4.40 26.64
N GLY A 144 -60.19 5.48 26.28
CA GLY A 144 -61.26 5.99 27.11
C GLY A 144 -60.79 6.97 28.15
N GLN A 145 -60.52 6.48 29.36
CA GLN A 145 -60.05 7.30 30.48
C GLN A 145 -58.53 7.17 30.56
N ASP A 146 -57.84 8.13 29.96
CA ASP A 146 -56.37 8.14 29.97
C ASP A 146 -55.88 8.57 31.34
N GLN A 147 -55.62 7.59 32.20
CA GLN A 147 -55.15 7.85 33.55
C GLN A 147 -53.91 7.01 33.85
N VAL A 148 -53.08 7.50 34.76
CA VAL A 148 -51.86 6.80 35.13
C VAL A 148 -52.19 5.74 36.17
N THR A 149 -51.75 4.51 35.93
CA THR A 149 -52.00 3.40 36.84
C THR A 149 -51.24 3.58 38.14
N VAL A 150 -49.98 3.14 38.17
CA VAL A 150 -49.15 3.25 39.34
C VAL A 150 -48.19 4.42 39.17
N ALA A 151 -47.65 4.89 40.29
CA ALA A 151 -46.72 6.01 40.28
C ALA A 151 -45.36 5.56 39.76
N MET A 152 -44.86 6.22 38.73
CA MET A 152 -43.58 5.88 38.15
C MET A 152 -42.44 6.48 38.97
N THR A 153 -41.22 6.02 38.70
CA THR A 153 -40.03 6.48 39.41
C THR A 153 -39.16 7.27 38.44
N PRO A 154 -38.79 8.52 38.75
CA PRO A 154 -37.93 9.27 37.83
C PRO A 154 -36.49 8.79 37.79
N ARG A 155 -36.06 8.02 38.80
CA ARG A 155 -34.71 7.49 38.94
C ARG A 155 -33.63 8.46 38.47
N SER A 156 -33.77 9.74 38.79
CA SER A 156 -32.83 10.77 38.40
C SER A 156 -32.04 11.20 39.64
N GLU A 157 -30.73 10.97 39.60
CA GLU A 157 -29.86 11.33 40.72
C GLU A 157 -28.81 12.35 40.29
N VAL A 171 -8.42 2.48 52.60
CA VAL A 171 -7.06 2.01 52.76
C VAL A 171 -6.60 1.28 51.51
N PRO A 172 -5.50 1.74 50.90
CA PRO A 172 -5.01 1.10 49.68
C PRO A 172 -4.36 -0.25 49.95
N ASP A 173 -3.97 -0.94 48.87
CA ASP A 173 -3.32 -2.24 48.94
C ASP A 173 -4.20 -3.26 49.68
N ARG A 174 -5.41 -3.43 49.16
CA ARG A 174 -6.41 -4.38 49.67
C ARG A 174 -6.78 -4.10 51.12
N GLY A 175 -6.52 -2.89 51.61
CA GLY A 175 -6.87 -2.53 52.97
C GLY A 175 -6.11 -3.29 54.03
N GLN A 176 -4.97 -2.73 54.47
CA GLN A 176 -4.15 -3.35 55.51
C GLN A 176 -4.17 -2.53 56.80
N GLN A 177 -3.64 -1.30 56.77
CA GLN A 177 -3.62 -0.43 57.94
C GLN A 177 -5.02 0.15 58.14
N TYR A 178 -5.87 -0.65 58.77
CA TYR A 178 -7.25 -0.27 59.03
C TYR A 178 -7.42 0.16 60.48
N GLN A 179 -8.12 1.28 60.69
CA GLN A 179 -8.34 1.79 62.03
C GLN A 179 -9.78 2.22 62.26
N GLY A 180 -10.73 1.72 61.48
CA GLY A 180 -12.11 2.09 61.65
C GLY A 180 -12.70 1.56 62.94
N ARG A 181 -13.81 2.18 63.35
CA ARG A 181 -14.51 1.83 64.58
C ARG A 181 -15.94 1.47 64.21
N LEU A 182 -16.17 0.18 63.92
CA LEU A 182 -17.49 -0.30 63.55
C LEU A 182 -17.58 -1.78 63.89
N ALA A 183 -18.83 -2.27 63.93
CA ALA A 183 -19.12 -3.67 64.23
C ALA A 183 -20.45 -4.03 63.58
N VAL A 184 -20.43 -4.23 62.27
CA VAL A 184 -21.61 -4.58 61.48
C VAL A 184 -21.36 -5.93 60.82
N THR A 185 -22.28 -6.86 61.02
CA THR A 185 -22.18 -8.19 60.45
C THR A 185 -22.76 -8.18 59.03
N THR A 186 -22.83 -9.37 58.41
CA THR A 186 -23.37 -9.47 57.06
C THR A 186 -24.81 -9.94 57.08
N HIS A 187 -25.05 -11.18 57.51
CA HIS A 187 -26.40 -11.73 57.56
C HIS A 187 -27.06 -11.42 58.90
N GLY A 188 -26.91 -12.30 59.87
CA GLY A 188 -27.49 -12.11 61.18
C GLY A 188 -26.87 -12.98 62.25
N LEU A 189 -25.54 -12.89 62.39
CA LEU A 189 -24.80 -13.67 63.39
C LEU A 189 -24.07 -12.71 64.31
N PRO A 190 -24.67 -12.33 65.44
CA PRO A 190 -23.99 -11.41 66.35
C PRO A 190 -22.85 -12.10 67.09
N CYS A 191 -21.84 -11.30 67.42
CA CYS A 191 -20.65 -11.78 68.13
C CYS A 191 -20.38 -10.90 69.33
N LEU A 192 -20.00 -11.53 70.44
CA LEU A 192 -19.76 -10.81 71.68
C LEU A 192 -18.31 -10.31 71.75
N ALA A 193 -17.72 -10.34 72.93
CA ALA A 193 -16.35 -9.87 73.11
C ALA A 193 -15.45 -10.98 73.61
N TRP A 194 -14.34 -10.63 74.26
CA TRP A 194 -13.40 -11.60 74.78
C TRP A 194 -13.53 -11.82 76.28
N ALA A 195 -14.27 -10.97 76.99
CA ALA A 195 -14.45 -11.09 78.43
C ALA A 195 -15.65 -11.94 78.81
N SER A 196 -16.17 -12.73 77.88
CA SER A 196 -17.34 -13.57 78.17
C SER A 196 -16.91 -14.82 78.93
N ALA A 197 -16.66 -15.91 78.20
CA ALA A 197 -16.24 -17.17 78.81
C ALA A 197 -15.37 -17.98 77.86
N GLN A 198 -15.82 -18.14 76.62
CA GLN A 198 -15.09 -18.90 75.61
C GLN A 198 -14.36 -17.92 74.71
N ALA A 199 -13.20 -17.45 75.18
CA ALA A 199 -12.41 -16.50 74.40
C ALA A 199 -11.48 -17.21 73.43
N LYS A 200 -10.81 -18.26 73.89
CA LYS A 200 -9.88 -19.03 73.06
C LYS A 200 -10.49 -20.41 72.84
N ALA A 201 -11.19 -20.56 71.71
CA ALA A 201 -11.82 -21.82 71.37
C ALA A 201 -11.01 -22.58 70.33
N LEU A 202 -11.51 -22.62 69.08
CA LEU A 202 -10.82 -23.30 67.99
C LEU A 202 -9.67 -22.43 67.51
N SER A 203 -8.56 -22.51 68.24
CA SER A 203 -7.37 -21.72 67.90
C SER A 203 -6.09 -22.48 68.26
N LYS A 204 -5.95 -23.69 67.73
CA LYS A 204 -4.77 -24.51 67.98
C LYS A 204 -3.81 -24.59 66.81
N HIS A 205 -4.27 -24.33 65.57
CA HIS A 205 -3.36 -24.35 64.43
C HIS A 205 -3.58 -23.17 63.48
N GLN A 206 -4.19 -22.08 63.95
CA GLN A 206 -4.47 -20.92 63.12
C GLN A 206 -3.22 -20.07 63.01
N ASP A 207 -2.78 -19.81 61.78
CA ASP A 207 -1.56 -19.04 61.52
C ASP A 207 -1.85 -17.56 61.72
N PHE A 208 -1.35 -17.00 62.81
CA PHE A 208 -1.54 -15.58 63.10
C PHE A 208 -0.46 -14.75 62.42
N ASN A 209 -0.88 -13.66 61.79
CA ASN A 209 0.00 -12.71 61.12
C ASN A 209 0.20 -11.49 62.02
N SER A 210 0.38 -10.32 61.41
CA SER A 210 0.59 -9.10 62.17
C SER A 210 0.19 -7.92 61.27
N ALA A 211 -0.91 -7.26 61.63
CA ALA A 211 -1.39 -6.12 60.85
C ALA A 211 -2.22 -5.18 61.72
N VAL A 212 -3.49 -5.52 61.94
CA VAL A 212 -4.39 -4.70 62.72
C VAL A 212 -4.27 -5.09 64.19
N GLN A 213 -4.55 -4.13 65.07
CA GLN A 213 -4.47 -4.36 66.50
C GLN A 213 -5.76 -5.04 66.98
N LEU A 214 -5.88 -5.21 68.30
CA LEU A 214 -7.04 -5.85 68.91
C LEU A 214 -7.97 -4.81 69.50
N VAL A 215 -9.17 -5.27 69.88
CA VAL A 215 -10.21 -4.42 70.44
C VAL A 215 -11.19 -5.31 71.19
N GLU A 216 -12.12 -4.69 71.91
CA GLU A 216 -13.09 -5.42 72.72
C GLU A 216 -14.03 -6.26 71.84
N ASN A 217 -15.05 -5.61 71.26
CA ASN A 217 -16.07 -6.31 70.47
C ASN A 217 -16.35 -5.51 69.19
N PHE A 218 -15.44 -5.60 68.23
CA PHE A 218 -15.62 -4.97 66.93
C PHE A 218 -15.00 -5.86 65.86
N CYS A 219 -15.17 -5.45 64.61
CA CYS A 219 -14.63 -6.20 63.49
C CYS A 219 -13.12 -6.06 63.44
N ARG A 220 -12.41 -7.18 63.55
CA ARG A 220 -10.95 -7.19 63.53
C ARG A 220 -10.47 -8.29 62.59
N ASN A 221 -9.16 -8.30 62.35
CA ASN A 221 -8.51 -9.29 61.48
C ASN A 221 -7.39 -9.95 62.27
N PRO A 222 -7.71 -10.91 63.13
CA PRO A 222 -6.66 -11.57 63.92
C PRO A 222 -5.82 -12.54 63.12
N ASP A 223 -6.39 -13.17 62.09
CA ASP A 223 -5.62 -14.13 61.30
C ASP A 223 -4.67 -13.41 60.34
N GLY A 224 -5.13 -12.35 59.71
CA GLY A 224 -4.31 -11.60 58.78
C GLY A 224 -4.67 -11.84 57.33
N ASP A 225 -5.97 -11.86 57.04
CA ASP A 225 -6.46 -12.07 55.69
C ASP A 225 -6.58 -10.74 54.95
N GLU A 226 -6.27 -10.77 53.65
CA GLU A 226 -6.42 -9.61 52.79
C GLU A 226 -7.79 -9.53 52.14
N GLU A 227 -8.74 -10.35 52.59
CA GLU A 227 -10.09 -10.37 52.04
C GLU A 227 -11.08 -9.56 52.87
N GLY A 228 -11.07 -9.74 54.18
CA GLY A 228 -11.98 -9.00 55.02
C GLY A 228 -11.74 -9.31 56.49
N VAL A 229 -12.57 -8.70 57.34
CA VAL A 229 -12.50 -8.87 58.77
C VAL A 229 -13.69 -9.68 59.25
N TRP A 230 -13.57 -10.25 60.45
CA TRP A 230 -14.61 -11.09 61.01
C TRP A 230 -14.47 -11.10 62.52
N CYS A 231 -15.41 -11.77 63.19
CA CYS A 231 -15.40 -11.91 64.64
C CYS A 231 -15.86 -13.31 65.00
N TYR A 232 -15.60 -13.69 66.25
CA TYR A 232 -15.99 -15.01 66.75
C TYR A 232 -17.45 -14.95 67.18
N VAL A 233 -18.34 -15.47 66.33
CA VAL A 233 -19.76 -15.47 66.61
C VAL A 233 -20.12 -16.69 67.45
N ALA A 234 -21.40 -16.83 67.81
CA ALA A 234 -21.86 -17.96 68.60
C ALA A 234 -22.95 -18.66 67.80
N GLY A 235 -24.18 -18.73 68.31
CA GLY A 235 -25.27 -19.37 67.61
C GLY A 235 -25.15 -20.88 67.59
N LYS A 236 -24.71 -21.43 66.46
CA LYS A 236 -24.54 -22.87 66.31
C LYS A 236 -23.08 -23.23 66.04
N PRO A 237 -22.60 -24.35 66.56
CA PRO A 237 -21.22 -24.75 66.30
C PRO A 237 -20.96 -25.07 64.84
N GLY A 238 -20.68 -24.04 64.05
CA GLY A 238 -20.43 -24.22 62.62
C GLY A 238 -19.40 -23.27 62.07
N ASP A 239 -19.85 -22.29 61.30
CA ASP A 239 -18.97 -21.30 60.69
C ASP A 239 -19.14 -19.95 61.39
N PHE A 240 -18.53 -18.92 60.80
CA PHE A 240 -18.60 -17.57 61.34
C PHE A 240 -18.76 -16.58 60.21
N GLY A 241 -19.37 -15.43 60.53
CA GLY A 241 -19.63 -14.42 59.53
C GLY A 241 -18.53 -13.37 59.45
N TYR A 242 -18.44 -12.73 58.29
CA TYR A 242 -17.46 -11.69 58.02
C TYR A 242 -18.14 -10.34 57.95
N CYS A 243 -17.41 -9.30 58.34
CA CYS A 243 -17.92 -7.94 58.26
C CYS A 243 -17.72 -7.38 56.86
N ASP A 244 -18.60 -6.47 56.47
CA ASP A 244 -18.55 -5.84 55.15
C ASP A 244 -18.46 -4.33 55.30
N LEU A 245 -17.72 -3.70 54.39
CA LEU A 245 -17.54 -2.26 54.38
C LEU A 245 -17.53 -1.76 52.95
N ASN A 246 -18.18 -0.62 52.70
CA ASN A 246 -18.27 -0.05 51.38
C ASN A 246 -17.00 0.76 51.11
N TYR A 247 -16.08 0.17 50.35
CA TYR A 247 -14.83 0.86 50.00
C TYR A 247 -14.99 1.61 48.68
N CYS A 248 -14.22 1.21 47.67
CA CYS A 248 -14.27 1.84 46.35
C CYS A 248 -14.31 0.76 45.28
N GLU A 249 -14.61 1.19 44.05
CA GLU A 249 -14.68 0.30 42.90
C GLU A 249 -13.39 0.29 42.09
N GLU A 250 -12.25 0.51 42.74
CA GLU A 250 -10.97 0.51 42.04
C GLU A 250 -10.59 -0.91 41.65
N ALA A 251 -10.37 -1.12 40.35
CA ALA A 251 -10.04 -2.44 39.85
C ALA A 251 -8.54 -2.72 40.00
N VAL A 252 -8.21 -4.01 40.11
CA VAL A 252 -6.82 -4.43 40.27
C VAL A 252 -6.21 -4.72 38.90
N GLU A 253 -6.36 -3.77 37.96
CA GLU A 253 -5.83 -3.93 36.62
C GLU A 253 -4.34 -3.64 36.57
N GLU A 254 -3.86 -3.09 35.46
CA GLU A 254 -2.45 -2.78 35.31
C GLU A 254 -2.06 -1.63 36.24
N GLU A 255 -0.85 -1.72 36.78
CA GLU A 255 -0.36 -0.70 37.70
C GLU A 255 0.04 0.55 36.91
N THR A 256 -0.42 1.72 37.38
CA THR A 256 -0.10 2.98 36.72
C THR A 256 1.25 3.54 37.13
N GLY A 257 1.92 2.94 38.12
CA GLY A 257 3.20 3.44 38.56
C GLY A 257 4.33 2.97 37.64
N ASP A 258 5.22 3.90 37.31
CA ASP A 258 6.36 3.64 36.42
C ASP A 258 5.90 3.07 35.10
N GLY A 259 6.01 1.75 34.93
CA GLY A 259 5.60 1.10 33.70
C GLY A 259 6.43 -0.12 33.34
N LEU A 260 7.13 -0.67 34.34
CA LEU A 260 7.96 -1.86 34.16
C LEU A 260 7.35 -3.03 34.91
N ASP A 261 7.97 -4.20 34.72
CA ASP A 261 7.46 -5.43 35.32
C ASP A 261 8.54 -6.13 36.15
N GLU A 262 8.37 -7.43 36.36
CA GLU A 262 9.29 -8.21 37.17
C GLU A 262 9.14 -9.70 36.86
N ASP A 263 8.55 -10.00 35.71
CA ASP A 263 8.27 -11.39 35.35
C ASP A 263 9.49 -12.03 34.71
N SER A 264 9.39 -13.32 34.39
CA SER A 264 10.49 -14.02 33.75
C SER A 264 10.58 -13.63 32.28
N ASP A 265 11.41 -14.37 31.54
CA ASP A 265 11.69 -13.99 30.16
C ASP A 265 11.76 -15.18 29.22
N ARG A 266 11.83 -16.40 29.75
CA ARG A 266 11.98 -17.59 28.91
C ARG A 266 11.46 -18.84 29.61
N ALA A 267 12.27 -19.37 30.53
CA ALA A 267 12.18 -20.76 31.00
C ALA A 267 12.33 -21.69 29.80
N ILE A 268 13.58 -22.06 29.53
CA ILE A 268 13.95 -22.72 28.27
C ILE A 268 13.18 -24.02 28.13
N GLU A 269 12.73 -24.31 26.91
CA GLU A 269 12.05 -25.56 26.57
C GLU A 269 12.96 -26.72 26.97
N GLY A 270 12.48 -27.55 27.89
CA GLY A 270 13.25 -28.66 28.38
C GLY A 270 12.81 -29.10 29.76
N ARG A 271 12.08 -30.23 29.82
CA ARG A 271 11.47 -30.70 31.07
C ARG A 271 12.55 -31.13 32.05
N THR A 272 12.93 -30.19 32.91
CA THR A 272 13.91 -30.41 33.97
C THR A 272 13.25 -30.00 35.29
N ALA A 273 12.29 -30.82 35.74
CA ALA A 273 11.55 -30.54 36.96
C ALA A 273 11.20 -31.85 37.64
N THR A 274 11.75 -32.05 38.85
CA THR A 274 11.49 -33.26 39.60
C THR A 274 10.19 -33.09 40.35
N SER A 275 10.19 -32.53 41.56
CA SER A 275 8.97 -32.34 42.33
C SER A 275 9.14 -31.04 43.15
N GLU A 276 8.72 -29.93 42.57
CA GLU A 276 8.80 -28.62 43.20
C GLU A 276 7.40 -28.08 43.52
N TYR A 277 6.53 -28.95 44.01
CA TYR A 277 5.17 -28.56 44.34
C TYR A 277 5.15 -27.82 45.68
N GLN A 278 3.99 -27.25 45.99
CA GLN A 278 3.78 -26.49 47.21
C GLN A 278 2.76 -27.21 48.10
N THR A 279 2.69 -26.77 49.35
CA THR A 279 1.76 -27.34 50.32
C THR A 279 1.27 -26.23 51.23
N PHE A 280 -0.05 -26.06 51.30
CA PHE A 280 -0.66 -25.03 52.13
C PHE A 280 -1.47 -25.61 53.28
N PHE A 281 -2.28 -26.63 53.01
CA PHE A 281 -3.07 -27.27 54.05
C PHE A 281 -2.23 -28.32 54.79
N ASN A 282 -2.85 -28.97 55.77
CA ASN A 282 -2.19 -30.00 56.55
C ASN A 282 -2.87 -31.34 56.31
N PRO A 283 -2.10 -32.43 56.13
CA PRO A 283 -2.72 -33.74 55.89
C PRO A 283 -3.46 -34.28 57.10
N ARG A 284 -3.17 -33.72 58.27
CA ARG A 284 -3.75 -34.18 59.53
C ARG A 284 -5.23 -33.87 59.65
N THR A 285 -5.65 -32.64 59.34
CA THR A 285 -7.04 -32.23 59.50
C THR A 285 -7.75 -32.00 58.16
N PHE A 286 -7.14 -32.42 57.06
CA PHE A 286 -7.77 -32.25 55.75
C PHE A 286 -7.81 -33.54 54.94
N GLY A 287 -6.82 -34.41 55.10
CA GLY A 287 -6.80 -35.66 54.37
C GLY A 287 -5.70 -35.72 53.32
N SER A 288 -6.03 -36.24 52.14
CA SER A 288 -5.05 -36.34 51.06
C SER A 288 -5.09 -35.10 50.18
N GLY A 289 -4.81 -35.27 48.89
CA GLY A 289 -4.81 -34.15 47.97
C GLY A 289 -3.66 -33.19 48.14
N GLU A 290 -2.50 -33.68 48.61
CA GLU A 290 -1.32 -32.86 48.82
C GLU A 290 -0.15 -33.24 47.93
N ALA A 291 0.11 -34.54 47.76
CA ALA A 291 1.19 -35.01 46.92
C ALA A 291 0.71 -35.63 45.60
N ASP A 292 -0.34 -36.45 45.66
CA ASP A 292 -0.88 -37.06 44.46
C ASP A 292 -1.68 -36.05 43.65
N CYS A 293 -0.99 -35.28 42.80
CA CYS A 293 -1.64 -34.26 41.98
C CYS A 293 -0.94 -34.18 40.63
N GLY A 294 -1.74 -34.12 39.57
CA GLY A 294 -1.18 -34.02 38.23
C GLY A 294 -0.41 -35.24 37.78
N LEU A 295 -0.79 -36.43 38.27
CA LEU A 295 -0.13 -37.69 37.92
C LEU A 295 -1.21 -38.66 37.47
N ARG A 296 -1.64 -38.52 36.22
CA ARG A 296 -2.65 -39.40 35.65
C ARG A 296 -1.96 -40.51 34.86
N PRO A 297 -2.22 -41.78 35.17
CA PRO A 297 -1.58 -42.87 34.42
C PRO A 297 -2.09 -42.98 32.98
N LEU A 298 -1.89 -41.92 32.20
CA LEU A 298 -2.34 -41.91 30.80
C LEU A 298 -1.27 -41.34 29.89
N PHE A 299 -1.16 -40.01 29.86
CA PHE A 299 -0.18 -39.32 29.02
C PHE A 299 0.50 -38.21 29.80
N GLU A 300 0.79 -38.45 31.08
CA GLU A 300 1.45 -37.47 31.93
C GLU A 300 2.84 -37.93 32.36
N LYS A 301 2.94 -39.08 33.01
CA LYS A 301 4.25 -39.59 33.42
C LYS A 301 5.04 -40.12 32.22
N LYS A 302 4.35 -40.63 31.21
CA LYS A 302 4.99 -41.16 30.01
C LYS A 302 5.53 -40.07 29.09
N SER A 303 5.26 -38.80 29.39
CA SER A 303 5.73 -37.67 28.59
C SER A 303 5.23 -37.77 27.15
N LEU A 304 3.91 -37.95 27.00
CA LEU A 304 3.28 -38.07 25.70
C LEU A 304 2.13 -37.08 25.60
N GLU A 305 1.63 -36.91 24.38
CA GLU A 305 0.52 -36.00 24.09
C GLU A 305 -0.53 -36.74 23.29
N ASP A 306 -1.77 -36.68 23.74
CA ASP A 306 -2.90 -37.34 23.08
C ASP A 306 -3.71 -36.28 22.32
N LYS A 307 -5.04 -36.27 22.39
CA LYS A 307 -5.83 -35.25 21.69
C LYS A 307 -6.59 -34.39 22.67
N THR A 308 -5.89 -33.86 23.68
CA THR A 308 -6.53 -33.02 24.69
C THR A 308 -6.09 -31.57 24.55
N GLU A 309 -4.96 -31.23 25.16
CA GLU A 309 -4.45 -29.87 25.12
C GLU A 309 -3.85 -29.58 23.76
N ARG A 310 -4.69 -29.11 22.82
CA ARG A 310 -4.25 -28.74 21.48
C ARG A 310 -4.37 -27.23 21.30
N GLU A 311 -3.81 -26.47 22.22
CA GLU A 311 -3.87 -25.01 22.19
C GLU A 311 -2.47 -24.47 21.95
N LEU A 312 -2.21 -24.03 20.72
CA LEU A 312 -0.93 -23.40 20.39
C LEU A 312 -1.03 -21.91 20.68
N LEU A 313 -0.57 -21.08 19.74
CA LEU A 313 -0.57 -19.64 19.88
C LEU A 313 -1.97 -19.10 19.61
N GLU A 314 -2.31 -17.99 20.26
CA GLU A 314 -3.55 -17.29 20.00
C GLU A 314 -3.62 -16.81 18.56
N SER A 315 -2.48 -16.52 17.95
CA SER A 315 -2.41 -16.12 16.54
C SER A 315 -2.35 -17.38 15.65
N TYR A 316 -3.21 -18.34 15.98
CA TYR A 316 -3.45 -19.48 15.10
C TYR A 316 -3.85 -18.95 13.74
N ILE A 317 -5.05 -18.37 13.68
CA ILE A 317 -5.51 -17.60 12.52
C ILE A 317 -6.53 -16.60 13.04
N ASP A 318 -6.30 -16.09 14.25
CA ASP A 318 -7.31 -15.36 15.01
C ASP A 318 -8.51 -16.25 15.26
N GLY A 319 -9.71 -15.67 15.25
CA GLY A 319 -10.91 -16.42 15.55
C GLY A 319 -12.10 -15.90 14.80
N ARG A 320 -12.97 -16.82 14.38
CA ARG A 320 -14.20 -16.48 13.68
C ARG A 320 -15.41 -16.90 14.50
N ILE A 321 -16.09 -17.96 14.06
CA ILE A 321 -17.25 -18.49 14.77
C ILE A 321 -16.93 -19.87 15.31
N VAL A 322 -17.17 -20.08 16.61
CA VAL A 322 -16.88 -21.37 17.22
C VAL A 322 -17.95 -22.39 16.84
N GLU A 323 -17.56 -23.66 16.89
CA GLU A 323 -18.46 -24.75 16.52
C GLU A 323 -18.59 -25.82 17.59
N GLY A 324 -17.49 -26.27 18.18
CA GLY A 324 -17.50 -27.35 19.14
C GLY A 324 -17.38 -28.70 18.46
N SER A 325 -16.16 -29.22 18.50
CA SER A 325 -15.85 -30.47 17.81
C SER A 325 -16.31 -31.63 18.67
N ASP A 326 -15.99 -32.84 18.23
CA ASP A 326 -16.38 -34.07 18.90
C ASP A 326 -15.50 -34.30 20.12
N ALA A 327 -15.49 -35.52 20.64
CA ALA A 327 -14.70 -35.86 21.82
C ALA A 327 -14.32 -37.34 21.75
N GLU A 328 -13.73 -37.84 22.82
CA GLU A 328 -13.31 -39.23 22.88
C GLU A 328 -13.36 -39.68 24.33
N ILE A 329 -13.79 -40.93 24.54
CA ILE A 329 -13.87 -41.48 25.90
C ILE A 329 -12.46 -41.68 26.44
N GLY A 330 -12.19 -41.08 27.60
CA GLY A 330 -10.90 -41.19 28.25
C GLY A 330 -10.15 -39.88 28.41
N MET A 331 -10.64 -38.78 27.83
CA MET A 331 -9.96 -37.49 27.93
C MET A 331 -10.55 -36.60 29.02
N SER A 332 -11.67 -36.98 29.62
CA SER A 332 -12.33 -36.21 30.67
C SER A 332 -12.45 -37.09 31.90
N PRO A 333 -11.38 -37.21 32.69
CA PRO A 333 -11.43 -38.05 33.90
C PRO A 333 -12.34 -37.49 34.98
N TRP A 334 -12.03 -36.30 35.46
CA TRP A 334 -12.83 -35.70 36.53
C TRP A 334 -14.17 -35.23 36.00
N GLN A 335 -15.23 -35.50 36.77
CA GLN A 335 -16.58 -35.09 36.40
C GLN A 335 -17.50 -35.14 37.63
N VAL A 336 -17.53 -34.06 38.40
CA VAL A 336 -18.31 -33.98 39.63
C VAL A 336 -19.55 -33.13 39.35
N MET A 337 -20.73 -33.72 39.50
CA MET A 337 -22.00 -33.06 39.28
C MET A 337 -22.94 -33.38 40.43
N LEU A 338 -24.16 -32.86 40.35
CA LEU A 338 -25.19 -33.09 41.35
C LEU A 338 -26.39 -33.77 40.73
N PHE A 339 -27.00 -34.68 41.46
CA PHE A 339 -28.18 -35.40 41.00
C PHE A 339 -29.13 -35.61 42.18
N ARG A 340 -30.35 -36.04 41.86
CA ARG A 340 -31.38 -36.30 42.85
C ARG A 340 -31.81 -37.76 42.77
N LYS A 341 -32.12 -38.35 43.92
CA LYS A 341 -32.47 -39.76 43.96
C LYS A 341 -33.81 -40.04 43.28
N SER A 342 -34.73 -39.08 43.32
CA SER A 342 -36.05 -39.26 42.72
C SER A 342 -36.69 -37.91 42.42
N PRO A 343 -36.81 -37.52 41.15
CA PRO A 343 -36.35 -38.30 40.00
C PRO A 343 -34.87 -38.09 39.70
N GLN A 344 -34.33 -38.86 38.75
CA GLN A 344 -32.93 -38.77 38.36
C GLN A 344 -32.82 -37.77 37.22
N GLU A 345 -32.51 -36.51 37.54
CA GLU A 345 -32.37 -35.46 36.57
C GLU A 345 -31.04 -34.74 36.76
N LEU A 346 -30.52 -34.18 35.67
CA LEU A 346 -29.26 -33.47 35.74
C LEU A 346 -29.46 -32.10 36.38
N LEU A 347 -28.53 -31.73 37.26
CA LEU A 347 -28.62 -30.45 37.96
C LEU A 347 -27.56 -29.48 37.46
N CYS A 348 -26.55 -29.21 38.29
CA CYS A 348 -25.49 -28.28 37.96
C CYS A 348 -24.13 -28.92 38.23
N GLY A 349 -23.09 -28.28 37.72
CA GLY A 349 -21.75 -28.79 37.88
C GLY A 349 -21.20 -28.58 39.28
N ALA A 350 -20.04 -29.18 39.52
CA ALA A 350 -19.38 -29.10 40.81
C ALA A 350 -17.88 -29.26 40.59
N SER A 351 -17.15 -29.57 41.66
CA SER A 351 -15.71 -29.77 41.59
C SER A 351 -15.29 -30.69 42.72
N LEU A 352 -13.99 -30.91 42.84
CA LEU A 352 -13.45 -31.78 43.88
C LEU A 352 -12.01 -31.38 44.15
N ILE A 353 -11.66 -31.15 45.41
CA ILE A 353 -10.31 -30.76 45.77
C ILE A 353 -9.53 -31.91 46.41
N SER A 354 -10.20 -32.92 46.94
CA SER A 354 -9.53 -34.06 47.56
C SER A 354 -10.43 -35.28 47.59
N ASP A 355 -10.85 -35.69 48.78
CA ASP A 355 -11.74 -36.83 48.92
C ASP A 355 -12.78 -36.66 50.03
N ARG A 356 -12.83 -35.50 50.70
CA ARG A 356 -13.81 -35.27 51.75
C ARG A 356 -14.65 -34.03 51.45
N TRP A 357 -14.07 -32.83 51.52
CA TRP A 357 -14.82 -31.61 51.27
C TRP A 357 -15.06 -31.45 49.77
N VAL A 358 -16.33 -31.35 49.38
CA VAL A 358 -16.73 -31.17 47.99
C VAL A 358 -17.42 -29.82 47.88
N LEU A 359 -16.94 -28.99 46.95
CA LEU A 359 -17.48 -27.65 46.74
C LEU A 359 -18.26 -27.60 45.43
N THR A 360 -19.23 -26.69 45.38
CA THR A 360 -20.07 -26.50 44.20
C THR A 360 -20.65 -25.10 44.24
N ALA A 361 -21.51 -24.80 43.27
CA ALA A 361 -22.17 -23.51 43.23
C ALA A 361 -23.29 -23.45 44.28
N ALA A 362 -23.80 -22.24 44.48
CA ALA A 362 -24.85 -22.00 45.46
C ALA A 362 -26.18 -21.58 44.84
N HIS A 363 -26.23 -21.33 43.54
CA HIS A 363 -27.45 -20.92 42.87
C HIS A 363 -28.28 -22.11 42.38
N CYS A 364 -27.85 -23.34 42.70
CA CYS A 364 -28.60 -24.54 42.33
C CYS A 364 -29.05 -25.34 43.54
N LEU A 365 -28.84 -24.85 44.75
CA LEU A 365 -29.21 -25.56 45.97
C LEU A 365 -30.14 -24.76 46.87
N LEU A 366 -29.93 -23.45 46.97
CA LEU A 366 -30.73 -22.59 47.83
C LEU A 366 -31.45 -21.55 46.98
N TYR A 367 -32.78 -21.57 47.02
CA TYR A 367 -33.59 -20.61 46.28
C TYR A 367 -34.90 -20.42 47.03
N PRO A 368 -34.97 -19.41 47.91
CA PRO A 368 -36.21 -19.14 48.65
C PRO A 368 -37.39 -18.86 47.75
N PRO A 369 -37.25 -18.08 46.66
CA PRO A 369 -38.42 -17.85 45.80
C PRO A 369 -38.99 -19.12 45.17
N TRP A 370 -38.16 -20.14 44.95
CA TRP A 370 -38.64 -21.38 44.35
C TRP A 370 -39.29 -22.31 45.37
N ASP A 371 -39.10 -22.07 46.66
CA ASP A 371 -39.71 -22.86 47.73
C ASP A 371 -39.32 -24.34 47.61
N LYS A 372 -38.02 -24.60 47.73
CA LYS A 372 -37.50 -25.96 47.68
C LYS A 372 -36.12 -25.96 48.34
N ASN A 373 -36.06 -26.46 49.58
CA ASN A 373 -34.83 -26.52 50.35
C ASN A 373 -34.53 -27.98 50.66
N PHE A 374 -33.37 -28.46 50.22
CA PHE A 374 -32.98 -29.84 50.46
C PHE A 374 -32.36 -29.98 51.84
N THR A 375 -32.33 -31.22 52.32
CA THR A 375 -31.76 -31.56 53.63
C THR A 375 -30.42 -32.25 53.40
N GLU A 376 -30.15 -33.39 54.03
CA GLU A 376 -28.90 -34.12 53.88
C GLU A 376 -29.16 -35.55 53.40
N ASN A 377 -29.97 -35.68 52.36
CA ASN A 377 -30.33 -37.00 51.83
C ASN A 377 -30.62 -36.92 50.33
N ASP A 378 -31.27 -35.84 49.90
CA ASP A 378 -31.62 -35.64 48.51
C ASP A 378 -30.53 -34.95 47.70
N LEU A 379 -29.31 -34.90 48.22
CA LEU A 379 -28.18 -34.25 47.55
C LEU A 379 -27.15 -35.33 47.21
N LEU A 380 -27.26 -35.88 46.00
CA LEU A 380 -26.34 -36.90 45.51
C LEU A 380 -25.21 -36.26 44.71
N VAL A 381 -24.19 -37.07 44.42
CA VAL A 381 -23.03 -36.61 43.66
C VAL A 381 -22.40 -37.81 42.97
N ARG A 382 -22.14 -37.67 41.67
CA ARG A 382 -21.52 -38.72 40.87
C ARG A 382 -20.19 -38.21 40.34
N ILE A 383 -19.14 -39.01 40.51
CA ILE A 383 -17.80 -38.66 40.08
C ILE A 383 -17.35 -39.65 39.02
N GLY A 384 -16.94 -39.15 37.86
CA GLY A 384 -16.48 -40.00 36.79
C GLY A 384 -17.58 -40.57 35.93
N LYS A 385 -17.86 -39.92 34.80
CA LYS A 385 -18.90 -40.38 33.89
C LYS A 385 -18.63 -39.81 32.52
N HIS A 386 -18.86 -40.62 31.48
CA HIS A 386 -18.63 -40.22 30.10
C HIS A 386 -19.90 -40.26 29.26
N SER A 387 -21.05 -40.59 29.85
CA SER A 387 -22.29 -40.64 29.09
C SER A 387 -23.45 -40.32 30.05
N ARG A 388 -24.60 -40.92 29.80
CA ARG A 388 -25.78 -40.69 30.63
C ARG A 388 -26.66 -41.94 30.67
N THR A 389 -26.86 -42.57 29.51
CA THR A 389 -27.69 -43.78 29.46
C THR A 389 -26.94 -44.98 30.02
N ARG A 390 -25.63 -45.06 29.75
CA ARG A 390 -24.84 -46.18 30.24
C ARG A 390 -24.69 -46.11 31.76
N TYR A 391 -24.41 -47.27 32.35
CA TYR A 391 -24.24 -47.36 33.81
C TYR A 391 -23.39 -48.58 34.11
N GLU A 392 -22.20 -48.35 34.68
CA GLU A 392 -21.31 -49.45 35.03
C GLU A 392 -21.07 -49.48 36.54
N ARG A 393 -19.98 -50.11 36.97
CA ARG A 393 -19.67 -50.22 38.39
C ARG A 393 -18.17 -50.42 38.59
N ASN A 394 -17.51 -51.03 37.62
CA ASN A 394 -16.08 -51.32 37.72
C ASN A 394 -15.21 -50.09 37.51
N ILE A 395 -15.78 -48.97 37.05
CA ILE A 395 -15.00 -47.77 36.80
C ILE A 395 -15.42 -46.60 37.67
N GLU A 396 -16.60 -46.63 38.29
CA GLU A 396 -17.05 -45.51 39.11
C GLU A 396 -17.93 -46.06 40.24
N LYS A 397 -18.20 -45.20 41.21
CA LYS A 397 -19.04 -45.55 42.35
C LYS A 397 -19.84 -44.34 42.77
N ILE A 398 -21.13 -44.57 43.06
CA ILE A 398 -22.01 -43.48 43.46
C ILE A 398 -21.68 -43.05 44.88
N SER A 399 -21.44 -41.75 45.06
CA SER A 399 -21.12 -41.19 46.35
C SER A 399 -22.40 -40.78 47.09
N MET A 400 -22.23 -40.16 48.26
CA MET A 400 -23.36 -39.74 49.07
C MET A 400 -22.91 -38.63 50.01
N LEU A 401 -23.70 -37.57 50.10
CA LEU A 401 -23.42 -36.44 50.98
C LEU A 401 -24.23 -36.56 52.25
N GLU A 402 -23.77 -35.86 53.30
CA GLU A 402 -24.43 -35.90 54.59
C GLU A 402 -24.24 -34.61 55.37
N LYS A 403 -23.34 -33.74 54.89
CA LYS A 403 -23.03 -32.49 55.55
C LYS A 403 -23.15 -31.34 54.55
N ILE A 404 -23.77 -30.25 54.98
CA ILE A 404 -23.94 -29.06 54.16
C ILE A 404 -23.51 -27.84 54.98
N TYR A 405 -23.02 -26.82 54.28
CA TYR A 405 -22.58 -25.59 54.91
C TYR A 405 -22.95 -24.41 54.03
N ILE A 406 -23.44 -23.33 54.64
CA ILE A 406 -23.85 -22.13 53.92
C ILE A 406 -22.67 -21.15 53.89
N HIS A 407 -22.81 -20.11 53.09
CA HIS A 407 -21.76 -19.10 52.96
C HIS A 407 -22.12 -17.84 53.76
N PRO A 408 -21.16 -17.25 54.46
CA PRO A 408 -21.46 -16.04 55.25
C PRO A 408 -21.94 -14.88 54.39
N ARG A 409 -21.18 -14.52 53.36
CA ARG A 409 -21.54 -13.41 52.47
C ARG A 409 -22.40 -13.92 51.32
N TYR A 410 -23.57 -14.46 51.68
CA TYR A 410 -24.52 -14.99 50.72
C TYR A 410 -25.54 -13.92 50.32
N ASN A 411 -25.01 -12.85 49.70
CA ASN A 411 -25.84 -11.74 49.25
C ASN A 411 -26.11 -11.88 47.74
N TRP A 412 -26.85 -12.94 47.42
CA TRP A 412 -27.21 -13.21 46.03
C TRP A 412 -28.33 -12.33 45.51
N ARG A 413 -28.94 -11.52 46.37
CA ARG A 413 -30.03 -10.64 45.95
C ARG A 413 -29.53 -9.38 45.24
N GLU A 414 -28.21 -9.16 45.20
CA GLU A 414 -27.67 -7.98 44.54
C GLU A 414 -27.24 -8.33 43.11
N ASN A 415 -26.05 -8.92 42.97
CA ASN A 415 -25.57 -9.34 41.65
C ASN A 415 -24.74 -10.60 41.77
N LEU A 416 -25.19 -11.54 42.62
CA LEU A 416 -24.51 -12.81 42.85
C LEU A 416 -23.07 -12.60 43.28
N ASP A 417 -22.87 -12.30 44.56
CA ASP A 417 -21.54 -12.04 45.11
C ASP A 417 -21.08 -13.31 45.85
N ARG A 418 -20.18 -14.05 45.22
CA ARG A 418 -19.59 -15.25 45.80
C ARG A 418 -20.65 -16.27 46.18
N ASP A 419 -21.12 -17.06 45.21
CA ASP A 419 -22.14 -18.07 45.43
C ASP A 419 -21.50 -19.44 45.23
N ILE A 420 -20.76 -19.89 46.24
CA ILE A 420 -20.08 -21.17 46.21
C ILE A 420 -20.42 -21.94 47.48
N ALA A 421 -20.91 -23.17 47.33
CA ALA A 421 -21.26 -24.02 48.45
C ALA A 421 -20.12 -24.98 48.76
N LEU A 422 -20.29 -25.77 49.82
CA LEU A 422 -19.28 -26.73 50.23
C LEU A 422 -19.94 -27.80 51.09
N MET A 423 -19.80 -29.06 50.68
CA MET A 423 -20.36 -30.19 51.40
C MET A 423 -19.21 -31.02 52.00
N LYS A 424 -19.49 -32.30 52.26
CA LYS A 424 -18.49 -33.20 52.83
C LYS A 424 -18.82 -34.62 52.42
N LEU A 425 -17.81 -35.36 51.98
CA LEU A 425 -17.97 -36.75 51.56
C LEU A 425 -17.44 -37.67 52.64
N LYS A 426 -18.22 -38.71 52.97
CA LYS A 426 -17.84 -39.68 53.98
C LYS A 426 -17.47 -41.05 53.42
N LYS A 427 -17.70 -41.28 52.12
CA LYS A 427 -17.37 -42.56 51.52
C LYS A 427 -15.89 -42.61 51.18
N PRO A 428 -15.12 -43.53 51.77
CA PRO A 428 -13.68 -43.61 51.44
C PRO A 428 -13.42 -44.14 50.05
N VAL A 429 -13.57 -43.30 49.03
CA VAL A 429 -13.35 -43.70 47.65
C VAL A 429 -11.86 -43.70 47.36
N ALA A 430 -11.47 -44.29 46.22
CA ALA A 430 -10.09 -44.38 45.81
C ALA A 430 -9.85 -43.44 44.62
N PHE A 431 -8.66 -43.55 44.03
CA PHE A 431 -8.28 -42.72 42.89
C PHE A 431 -7.65 -43.61 41.84
N SER A 432 -8.29 -43.72 40.68
CA SER A 432 -7.79 -44.55 39.60
C SER A 432 -7.63 -43.74 38.32
N ASP A 433 -8.03 -44.31 37.19
CA ASP A 433 -7.92 -43.59 35.92
C ASP A 433 -9.09 -42.64 35.70
N TYR A 434 -10.30 -43.06 36.07
CA TYR A 434 -11.48 -42.20 35.91
C TYR A 434 -11.68 -41.25 37.08
N ILE A 435 -10.90 -41.38 38.14
CA ILE A 435 -10.98 -40.50 39.30
C ILE A 435 -9.59 -39.94 39.54
N HIS A 436 -9.42 -38.64 39.30
CA HIS A 436 -8.12 -37.98 39.44
C HIS A 436 -8.29 -36.77 40.37
N PRO A 437 -7.51 -36.69 41.45
CA PRO A 437 -7.58 -35.52 42.33
C PRO A 437 -6.84 -34.35 41.73
N VAL A 438 -6.87 -33.22 42.43
CA VAL A 438 -6.21 -32.01 41.99
C VAL A 438 -5.92 -31.14 43.21
N CYS A 439 -4.70 -30.57 43.24
CA CYS A 439 -4.29 -29.71 44.33
C CYS A 439 -4.81 -28.29 44.14
N LEU A 440 -4.07 -27.30 44.64
CA LEU A 440 -4.45 -25.91 44.52
C LEU A 440 -3.20 -25.04 44.60
N PRO A 441 -3.13 -23.95 43.82
CA PRO A 441 -1.96 -23.07 43.88
C PRO A 441 -1.92 -22.25 45.15
N ASP A 442 -0.86 -21.45 45.31
CA ASP A 442 -0.74 -20.56 46.46
C ASP A 442 -0.39 -19.15 46.02
N ARG A 443 0.48 -18.48 46.77
CA ARG A 443 0.89 -17.12 46.45
C ARG A 443 2.36 -16.98 46.09
N GLU A 444 3.21 -17.92 46.50
CA GLU A 444 4.65 -17.87 46.23
C GLU A 444 5.00 -18.37 44.82
N THR A 445 4.02 -18.45 43.93
CA THR A 445 4.27 -18.90 42.56
C THR A 445 3.69 -17.99 41.50
N ALA A 446 2.81 -17.04 41.84
CA ALA A 446 2.20 -16.15 40.86
C ALA A 446 2.14 -14.73 41.45
N ALA A 447 3.27 -14.27 41.97
CA ALA A 447 3.36 -12.94 42.56
C ALA A 447 3.37 -11.84 41.51
N SER A 448 3.72 -12.16 40.25
CA SER A 448 3.75 -11.16 39.19
C SER A 448 3.32 -11.74 37.85
N LEU A 449 2.50 -12.78 37.86
CA LEU A 449 2.01 -13.42 36.63
C LEU A 449 0.70 -12.79 36.18
N LEU A 450 0.64 -11.47 36.15
CA LEU A 450 -0.58 -10.78 35.74
C LEU A 450 -0.78 -10.84 34.23
N GLN A 451 0.31 -10.93 33.46
CA GLN A 451 0.22 -10.99 32.00
C GLN A 451 0.20 -12.46 31.55
N ALA A 452 -0.91 -13.12 31.89
CA ALA A 452 -1.09 -14.52 31.53
C ALA A 452 -2.56 -14.82 31.27
N GLY A 453 -3.10 -15.84 31.92
CA GLY A 453 -4.48 -16.21 31.75
C GLY A 453 -4.67 -17.62 31.24
N TYR A 454 -4.16 -18.60 31.99
CA TYR A 454 -4.28 -20.00 31.59
C TYR A 454 -5.70 -20.49 31.85
N LYS A 455 -6.33 -21.03 30.81
CA LYS A 455 -7.69 -21.54 30.94
C LYS A 455 -7.68 -22.97 31.47
N GLY A 456 -8.84 -23.42 31.91
CA GLY A 456 -9.01 -24.76 32.45
C GLY A 456 -9.73 -25.69 31.50
N ARG A 457 -10.08 -26.86 32.02
CA ARG A 457 -10.78 -27.90 31.27
C ARG A 457 -12.19 -28.03 31.86
N VAL A 458 -13.12 -27.26 31.32
CA VAL A 458 -14.51 -27.27 31.76
C VAL A 458 -15.26 -28.22 30.84
N THR A 459 -15.41 -29.47 31.27
CA THR A 459 -16.08 -30.48 30.46
C THR A 459 -17.59 -30.42 30.71
N GLY A 460 -18.32 -31.39 30.15
CA GLY A 460 -19.75 -31.42 30.32
C GLY A 460 -20.50 -31.62 29.02
N TRP A 461 -21.77 -32.01 29.10
CA TRP A 461 -22.59 -32.23 27.92
C TRP A 461 -23.58 -31.08 27.73
N GLY A 462 -24.80 -31.41 27.33
CA GLY A 462 -25.84 -30.41 27.15
C GLY A 462 -26.77 -30.31 28.34
N ASN A 463 -26.28 -29.76 29.44
CA ASN A 463 -27.06 -29.63 30.66
C ASN A 463 -27.48 -28.20 30.95
N LEU A 464 -26.63 -27.22 30.63
CA LEU A 464 -26.97 -25.82 30.89
C LEU A 464 -28.13 -25.35 30.01
N LYS A 465 -28.32 -25.98 28.85
CA LYS A 465 -29.40 -25.57 27.95
C LYS A 465 -30.77 -25.99 28.47
N GLU A 466 -30.84 -26.90 29.44
CA GLU A 466 -32.10 -27.37 30.00
C GLU A 466 -32.24 -27.00 31.47
N THR A 467 -31.66 -25.88 31.88
CA THR A 467 -31.77 -25.40 33.26
C THR A 467 -32.34 -24.00 33.35
N TRP A 468 -31.93 -23.09 32.48
CA TRP A 468 -32.42 -21.72 32.48
C TRP A 468 -33.24 -21.36 31.25
N THR A 469 -32.91 -21.92 30.10
CA THR A 469 -33.62 -21.66 28.85
C THR A 469 -34.14 -22.98 28.28
N ALA A 470 -34.61 -22.92 27.03
CA ALA A 470 -35.14 -24.09 26.34
C ALA A 470 -34.20 -24.58 25.25
N ASN A 471 -33.86 -23.71 24.29
CA ASN A 471 -32.96 -24.05 23.18
C ASN A 471 -33.48 -25.26 22.41
N VAL A 472 -34.51 -25.06 21.61
CA VAL A 472 -35.10 -26.14 20.82
C VAL A 472 -34.19 -26.41 19.62
N GLY A 473 -33.78 -27.66 19.47
CA GLY A 473 -32.92 -28.05 18.37
C GLY A 473 -31.89 -29.09 18.75
N LYS A 474 -31.24 -28.90 19.90
CA LYS A 474 -30.23 -29.83 20.40
C LYS A 474 -30.65 -30.32 21.77
N GLY A 475 -30.89 -31.62 21.89
CA GLY A 475 -31.30 -32.20 23.15
C GLY A 475 -30.15 -32.42 24.12
N GLN A 476 -29.83 -33.68 24.41
CA GLN A 476 -28.76 -34.05 25.32
C GLN A 476 -27.71 -34.82 24.53
N PRO A 477 -26.71 -34.13 23.97
CA PRO A 477 -25.67 -34.84 23.22
C PRO A 477 -24.70 -35.55 24.13
N SER A 478 -24.14 -36.65 23.63
CA SER A 478 -23.16 -37.46 24.35
C SER A 478 -21.74 -37.10 23.97
N VAL A 479 -21.45 -35.81 23.78
CA VAL A 479 -20.14 -35.33 23.39
C VAL A 479 -19.60 -34.43 24.50
N LEU A 480 -18.37 -34.72 24.94
CA LEU A 480 -17.72 -33.93 25.98
C LEU A 480 -17.32 -32.58 25.40
N GLN A 481 -18.27 -31.66 25.41
CA GLN A 481 -18.04 -30.32 24.87
C GLN A 481 -17.34 -29.45 25.91
N VAL A 482 -16.25 -28.82 25.52
CA VAL A 482 -15.48 -27.97 26.41
C VAL A 482 -16.08 -26.57 26.41
N VAL A 483 -15.78 -25.81 27.46
CA VAL A 483 -16.26 -24.44 27.61
C VAL A 483 -15.04 -23.53 27.66
N ASN A 484 -14.99 -22.57 26.74
CA ASN A 484 -13.87 -21.65 26.64
C ASN A 484 -14.18 -20.37 27.43
N LEU A 485 -13.21 -19.91 28.21
CA LEU A 485 -13.33 -18.70 29.02
C LEU A 485 -12.14 -17.79 28.70
N PRO A 486 -12.21 -17.04 27.61
CA PRO A 486 -11.08 -16.17 27.24
C PRO A 486 -11.00 -14.95 28.16
N ILE A 487 -9.87 -14.27 28.08
CA ILE A 487 -9.61 -13.06 28.86
C ILE A 487 -9.88 -11.85 27.99
N VAL A 488 -10.57 -10.86 28.54
CA VAL A 488 -10.92 -9.64 27.82
C VAL A 488 -10.61 -8.44 28.71
N GLU A 489 -10.62 -7.26 28.10
CA GLU A 489 -10.33 -6.02 28.82
C GLU A 489 -11.47 -5.62 29.74
N ARG A 490 -12.13 -4.50 29.42
CA ARG A 490 -13.20 -3.98 30.26
C ARG A 490 -14.18 -3.09 29.49
N PRO A 491 -13.71 -2.08 28.71
CA PRO A 491 -14.67 -1.21 28.02
C PRO A 491 -15.34 -1.88 26.82
N VAL A 492 -15.04 -3.17 26.60
CA VAL A 492 -15.67 -3.89 25.50
C VAL A 492 -17.16 -4.13 25.76
N CYS A 493 -17.56 -4.17 27.03
CA CYS A 493 -18.96 -4.41 27.39
C CYS A 493 -19.54 -3.21 28.13
N LYS A 494 -19.31 -2.01 27.61
CA LYS A 494 -19.82 -0.80 28.23
C LYS A 494 -20.45 0.13 27.20
N ASP A 495 -19.79 0.28 26.04
CA ASP A 495 -20.33 1.14 24.99
C ASP A 495 -21.52 0.51 24.29
N SER A 496 -21.57 -0.83 24.22
CA SER A 496 -22.68 -1.52 23.58
C SER A 496 -23.64 -2.16 24.58
N THR A 497 -23.19 -2.40 25.81
CA THR A 497 -24.04 -3.00 26.83
C THR A 497 -24.78 -1.89 27.60
N ARG A 498 -26.10 -2.03 27.70
CA ARG A 498 -26.92 -1.03 28.36
C ARG A 498 -27.05 -1.25 29.86
N ILE A 499 -26.83 -2.46 30.34
CA ILE A 499 -26.93 -2.76 31.76
C ILE A 499 -25.56 -2.64 32.40
N ARG A 500 -25.50 -2.00 33.57
CA ARG A 500 -24.24 -1.80 34.26
C ARG A 500 -23.70 -3.13 34.80
N ILE A 501 -22.42 -3.12 35.15
CA ILE A 501 -21.74 -4.30 35.67
C ILE A 501 -20.72 -3.86 36.71
N THR A 502 -20.68 -4.58 37.82
CA THR A 502 -19.72 -4.28 38.88
C THR A 502 -18.30 -4.59 38.40
N ASP A 503 -17.34 -3.75 38.82
CA ASP A 503 -15.96 -3.93 38.42
C ASP A 503 -15.34 -5.21 38.99
N ASN A 504 -15.98 -5.84 39.98
CA ASN A 504 -15.45 -7.07 40.55
C ASN A 504 -15.58 -8.23 39.57
N MET A 505 -16.60 -8.22 38.72
CA MET A 505 -16.81 -9.27 37.73
C MET A 505 -16.50 -8.74 36.33
N PHE A 506 -15.96 -9.63 35.50
CA PHE A 506 -15.57 -9.28 34.14
C PHE A 506 -16.64 -9.75 33.15
N CYS A 507 -16.33 -9.59 31.87
CA CYS A 507 -17.23 -9.95 30.79
C CYS A 507 -16.65 -11.10 29.98
N ALA A 508 -17.55 -11.96 29.47
CA ALA A 508 -17.15 -13.12 28.67
C ALA A 508 -18.21 -13.34 27.60
N GLY A 509 -17.85 -13.09 26.35
CA GLY A 509 -18.77 -13.27 25.25
C GLY A 509 -18.12 -12.87 23.94
N TYR A 510 -18.80 -13.24 22.86
CA TYR A 510 -18.33 -12.94 21.51
C TYR A 510 -19.06 -11.72 20.97
N LYS A 511 -18.31 -10.81 20.38
CA LYS A 511 -18.91 -9.59 19.83
C LYS A 511 -19.69 -9.91 18.57
N PRO A 512 -21.00 -9.67 18.53
CA PRO A 512 -21.78 -9.98 17.33
C PRO A 512 -21.48 -9.01 16.21
N ASP A 513 -21.61 -9.51 14.98
CA ASP A 513 -21.37 -8.71 13.79
C ASP A 513 -22.66 -8.09 13.26
N GLU A 514 -23.71 -8.89 13.11
CA GLU A 514 -24.99 -8.41 12.63
C GLU A 514 -26.13 -8.65 13.61
N GLY A 515 -26.28 -9.89 14.08
CA GLY A 515 -27.34 -10.21 15.02
C GLY A 515 -27.54 -11.70 15.20
N LYS A 516 -26.45 -12.45 15.29
CA LYS A 516 -26.51 -13.89 15.47
C LYS A 516 -26.48 -14.25 16.95
N ARG A 517 -26.91 -15.48 17.24
CA ARG A 517 -26.93 -15.97 18.62
C ARG A 517 -25.55 -16.46 19.04
N GLY A 518 -25.42 -17.76 19.26
CA GLY A 518 -24.14 -18.31 19.67
C GLY A 518 -24.32 -19.74 20.16
N ASP A 519 -23.18 -20.37 20.42
CA ASP A 519 -23.14 -21.75 20.89
C ASP A 519 -21.90 -21.92 21.78
N ALA A 520 -21.89 -21.21 22.91
CA ALA A 520 -20.77 -21.28 23.85
C ALA A 520 -21.23 -21.49 25.29
N CYS A 521 -22.51 -21.82 25.51
CA CYS A 521 -23.05 -22.05 26.84
C CYS A 521 -23.31 -23.53 27.10
N GLU A 522 -22.38 -24.38 26.68
CA GLU A 522 -22.51 -25.82 26.85
C GLU A 522 -21.90 -26.22 28.20
N GLY A 523 -21.60 -27.50 28.37
CA GLY A 523 -21.02 -27.98 29.61
C GLY A 523 -22.03 -28.07 30.74
N ASP A 524 -21.61 -27.66 31.93
CA ASP A 524 -22.46 -27.69 33.11
C ASP A 524 -22.55 -26.29 33.72
N ALA A 525 -23.49 -26.12 34.65
CA ALA A 525 -23.69 -24.85 35.35
C ALA A 525 -22.71 -24.75 36.52
N GLY A 526 -21.44 -24.55 36.17
CA GLY A 526 -20.40 -24.45 37.17
C GLY A 526 -19.43 -25.62 37.14
N GLY A 527 -18.82 -25.86 35.98
CA GLY A 527 -17.88 -26.94 35.82
C GLY A 527 -16.58 -26.69 36.54
N PRO A 528 -15.81 -27.75 36.77
CA PRO A 528 -14.52 -27.59 37.46
C PRO A 528 -13.49 -26.89 36.58
N PHE A 529 -12.77 -25.94 37.18
CA PHE A 529 -11.74 -25.18 36.49
C PHE A 529 -10.38 -25.75 36.89
N VAL A 530 -9.99 -26.83 36.23
CA VAL A 530 -8.73 -27.51 36.49
C VAL A 530 -7.73 -27.08 35.41
N MET A 531 -6.64 -26.44 35.83
CA MET A 531 -5.64 -25.91 34.92
C MET A 531 -4.30 -26.58 35.21
N LYS A 532 -3.61 -27.00 34.16
CA LYS A 532 -2.31 -27.64 34.29
C LYS A 532 -1.23 -26.57 34.43
N SER A 533 -0.46 -26.64 35.50
CA SER A 533 0.61 -25.68 35.72
C SER A 533 1.77 -25.93 34.75
N PRO A 534 2.18 -24.94 33.96
CA PRO A 534 3.28 -25.15 33.02
C PRO A 534 4.66 -25.10 33.65
N PHE A 535 4.77 -25.12 34.98
CA PHE A 535 6.05 -25.06 35.65
C PHE A 535 6.57 -26.44 36.03
N ASN A 536 5.70 -27.33 36.51
CA ASN A 536 6.09 -28.69 36.88
C ASN A 536 5.20 -29.75 36.27
N ASN A 537 4.34 -29.38 35.31
CA ASN A 537 3.40 -30.30 34.65
C ASN A 537 2.52 -30.99 35.70
N ARG A 538 1.60 -30.19 36.24
CA ARG A 538 0.69 -30.66 37.28
C ARG A 538 -0.59 -29.86 37.22
N TRP A 539 -1.73 -30.56 37.31
CA TRP A 539 -3.03 -29.91 37.25
C TRP A 539 -3.32 -29.20 38.57
N TYR A 540 -3.70 -27.93 38.49
CA TYR A 540 -4.09 -27.14 39.65
C TYR A 540 -5.52 -26.67 39.50
N GLN A 541 -6.10 -26.24 40.63
CA GLN A 541 -7.47 -25.76 40.69
C GLN A 541 -7.48 -24.40 41.37
N MET A 542 -7.72 -23.34 40.59
CA MET A 542 -7.76 -21.98 41.12
C MET A 542 -8.91 -21.25 40.42
N GLY A 543 -10.02 -21.11 41.12
CA GLY A 543 -11.17 -20.43 40.56
C GLY A 543 -12.30 -21.41 40.26
N ILE A 544 -13.53 -20.95 40.44
CA ILE A 544 -14.72 -21.74 40.20
C ILE A 544 -15.62 -20.99 39.24
N VAL A 545 -16.04 -21.67 38.17
CA VAL A 545 -16.91 -21.04 37.17
C VAL A 545 -18.30 -20.83 37.77
N SER A 546 -18.81 -19.61 37.66
CA SER A 546 -20.12 -19.28 38.20
C SER A 546 -21.20 -19.42 37.13
N TRP A 547 -22.28 -18.64 37.25
CA TRP A 547 -23.37 -18.68 36.29
C TRP A 547 -22.97 -17.98 35.00
N GLY A 548 -23.25 -18.63 33.87
CA GLY A 548 -22.90 -18.09 32.57
C GLY A 548 -24.10 -17.53 31.83
N GLU A 549 -23.80 -16.70 30.82
CA GLU A 549 -24.84 -16.07 30.02
C GLU A 549 -24.22 -15.64 28.70
N GLY A 550 -24.97 -15.81 27.62
CA GLY A 550 -24.50 -15.41 26.30
C GLY A 550 -25.18 -16.15 25.16
N CYS A 551 -26.16 -16.99 25.49
CA CYS A 551 -26.89 -17.76 24.48
C CYS A 551 -28.40 -17.60 24.61
N ASP A 552 -28.88 -16.61 25.36
CA ASP A 552 -30.31 -16.38 25.53
C ASP A 552 -30.79 -15.05 24.98
N ARG A 553 -29.90 -14.06 24.84
CA ARG A 553 -30.29 -12.76 24.30
C ARG A 553 -29.96 -12.68 22.81
N ASP A 554 -28.87 -12.00 22.48
CA ASP A 554 -28.43 -11.84 21.10
C ASP A 554 -26.91 -11.70 21.08
N GLY A 555 -26.23 -12.63 21.73
CA GLY A 555 -24.78 -12.61 21.79
C GLY A 555 -24.23 -11.48 22.65
N LYS A 556 -24.36 -11.62 23.96
CA LYS A 556 -23.88 -10.59 24.88
C LYS A 556 -22.63 -11.07 25.62
N TYR A 557 -22.49 -10.65 26.88
CA TYR A 557 -21.34 -11.02 27.69
C TYR A 557 -21.82 -11.57 29.03
N GLY A 558 -21.13 -12.59 29.53
CA GLY A 558 -21.47 -13.22 30.79
C GLY A 558 -21.00 -12.42 31.99
N PHE A 559 -21.20 -13.01 33.16
CA PHE A 559 -20.81 -12.38 34.42
C PHE A 559 -20.13 -13.42 35.30
N TYR A 560 -18.85 -13.20 35.60
CA TYR A 560 -18.08 -14.10 36.45
C TYR A 560 -17.31 -13.27 37.45
N THR A 561 -17.64 -13.40 38.73
CA THR A 561 -16.98 -12.63 39.77
C THR A 561 -15.60 -13.20 40.08
N HIS A 562 -14.69 -12.31 40.49
CA HIS A 562 -13.33 -12.69 40.83
C HIS A 562 -13.34 -13.43 42.16
N VAL A 563 -13.36 -14.76 42.09
CA VAL A 563 -13.33 -15.60 43.30
C VAL A 563 -12.03 -16.39 43.30
N PHE A 564 -10.93 -15.75 43.75
CA PHE A 564 -9.63 -16.40 43.83
C PHE A 564 -9.15 -16.64 45.25
N ARG A 565 -9.72 -15.94 46.23
CA ARG A 565 -9.32 -16.13 47.62
C ARG A 565 -10.09 -17.28 48.25
N LEU A 566 -10.63 -17.06 49.46
CA LEU A 566 -11.39 -18.07 50.19
C LEU A 566 -10.58 -19.35 50.41
N LYS A 567 -9.25 -19.20 50.55
CA LYS A 567 -8.38 -20.34 50.76
C LYS A 567 -8.21 -20.66 52.24
N LYS A 568 -8.00 -19.64 53.08
CA LYS A 568 -7.84 -19.84 54.51
C LYS A 568 -9.16 -20.10 55.21
N TRP A 569 -10.30 -19.85 54.56
CA TRP A 569 -11.60 -20.09 55.18
C TRP A 569 -11.84 -21.58 55.39
N ILE A 570 -11.32 -22.43 54.49
CA ILE A 570 -11.49 -23.87 54.65
C ILE A 570 -10.62 -24.39 55.79
N GLN A 571 -9.46 -23.77 56.01
CA GLN A 571 -8.56 -24.22 57.08
C GLN A 571 -9.10 -23.87 58.46
N LYS A 572 -9.85 -22.78 58.58
CA LYS A 572 -10.37 -22.32 59.87
C LYS A 572 -11.71 -22.97 60.22
N VAL A 573 -12.21 -23.87 59.39
CA VAL A 573 -13.46 -24.56 59.66
C VAL A 573 -13.31 -26.07 59.77
N ILE A 574 -12.10 -26.60 59.68
CA ILE A 574 -11.87 -28.03 59.80
C ILE A 574 -11.39 -28.36 61.21
N ASP A 575 -11.54 -27.41 62.13
CA ASP A 575 -11.12 -27.61 63.51
C ASP A 575 -12.11 -28.45 64.30
N GLN A 576 -13.32 -28.65 63.80
CA GLN A 576 -14.32 -29.44 64.50
C GLN A 576 -14.24 -30.93 64.14
N PHE A 577 -13.23 -31.35 63.40
CA PHE A 577 -13.11 -32.76 63.04
C PHE A 577 -12.62 -33.60 64.21
N GLY A 578 -11.79 -33.02 65.08
CA GLY A 578 -11.28 -33.74 66.23
C GLY A 578 -12.02 -33.42 67.51
N GLU A 579 -12.76 -32.33 67.52
CA GLU A 579 -13.51 -31.91 68.70
C GLU A 579 -14.78 -32.75 68.86
N ALA B 1 -35.52 16.63 -46.32
CA ALA B 1 -35.00 17.75 -45.54
C ALA B 1 -35.97 18.14 -44.43
N ASN B 2 -35.50 18.06 -43.19
CA ASN B 2 -36.29 18.40 -42.00
C ASN B 2 -37.58 17.57 -41.94
N SER B 3 -37.44 16.26 -42.10
CA SER B 3 -38.58 15.36 -42.05
C SER B 3 -38.10 13.98 -41.65
N PHE B 4 -38.92 13.28 -40.86
CA PHE B 4 -38.54 11.95 -40.39
C PHE B 4 -38.58 10.93 -41.52
N LEU B 5 -39.57 11.06 -42.42
CA LEU B 5 -39.69 10.13 -43.53
C LEU B 5 -38.76 10.44 -44.69
N GLU B 6 -38.03 11.56 -44.63
CA GLU B 6 -37.10 11.93 -45.70
C GLU B 6 -35.65 11.66 -45.35
N GLU B 7 -35.32 11.50 -44.07
CA GLU B 7 -33.94 11.19 -43.70
C GLU B 7 -33.57 9.76 -44.09
N MET B 8 -34.52 8.83 -44.03
CA MET B 8 -34.25 7.45 -44.43
C MET B 8 -34.13 7.32 -45.94
N LYS B 9 -34.79 8.19 -46.70
CA LYS B 9 -34.72 8.12 -48.15
C LYS B 9 -33.36 8.62 -48.66
N LYS B 10 -32.91 9.76 -48.16
CA LYS B 10 -31.63 10.32 -48.59
C LYS B 10 -30.44 9.52 -48.06
N GLY B 11 -30.66 8.63 -47.09
CA GLY B 11 -29.58 7.83 -46.56
C GLY B 11 -29.06 6.77 -47.51
N HIS B 12 -29.84 6.44 -48.55
CA HIS B 12 -29.43 5.44 -49.51
C HIS B 12 -28.54 6.00 -50.62
N LEU B 13 -28.31 7.32 -50.63
CA LEU B 13 -27.46 7.92 -51.65
C LEU B 13 -25.99 7.70 -51.34
N GLU B 14 -25.62 7.78 -50.06
CA GLU B 14 -24.23 7.60 -49.65
C GLU B 14 -23.89 6.15 -49.35
N ARG B 15 -24.58 5.18 -49.95
CA ARG B 15 -24.33 3.76 -49.74
C ARG B 15 -24.48 2.94 -51.00
N GLU B 16 -25.63 3.01 -51.67
CA GLU B 16 -25.87 2.27 -52.90
C GLU B 16 -25.48 3.10 -54.12
N CYS B 17 -24.35 3.80 -54.02
CA CYS B 17 -23.86 4.64 -55.11
C CYS B 17 -22.37 4.90 -54.92
N MET B 18 -21.97 5.17 -53.69
CA MET B 18 -20.57 5.43 -53.35
C MET B 18 -19.79 4.16 -53.04
N GLU B 19 -20.36 3.26 -52.24
CA GLU B 19 -19.66 2.02 -51.91
C GLU B 19 -19.69 1.04 -53.08
N GLU B 20 -20.85 0.87 -53.70
CA GLU B 20 -20.96 0.02 -54.88
C GLU B 20 -21.37 0.84 -56.10
N THR B 21 -21.95 0.18 -57.10
CA THR B 21 -22.34 0.87 -58.32
C THR B 21 -23.67 1.57 -58.14
N CYS B 22 -23.85 2.66 -58.89
CA CYS B 22 -25.08 3.42 -58.89
C CYS B 22 -26.04 2.87 -59.95
N SER B 23 -27.29 3.33 -59.87
CA SER B 23 -28.31 2.95 -60.84
C SER B 23 -29.45 3.97 -60.78
N TYR B 24 -30.26 3.97 -61.83
CA TYR B 24 -31.38 4.91 -61.91
C TYR B 24 -32.57 4.45 -61.08
N GLU B 25 -32.84 3.14 -61.05
CA GLU B 25 -33.95 2.61 -60.29
C GLU B 25 -33.67 2.52 -58.80
N GLU B 26 -32.47 2.90 -58.35
CA GLU B 26 -32.16 2.85 -56.93
C GLU B 26 -32.87 3.95 -56.15
N ALA B 27 -32.81 5.19 -56.64
CA ALA B 27 -33.40 6.32 -55.95
C ALA B 27 -34.80 6.68 -56.45
N ARG B 28 -35.42 5.80 -57.25
CA ARG B 28 -36.77 6.09 -57.74
C ARG B 28 -37.83 5.59 -56.76
N GLU B 29 -37.73 4.32 -56.37
CA GLU B 29 -38.70 3.75 -55.43
C GLU B 29 -38.46 4.24 -54.01
N VAL B 30 -37.21 4.51 -53.66
CA VAL B 30 -36.91 4.97 -52.31
C VAL B 30 -37.43 6.39 -52.09
N PHE B 31 -37.12 7.30 -53.02
CA PHE B 31 -37.59 8.68 -52.89
C PHE B 31 -39.08 8.81 -53.14
N GLU B 32 -39.70 7.80 -53.76
CA GLU B 32 -41.13 7.82 -54.10
C GLU B 32 -41.49 8.98 -55.02
N ASP B 33 -40.51 9.54 -55.71
CA ASP B 33 -40.75 10.68 -56.61
C ASP B 33 -40.13 10.41 -57.98
N SER B 34 -39.74 11.48 -58.67
CA SER B 34 -39.12 11.36 -59.98
C SER B 34 -38.35 12.63 -60.35
N ASP B 35 -38.52 13.69 -59.56
CA ASP B 35 -37.88 14.96 -59.83
C ASP B 35 -36.45 15.02 -59.30
N LYS B 36 -36.19 14.38 -58.16
CA LYS B 36 -34.85 14.42 -57.57
C LYS B 36 -33.97 13.27 -58.04
N THR B 37 -34.56 12.14 -58.45
CA THR B 37 -33.77 11.02 -58.93
C THR B 37 -33.09 11.34 -60.25
N ASN B 38 -33.77 12.08 -61.13
CA ASN B 38 -33.20 12.41 -62.42
C ASN B 38 -32.03 13.40 -62.27
N GLU B 39 -32.13 14.31 -61.30
CA GLU B 39 -31.06 15.28 -61.10
C GLU B 39 -29.82 14.63 -60.49
N PHE B 40 -30.01 13.62 -59.64
CA PHE B 40 -28.87 12.95 -59.02
C PHE B 40 -28.14 12.06 -60.00
N TRP B 41 -28.86 11.50 -60.98
CA TRP B 41 -28.24 10.62 -61.97
C TRP B 41 -27.47 11.40 -63.04
N ASN B 42 -27.85 12.64 -63.31
CA ASN B 42 -27.18 13.42 -64.35
C ASN B 42 -25.73 13.72 -63.97
N LYS B 43 -25.44 13.82 -62.67
CA LYS B 43 -24.08 14.09 -62.20
C LYS B 43 -23.35 12.76 -62.00
N TYR B 44 -22.42 12.45 -62.90
CA TYR B 44 -21.66 11.22 -62.79
C TYR B 44 -20.64 11.32 -61.66
N LYS B 45 -20.21 10.15 -61.18
CA LYS B 45 -19.23 10.05 -60.09
C LYS B 45 -18.20 9.01 -60.46
N ASP B 46 -17.01 9.45 -60.82
CA ASP B 46 -15.93 8.54 -61.19
C ASP B 46 -15.39 7.84 -59.96
N GLY B 47 -15.40 6.51 -59.98
CA GLY B 47 -14.92 5.74 -58.86
C GLY B 47 -14.06 4.56 -59.28
N ASP B 48 -12.77 4.61 -58.97
CA ASP B 48 -12.18 5.75 -58.28
C ASP B 48 -10.89 6.20 -58.96
N GLN B 49 -9.96 6.73 -58.16
CA GLN B 49 -8.66 7.18 -58.67
C GLN B 49 -7.66 6.03 -58.78
N CYS B 50 -8.08 4.91 -59.36
CA CYS B 50 -7.22 3.74 -59.49
C CYS B 50 -6.43 3.72 -60.79
N GLU B 51 -6.59 4.73 -61.65
CA GLU B 51 -5.86 4.75 -62.91
C GLU B 51 -4.37 4.99 -62.68
N THR B 52 -4.02 5.76 -61.66
CA THR B 52 -2.63 6.03 -61.34
C THR B 52 -2.00 4.95 -60.46
N SER B 53 -2.78 3.97 -60.00
CA SER B 53 -2.32 2.88 -59.16
C SER B 53 -1.66 3.40 -57.90
N PRO B 54 -2.45 3.73 -56.86
CA PRO B 54 -1.84 4.22 -55.62
C PRO B 54 -1.07 3.16 -54.87
N CYS B 55 -1.40 1.89 -55.06
CA CYS B 55 -0.70 0.81 -54.40
C CYS B 55 0.40 0.24 -55.30
N GLN B 56 1.30 -0.54 -54.69
CA GLN B 56 2.42 -1.12 -55.40
C GLN B 56 2.04 -2.47 -55.98
N ASN B 57 3.01 -3.13 -56.61
CA ASN B 57 2.83 -4.43 -57.27
C ASN B 57 1.76 -4.39 -58.35
N GLN B 58 1.56 -3.20 -58.94
CA GLN B 58 0.58 -3.01 -60.02
C GLN B 58 -0.81 -3.51 -59.61
N GLY B 59 -1.20 -3.21 -58.38
CA GLY B 59 -2.48 -3.66 -57.88
C GLY B 59 -3.61 -2.74 -58.31
N LYS B 60 -4.78 -3.34 -58.50
CA LYS B 60 -5.99 -2.61 -58.89
C LYS B 60 -6.90 -2.42 -57.69
N CYS B 61 -7.94 -1.60 -57.89
CA CYS B 61 -8.87 -1.29 -56.82
C CYS B 61 -10.29 -1.68 -57.21
N LYS B 62 -11.28 -0.94 -56.72
CA LYS B 62 -12.68 -1.20 -57.06
C LYS B 62 -13.45 0.11 -57.15
N ASP B 63 -14.77 0.03 -57.32
CA ASP B 63 -15.61 1.21 -57.43
C ASP B 63 -15.90 1.74 -56.04
N GLY B 64 -14.91 2.42 -55.47
CA GLY B 64 -15.04 2.97 -54.14
C GLY B 64 -14.15 4.17 -53.90
N LEU B 65 -14.74 5.32 -53.60
CA LEU B 65 -13.99 6.55 -53.37
C LEU B 65 -13.31 6.47 -52.00
N GLY B 66 -11.98 6.49 -52.00
CA GLY B 66 -11.22 6.45 -50.76
C GLY B 66 -10.73 5.08 -50.39
N GLU B 67 -11.62 4.23 -49.86
CA GLU B 67 -11.24 2.89 -49.44
C GLU B 67 -11.09 1.97 -50.64
N TYR B 68 -10.18 1.01 -50.53
CA TYR B 68 -9.92 0.04 -51.58
C TYR B 68 -9.19 -1.15 -50.98
N THR B 69 -9.15 -2.24 -51.75
CA THR B 69 -8.47 -3.45 -51.34
C THR B 69 -7.82 -4.10 -52.56
N CYS B 70 -6.50 -4.20 -52.54
CA CYS B 70 -5.74 -4.76 -53.64
C CYS B 70 -5.24 -6.15 -53.31
N THR B 71 -4.87 -6.89 -54.36
CA THR B 71 -4.34 -8.25 -54.23
C THR B 71 -2.82 -8.17 -54.32
N CYS B 72 -2.18 -7.88 -53.19
CA CYS B 72 -0.74 -7.76 -53.14
C CYS B 72 -0.09 -9.15 -53.24
N LEU B 73 1.22 -9.14 -53.45
CA LEU B 73 1.96 -10.38 -53.64
C LEU B 73 2.06 -11.17 -52.34
N GLU B 74 2.44 -12.43 -52.47
CA GLU B 74 2.57 -13.32 -51.32
C GLU B 74 3.90 -13.05 -50.61
N GLY B 75 3.97 -13.50 -49.36
CA GLY B 75 5.15 -13.30 -48.55
C GLY B 75 5.10 -12.03 -47.75
N PHE B 76 4.22 -11.11 -48.15
CA PHE B 76 4.04 -9.83 -47.48
C PHE B 76 2.60 -9.72 -46.99
N GLU B 77 2.42 -9.50 -45.69
CA GLU B 77 1.10 -9.41 -45.08
C GLU B 77 0.98 -8.08 -44.35
N GLY B 78 -0.25 -7.79 -43.92
CA GLY B 78 -0.55 -6.56 -43.22
C GLY B 78 -1.54 -5.68 -43.97
N LYS B 79 -1.57 -4.38 -43.64
CA LYS B 79 -2.45 -3.47 -44.33
C LYS B 79 -2.02 -3.30 -45.79
N ASN B 80 -0.85 -2.71 -46.00
CA ASN B 80 -0.26 -2.56 -47.33
C ASN B 80 0.83 -3.62 -47.54
N CYS B 81 0.53 -4.86 -47.17
CA CYS B 81 1.45 -6.01 -47.20
C CYS B 81 2.88 -5.61 -46.82
N GLU B 82 3.12 -5.45 -45.52
CA GLU B 82 4.44 -5.06 -45.01
C GLU B 82 5.05 -6.14 -44.13
N LEU B 83 4.32 -6.64 -43.13
CA LEU B 83 4.87 -7.67 -42.25
C LEU B 83 4.97 -9.00 -42.97
N PHE B 84 6.05 -9.73 -42.70
CA PHE B 84 6.28 -11.02 -43.32
C PHE B 84 5.43 -12.09 -42.64
N THR B 85 5.57 -13.33 -43.06
CA THR B 85 4.81 -14.43 -42.47
C THR B 85 5.33 -14.75 -41.08
N ARG B 86 4.46 -15.33 -40.26
CA ARG B 86 4.84 -15.70 -38.90
C ARG B 86 5.78 -16.89 -38.92
N LYS B 87 6.85 -16.82 -38.13
CA LYS B 87 7.86 -17.87 -38.11
C LYS B 87 7.60 -18.87 -36.97
N LEU B 88 7.57 -18.38 -35.73
CA LEU B 88 7.37 -19.23 -34.56
C LEU B 88 6.13 -18.77 -33.80
N CYS B 89 5.60 -19.67 -32.97
CA CYS B 89 4.45 -19.35 -32.14
C CYS B 89 4.91 -18.81 -30.78
N SER B 90 5.52 -19.67 -29.96
CA SER B 90 6.08 -19.29 -28.67
C SER B 90 5.06 -18.58 -27.79
N LEU B 91 4.85 -17.28 -28.03
CA LEU B 91 3.95 -16.48 -27.22
C LEU B 91 2.54 -16.50 -27.80
N ASP B 92 1.56 -16.20 -26.94
CA ASP B 92 0.15 -16.11 -27.30
C ASP B 92 -0.38 -17.42 -27.89
N ASN B 93 0.29 -18.53 -27.62
CA ASN B 93 -0.09 -19.87 -28.09
C ASN B 93 -0.20 -19.96 -29.60
N GLY B 94 0.38 -19.02 -30.34
CA GLY B 94 0.33 -19.06 -31.80
C GLY B 94 -1.05 -18.87 -32.38
N ASP B 95 -1.95 -18.21 -31.67
CA ASP B 95 -3.32 -17.95 -32.13
C ASP B 95 -4.07 -19.25 -32.41
N CYS B 96 -3.66 -20.32 -31.72
CA CYS B 96 -4.33 -21.61 -31.83
C CYS B 96 -4.64 -22.12 -30.43
N ASP B 97 -5.77 -22.82 -30.29
CA ASP B 97 -6.30 -23.21 -28.99
C ASP B 97 -5.71 -24.52 -28.47
N GLN B 98 -4.48 -24.86 -28.85
CA GLN B 98 -3.85 -26.07 -28.33
C GLN B 98 -2.35 -25.84 -28.10
N PHE B 99 -1.57 -26.90 -28.23
CA PHE B 99 -0.14 -26.83 -27.93
C PHE B 99 0.59 -26.02 -28.99
N CYS B 100 1.50 -25.14 -28.54
CA CYS B 100 2.37 -24.37 -29.41
C CYS B 100 3.79 -24.88 -29.22
N HIS B 101 4.36 -25.42 -30.30
CA HIS B 101 5.72 -25.96 -30.28
C HIS B 101 6.34 -25.75 -31.65
N GLU B 102 7.34 -24.90 -31.74
CA GLU B 102 7.98 -24.59 -33.01
C GLU B 102 8.88 -25.73 -33.46
N GLU B 103 8.96 -25.90 -34.77
CA GLU B 103 9.82 -26.93 -35.35
C GLU B 103 10.76 -26.30 -36.37
N GLN B 104 11.58 -25.35 -35.92
CA GLN B 104 12.53 -24.63 -36.76
C GLN B 104 11.81 -23.93 -37.91
N ASN B 105 11.24 -22.76 -37.63
CA ASN B 105 10.53 -21.95 -38.63
C ASN B 105 9.36 -22.72 -39.24
N SER B 106 8.67 -23.50 -38.40
CA SER B 106 7.51 -24.27 -38.87
C SER B 106 6.66 -24.61 -37.65
N VAL B 107 5.45 -24.07 -37.58
CA VAL B 107 4.54 -24.27 -36.46
C VAL B 107 3.24 -24.84 -37.00
N VAL B 108 2.74 -25.89 -36.35
CA VAL B 108 1.47 -26.52 -36.72
C VAL B 108 0.77 -26.98 -35.45
N CYS B 109 -0.48 -26.56 -35.28
CA CYS B 109 -1.28 -26.95 -34.12
C CYS B 109 -2.27 -28.03 -34.51
N SER B 110 -2.53 -28.95 -33.58
CA SER B 110 -3.48 -30.03 -33.80
C SER B 110 -3.92 -30.66 -32.48
N CYS B 111 -5.23 -30.84 -32.31
CA CYS B 111 -5.74 -31.47 -31.11
C CYS B 111 -5.64 -32.99 -31.21
N ALA B 112 -5.63 -33.63 -30.04
CA ALA B 112 -5.50 -35.08 -29.98
C ALA B 112 -6.86 -35.76 -30.14
N ARG B 113 -7.11 -36.81 -29.36
CA ARG B 113 -8.38 -37.51 -29.44
C ARG B 113 -9.51 -36.68 -28.83
N GLY B 114 -10.74 -36.97 -29.27
CA GLY B 114 -11.90 -36.25 -28.81
C GLY B 114 -12.18 -34.95 -29.52
N TYR B 115 -11.23 -34.45 -30.31
CA TYR B 115 -11.40 -33.21 -31.04
C TYR B 115 -10.84 -33.37 -32.44
N THR B 116 -11.33 -32.52 -33.35
CA THR B 116 -10.87 -32.56 -34.74
C THR B 116 -10.18 -31.25 -35.11
N LEU B 117 -10.28 -30.85 -36.37
CA LEU B 117 -9.67 -29.61 -36.85
C LEU B 117 -10.68 -28.85 -37.69
N ALA B 118 -10.33 -27.61 -38.01
CA ALA B 118 -11.18 -26.74 -38.80
C ALA B 118 -10.65 -26.71 -40.24
N ASP B 119 -11.07 -25.71 -41.03
CA ASP B 119 -10.62 -25.61 -42.41
C ASP B 119 -9.22 -25.01 -42.51
N ASN B 120 -8.86 -24.10 -41.61
CA ASN B 120 -7.56 -23.46 -41.61
C ASN B 120 -6.70 -23.84 -40.42
N GLY B 121 -7.30 -24.00 -39.24
CA GLY B 121 -6.54 -24.36 -38.06
C GLY B 121 -6.61 -23.32 -36.97
N LYS B 122 -7.68 -22.51 -36.98
CA LYS B 122 -7.82 -21.47 -35.97
C LYS B 122 -8.24 -22.08 -34.63
N ALA B 123 -9.16 -23.03 -34.65
CA ALA B 123 -9.64 -23.68 -33.43
C ALA B 123 -10.17 -25.06 -33.77
N CYS B 124 -9.97 -26.00 -32.84
CA CYS B 124 -10.44 -27.36 -33.05
C CYS B 124 -11.96 -27.42 -32.95
N ILE B 125 -12.59 -27.94 -33.98
CA ILE B 125 -14.06 -28.01 -34.01
C ILE B 125 -14.54 -29.09 -33.05
N PRO B 126 -15.46 -28.80 -32.14
CA PRO B 126 -15.97 -29.83 -31.23
C PRO B 126 -16.74 -30.90 -31.99
N THR B 127 -16.52 -32.16 -31.61
CA THR B 127 -17.18 -33.30 -32.23
C THR B 127 -17.93 -34.15 -31.21
N GLY B 128 -17.25 -34.64 -30.18
CA GLY B 128 -17.88 -35.44 -29.16
C GLY B 128 -18.78 -34.62 -28.27
N PRO B 129 -19.78 -35.28 -27.69
CA PRO B 129 -20.71 -34.55 -26.81
C PRO B 129 -20.05 -34.09 -25.51
N TYR B 130 -19.43 -35.01 -24.79
CA TYR B 130 -18.75 -34.69 -23.54
C TYR B 130 -17.48 -35.53 -23.42
N PRO B 131 -16.36 -35.05 -23.97
CA PRO B 131 -15.10 -35.78 -23.83
C PRO B 131 -14.54 -35.72 -22.42
N CYS B 132 -13.49 -34.92 -22.23
CA CYS B 132 -12.88 -34.75 -20.91
C CYS B 132 -12.84 -33.30 -20.47
N GLY B 133 -13.44 -32.39 -21.25
CA GLY B 133 -13.43 -30.98 -20.89
C GLY B 133 -14.30 -30.12 -21.78
N LYS B 134 -15.53 -29.86 -21.33
CA LYS B 134 -16.46 -29.02 -22.07
C LYS B 134 -17.26 -28.17 -21.08
N GLN B 135 -18.12 -27.31 -21.60
CA GLN B 135 -18.98 -26.45 -20.80
C GLN B 135 -20.41 -26.58 -21.29
N THR B 136 -21.35 -26.72 -20.35
CA THR B 136 -22.76 -26.88 -20.69
C THR B 136 -23.41 -25.51 -20.77
N LEU B 137 -23.82 -25.11 -21.97
CA LEU B 137 -24.53 -23.85 -22.19
C LEU B 137 -26.00 -24.07 -22.51
N GLU B 138 -26.59 -25.13 -21.96
CA GLU B 138 -27.99 -25.42 -22.24
C GLU B 138 -28.92 -24.44 -21.54
N ARG B 139 -28.53 -23.95 -20.38
CA ARG B 139 -29.36 -23.00 -19.63
C ARG B 139 -28.76 -21.60 -19.66
N ALA C 1 -3.72 28.59 8.83
CA ALA C 1 -4.07 30.00 8.80
C ALA C 1 -3.26 30.78 9.83
N GLN C 2 -2.27 30.11 10.43
CA GLN C 2 -1.43 30.76 11.43
C GLN C 2 -0.45 31.71 10.77
N LEU C 3 -0.19 32.83 11.45
CA LEU C 3 0.72 33.86 10.94
C LEU C 3 2.13 33.56 11.42
N ARG C 4 2.98 33.11 10.51
CA ARG C 4 4.38 32.81 10.81
C ARG C 4 5.27 33.88 10.17
N GLN C 5 5.23 35.08 10.77
CA GLN C 5 5.98 36.21 10.26
C GLN C 5 7.38 36.23 10.86
N PHE C 6 8.38 36.38 10.00
CA PHE C 6 9.78 36.43 10.41
C PHE C 6 10.43 37.69 9.86
N TYR C 7 11.56 38.06 10.47
CA TYR C 7 12.31 39.26 10.09
C TYR C 7 13.77 38.85 9.91
N VAL C 8 14.15 38.58 8.67
CA VAL C 8 15.51 38.17 8.33
C VAL C 8 16.23 39.33 7.67
N ALA C 9 17.50 39.52 8.03
CA ALA C 9 18.32 40.60 7.49
C ALA C 9 19.72 40.06 7.25
N ALA C 10 20.14 40.03 5.98
CA ALA C 10 21.47 39.56 5.62
C ALA C 10 22.50 40.66 5.85
N GLN C 11 23.67 40.28 6.34
CA GLN C 11 24.75 41.23 6.60
C GLN C 11 26.08 40.50 6.53
N GLY C 12 27.15 41.29 6.39
CA GLY C 12 28.49 40.76 6.31
C GLY C 12 29.16 40.73 7.67
N ILE C 13 29.48 39.53 8.14
CA ILE C 13 30.11 39.32 9.44
C ILE C 13 31.43 38.58 9.22
N SER C 14 32.51 39.11 9.79
CA SER C 14 33.83 38.49 9.70
C SER C 14 33.89 37.32 10.69
N TRP C 15 33.24 36.23 10.29
CA TRP C 15 33.15 35.04 11.14
C TRP C 15 34.34 34.12 10.87
N SER C 16 35.06 33.78 11.93
CA SER C 16 36.19 32.88 11.81
C SER C 16 35.72 31.44 11.64
N TYR C 17 36.53 30.64 10.95
CA TYR C 17 36.17 29.27 10.63
C TYR C 17 36.36 28.35 11.83
N ARG C 18 36.68 28.92 13.00
CA ARG C 18 36.87 28.15 14.23
C ARG C 18 36.29 28.94 15.39
N PRO C 19 35.46 28.32 16.23
CA PRO C 19 34.90 29.04 17.38
C PRO C 19 35.94 29.34 18.45
N GLU C 20 36.51 30.54 18.40
CA GLU C 20 37.55 30.96 19.35
C GLU C 20 37.04 32.13 20.19
N PRO C 21 36.36 31.87 21.31
CA PRO C 21 35.89 32.98 22.14
C PRO C 21 37.00 33.69 22.90
N THR C 22 38.18 33.08 23.00
CA THR C 22 39.29 33.71 23.70
C THR C 22 40.20 34.43 22.71
N ASN C 23 40.56 35.67 23.06
CA ASN C 23 41.39 36.52 22.21
C ASN C 23 42.88 36.22 22.39
N SER C 24 43.24 34.95 22.48
CA SER C 24 44.65 34.58 22.60
C SER C 24 45.22 34.12 21.27
N SER C 25 44.37 33.59 20.39
CA SER C 25 44.79 33.12 19.07
C SER C 25 44.29 34.02 17.94
N LEU C 26 44.02 35.29 18.24
CA LEU C 26 43.57 36.22 17.20
C LEU C 26 44.73 36.88 16.47
N ASN C 27 45.89 37.02 17.13
CA ASN C 27 47.06 37.58 16.46
C ASN C 27 47.60 36.63 15.40
N LEU C 28 47.66 35.33 15.71
CA LEU C 28 48.08 34.30 14.77
C LEU C 28 46.89 33.47 14.29
N SER C 29 45.78 34.11 13.97
CA SER C 29 44.58 33.39 13.56
C SER C 29 44.78 32.81 12.16
N VAL C 30 44.47 31.52 12.02
CA VAL C 30 44.58 30.85 10.72
C VAL C 30 43.35 31.05 9.86
N THR C 31 42.37 31.81 10.32
CA THR C 31 41.15 32.08 9.55
C THR C 31 40.62 33.45 9.92
N SER C 32 40.46 34.31 8.91
CA SER C 32 39.94 35.65 9.11
C SER C 32 39.36 36.21 7.82
N PHE C 33 38.16 35.78 7.46
CA PHE C 33 37.52 36.22 6.23
C PHE C 33 36.08 36.65 6.54
N LYS C 34 35.54 37.51 5.68
CA LYS C 34 34.19 37.98 5.84
C LYS C 34 33.19 36.97 5.26
N LYS C 35 31.97 37.00 5.80
CA LYS C 35 30.91 36.10 5.37
C LYS C 35 29.59 36.85 5.38
N ILE C 36 28.93 36.91 4.22
CA ILE C 36 27.61 37.50 4.10
C ILE C 36 26.60 36.40 4.39
N VAL C 37 26.03 36.41 5.58
CA VAL C 37 25.13 35.35 6.03
C VAL C 37 23.77 35.94 6.36
N TYR C 38 22.77 35.07 6.43
CA TYR C 38 21.44 35.46 6.86
C TYR C 38 21.38 35.54 8.37
N ARG C 39 20.70 36.56 8.88
CA ARG C 39 20.56 36.78 10.32
C ARG C 39 19.14 37.26 10.61
N GLU C 40 18.48 36.62 11.56
CA GLU C 40 17.14 37.01 11.95
C GLU C 40 17.18 38.19 12.91
N TYR C 41 16.15 39.04 12.83
CA TYR C 41 16.03 40.22 13.66
C TYR C 41 14.62 40.27 14.25
N GLU C 42 14.44 41.18 15.21
CA GLU C 42 13.14 41.42 15.80
C GLU C 42 12.27 42.22 14.83
N PRO C 43 10.97 42.33 15.11
CA PRO C 43 10.12 43.19 14.28
C PRO C 43 10.68 44.61 14.19
N TYR C 44 10.51 45.22 13.01
CA TYR C 44 11.05 46.52 12.63
C TYR C 44 12.58 46.49 12.52
N PHE C 45 13.21 45.33 12.67
CA PHE C 45 14.66 45.16 12.57
C PHE C 45 15.38 46.07 13.57
N LYS C 46 15.40 45.60 14.81
CA LYS C 46 16.02 46.34 15.90
C LYS C 46 17.35 45.71 16.31
N LYS C 47 17.28 44.61 17.06
CA LYS C 47 18.47 43.92 17.53
C LYS C 47 18.60 42.58 16.82
N GLU C 48 19.84 42.09 16.75
CA GLU C 48 20.12 40.84 16.07
C GLU C 48 19.89 39.66 17.02
N LYS C 49 19.29 38.59 16.48
CA LYS C 49 19.06 37.39 17.26
C LYS C 49 20.40 36.77 17.66
N PRO C 50 20.47 36.14 18.84
CA PRO C 50 21.75 35.56 19.26
C PRO C 50 22.18 34.36 18.42
N GLN C 51 21.21 33.59 17.91
CA GLN C 51 21.46 32.41 17.09
C GLN C 51 22.13 31.29 17.88
N SER C 52 21.86 30.04 17.49
CA SER C 52 22.48 28.91 18.17
C SER C 52 23.93 28.77 17.75
N THR C 53 24.72 28.06 18.58
CA THR C 53 26.12 27.84 18.25
C THR C 53 26.28 26.90 17.08
N ILE C 54 25.30 26.03 16.82
CA ILE C 54 25.36 25.13 15.68
C ILE C 54 25.29 25.91 14.37
N SER C 55 24.50 27.00 14.35
CA SER C 55 24.33 27.81 13.16
C SER C 55 25.45 28.85 13.10
N GLY C 56 26.62 28.38 12.65
CA GLY C 56 27.76 29.27 12.47
C GLY C 56 27.55 30.23 11.31
N LEU C 57 27.44 29.68 10.10
CA LEU C 57 27.15 30.46 8.91
C LEU C 57 25.73 30.27 8.41
N LEU C 58 24.93 29.44 9.07
CA LEU C 58 23.56 29.20 8.63
C LEU C 58 22.64 30.32 9.12
N GLY C 59 21.64 30.64 8.30
CA GLY C 59 20.68 31.65 8.64
C GLY C 59 19.63 31.14 9.60
N PRO C 60 18.55 31.89 9.77
CA PRO C 60 17.47 31.46 10.68
C PRO C 60 16.70 30.29 10.11
N THR C 61 16.38 29.34 10.99
CA THR C 61 15.64 28.14 10.62
C THR C 61 14.15 28.48 10.65
N LEU C 62 13.59 28.74 9.47
CA LEU C 62 12.16 29.07 9.38
C LEU C 62 11.32 27.82 9.57
N TYR C 63 10.17 28.00 10.22
CA TYR C 63 9.25 26.90 10.51
C TYR C 63 7.83 27.34 10.21
N ALA C 64 7.03 26.40 9.72
CA ALA C 64 5.64 26.66 9.39
C ALA C 64 4.89 25.33 9.37
N GLU C 65 3.58 25.41 9.16
CA GLU C 65 2.71 24.26 9.09
C GLU C 65 1.95 24.29 7.76
N VAL C 66 0.91 23.45 7.67
CA VAL C 66 0.10 23.36 6.47
C VAL C 66 -1.04 24.35 6.55
N GLY C 67 -1.40 24.94 5.41
CA GLY C 67 -2.49 25.90 5.35
C GLY C 67 -2.25 27.19 6.08
N ASP C 68 -1.01 27.49 6.45
CA ASP C 68 -0.69 28.73 7.17
C ASP C 68 -0.13 29.78 6.22
N ILE C 69 -0.06 31.01 6.71
CA ILE C 69 0.48 32.13 5.96
C ILE C 69 1.85 32.47 6.51
N ILE C 70 2.73 32.95 5.64
CA ILE C 70 4.11 33.30 6.00
C ILE C 70 4.39 34.67 5.39
N LYS C 71 4.14 35.74 6.15
CA LYS C 71 4.42 37.09 5.71
C LYS C 71 5.84 37.49 6.13
N VAL C 72 6.81 36.77 5.57
CA VAL C 72 8.21 37.00 5.94
C VAL C 72 8.66 38.37 5.47
N HIS C 73 9.35 39.09 6.35
CA HIS C 73 9.88 40.41 6.07
C HIS C 73 11.39 40.35 5.99
N PHE C 74 11.95 40.87 4.91
CA PHE C 74 13.39 40.82 4.67
C PHE C 74 13.94 42.23 4.49
N LYS C 75 15.19 42.42 4.95
CA LYS C 75 15.86 43.71 4.85
C LYS C 75 17.32 43.43 4.50
N ASN C 76 17.67 43.60 3.23
CA ASN C 76 19.03 43.36 2.78
C ASN C 76 19.95 44.46 3.28
N LYS C 77 21.15 44.07 3.74
CA LYS C 77 22.14 45.01 4.22
C LYS C 77 23.55 44.64 3.73
N ALA C 78 23.65 43.88 2.65
CA ALA C 78 24.95 43.47 2.11
C ALA C 78 25.52 44.55 1.20
N ASP C 79 25.42 44.35 -0.10
CA ASP C 79 25.95 45.30 -1.07
C ASP C 79 25.20 45.22 -2.39
N LYS C 80 24.64 44.05 -2.69
CA LYS C 80 23.88 43.82 -3.91
C LYS C 80 22.45 43.43 -3.59
N PRO C 81 21.49 43.77 -4.47
CA PRO C 81 20.10 43.41 -4.20
C PRO C 81 19.87 41.90 -4.21
N LEU C 82 19.72 41.32 -3.02
CA LEU C 82 19.52 39.89 -2.88
C LEU C 82 18.03 39.57 -2.92
N SER C 83 17.68 38.30 -2.76
CA SER C 83 16.28 37.88 -2.78
C SER C 83 16.17 36.56 -2.02
N ILE C 84 14.92 36.10 -1.86
CA ILE C 84 14.62 34.86 -1.16
C ILE C 84 13.75 34.01 -2.07
N HIS C 85 14.27 32.85 -2.49
CA HIS C 85 13.53 31.94 -3.36
C HIS C 85 13.19 30.67 -2.60
N PRO C 86 11.98 30.54 -2.05
CA PRO C 86 11.64 29.34 -1.28
C PRO C 86 11.24 28.16 -2.18
N GLN C 87 10.53 27.20 -1.61
CA GLN C 87 10.05 26.02 -2.32
C GLN C 87 8.56 25.82 -2.08
N GLY C 88 7.81 26.91 -2.00
CA GLY C 88 6.39 26.84 -1.75
C GLY C 88 5.58 26.50 -2.99
N ILE C 89 4.43 27.14 -3.15
CA ILE C 89 3.56 26.88 -4.30
C ILE C 89 2.67 28.10 -4.55
N ARG C 90 2.21 28.74 -3.48
CA ARG C 90 1.27 29.84 -3.62
C ARG C 90 1.95 31.14 -4.05
N TYR C 91 3.25 31.27 -3.85
CA TYR C 91 3.94 32.51 -4.21
C TYR C 91 3.97 32.68 -5.72
N SER C 92 3.71 33.92 -6.17
CA SER C 92 3.68 34.24 -7.59
C SER C 92 5.03 34.82 -8.02
N LYS C 93 5.12 35.17 -9.30
CA LYS C 93 6.34 35.76 -9.84
C LYS C 93 6.62 37.14 -9.28
N LEU C 94 5.60 37.83 -8.76
CA LEU C 94 5.81 39.15 -8.16
C LEU C 94 6.59 39.05 -6.86
N SER C 95 6.46 37.93 -6.14
CA SER C 95 7.17 37.71 -4.88
C SER C 95 7.72 36.29 -4.86
N GLU C 96 8.62 36.00 -5.81
CA GLU C 96 9.24 34.69 -5.92
C GLU C 96 10.71 34.68 -5.55
N GLY C 97 11.40 35.82 -5.65
CA GLY C 97 12.80 35.87 -5.33
C GLY C 97 13.72 35.36 -6.42
N ALA C 98 13.27 35.36 -7.67
CA ALA C 98 14.05 34.88 -8.80
C ALA C 98 14.20 36.01 -9.81
N SER C 99 15.44 36.38 -10.11
CA SER C 99 15.75 37.44 -11.06
C SER C 99 16.34 36.82 -12.32
N TYR C 100 15.52 36.76 -13.38
CA TYR C 100 15.95 36.18 -14.65
C TYR C 100 15.05 36.73 -15.74
N LEU C 101 15.31 36.27 -16.97
CA LEU C 101 14.49 36.66 -18.12
C LEU C 101 13.16 35.92 -18.09
N ASP C 102 12.17 36.47 -17.40
CA ASP C 102 10.88 35.81 -17.25
C ASP C 102 9.94 36.07 -18.42
N HIS C 103 10.28 36.98 -19.33
CA HIS C 103 9.46 37.28 -20.51
C HIS C 103 8.06 37.76 -20.13
N THR C 104 7.92 38.37 -18.94
CA THR C 104 6.63 38.85 -18.50
C THR C 104 6.67 40.35 -18.21
N PHE C 105 5.96 40.79 -17.18
CA PHE C 105 5.93 42.20 -16.84
C PHE C 105 7.18 42.58 -16.03
N PRO C 106 7.80 43.72 -16.32
CA PRO C 106 8.98 44.14 -15.55
C PRO C 106 8.68 44.44 -14.09
N ALA C 107 7.42 44.65 -13.71
CA ALA C 107 7.07 44.93 -12.33
C ALA C 107 7.17 43.72 -11.42
N GLU C 108 7.38 42.52 -11.98
CA GLU C 108 7.51 41.31 -11.18
C GLU C 108 8.87 41.17 -10.53
N LYS C 109 9.80 42.09 -10.80
CA LYS C 109 11.14 42.05 -10.21
C LYS C 109 11.25 42.92 -8.97
N MET C 110 10.12 43.36 -8.39
CA MET C 110 10.17 44.16 -7.18
C MET C 110 10.63 43.36 -5.97
N ASP C 111 10.48 42.03 -6.01
CA ASP C 111 10.95 41.19 -4.91
C ASP C 111 12.47 41.01 -4.93
N ASP C 112 13.13 41.33 -6.05
CA ASP C 112 14.57 41.17 -6.17
C ASP C 112 15.33 42.48 -6.00
N ALA C 113 14.65 43.63 -6.09
CA ALA C 113 15.30 44.93 -5.98
C ALA C 113 15.30 45.40 -4.51
N VAL C 114 15.79 44.52 -3.65
CA VAL C 114 15.91 44.80 -2.22
C VAL C 114 17.31 45.40 -2.02
N ALA C 115 17.39 46.72 -2.10
CA ALA C 115 18.67 47.40 -2.00
C ALA C 115 19.26 47.22 -0.59
N PRO C 116 20.60 47.23 -0.46
CA PRO C 116 21.21 47.10 0.86
C PRO C 116 20.83 48.25 1.79
N GLY C 117 19.73 48.09 2.51
CA GLY C 117 19.24 49.13 3.40
C GLY C 117 17.76 49.41 3.16
N ARG C 118 17.11 48.56 2.37
CA ARG C 118 15.70 48.72 2.03
C ARG C 118 14.92 47.52 2.56
N GLU C 119 13.76 47.79 3.13
CA GLU C 119 12.91 46.75 3.67
C GLU C 119 11.88 46.31 2.63
N TYR C 120 11.54 45.03 2.65
CA TYR C 120 10.55 44.48 1.72
C TYR C 120 9.91 43.26 2.36
N THR C 121 8.58 43.26 2.43
CA THR C 121 7.83 42.15 3.03
C THR C 121 7.31 41.25 1.93
N TYR C 122 7.59 39.94 2.04
CA TYR C 122 7.15 38.96 1.08
C TYR C 122 5.83 38.35 1.57
N GLU C 123 4.79 38.46 0.77
CA GLU C 123 3.47 37.91 1.11
C GLU C 123 3.38 36.50 0.54
N TRP C 124 3.68 35.51 1.36
CA TRP C 124 3.67 34.11 0.96
C TRP C 124 2.73 33.31 1.87
N SER C 125 2.41 32.10 1.41
CA SER C 125 1.56 31.18 2.17
C SER C 125 1.92 29.77 1.75
N ILE C 126 1.03 28.82 2.02
CA ILE C 126 1.24 27.43 1.64
C ILE C 126 -0.13 26.77 1.51
N SER C 127 -0.23 25.82 0.58
CA SER C 127 -1.48 25.12 0.34
C SER C 127 -1.60 23.91 1.26
N GLU C 128 -2.71 23.18 1.13
CA GLU C 128 -2.96 22.02 1.97
C GLU C 128 -2.35 20.75 1.41
N ASP C 129 -1.85 20.78 0.18
CA ASP C 129 -1.24 19.62 -0.45
C ASP C 129 0.23 19.46 -0.10
N SER C 130 0.70 20.12 0.96
CA SER C 130 2.09 20.01 1.42
C SER C 130 2.20 19.22 2.72
N GLY C 131 1.17 18.48 3.09
CA GLY C 131 1.18 17.69 4.30
C GLY C 131 1.02 16.21 4.02
N PRO C 132 1.97 15.40 4.50
CA PRO C 132 1.89 13.95 4.26
C PRO C 132 0.77 13.28 5.04
N THR C 133 0.76 13.46 6.36
CA THR C 133 -0.25 12.88 7.24
C THR C 133 -0.32 11.36 7.09
N HIS C 134 0.84 10.73 6.84
CA HIS C 134 0.89 9.28 6.66
C HIS C 134 2.18 8.71 7.23
N ASP C 135 2.83 7.83 6.48
CA ASP C 135 4.06 7.18 6.92
C ASP C 135 5.27 8.10 6.89
N ASP C 136 5.13 9.32 6.34
CA ASP C 136 6.22 10.27 6.33
C ASP C 136 6.30 10.99 7.67
N PRO C 137 7.46 11.56 8.00
CA PRO C 137 7.58 12.34 9.24
C PRO C 137 6.66 13.54 9.21
N PRO C 138 6.25 14.05 10.38
CA PRO C 138 5.28 15.15 10.42
C PRO C 138 5.80 16.46 9.83
N CYS C 139 7.06 16.55 9.42
CA CYS C 139 7.62 17.76 8.87
C CYS C 139 8.17 17.51 7.47
N LEU C 140 8.07 18.53 6.63
CA LEU C 140 8.63 18.53 5.28
C LEU C 140 9.46 19.79 5.12
N THR C 141 10.77 19.66 5.25
CA THR C 141 11.66 20.81 5.22
C THR C 141 11.77 21.35 3.79
N HIS C 142 12.29 22.58 3.70
CA HIS C 142 12.54 23.23 2.42
C HIS C 142 13.77 24.11 2.55
N ILE C 143 14.30 24.53 1.42
CA ILE C 143 15.50 25.35 1.35
C ILE C 143 15.20 26.60 0.55
N TYR C 144 15.36 27.76 1.18
CA TYR C 144 15.20 29.05 0.52
C TYR C 144 16.57 29.71 0.36
N TYR C 145 16.79 30.34 -0.78
CA TYR C 145 18.07 30.97 -1.08
C TYR C 145 17.84 32.13 -2.03
N SER C 146 18.94 32.70 -2.51
CA SER C 146 18.90 33.83 -3.45
C SER C 146 19.23 33.32 -4.84
N HIS C 147 18.39 33.69 -5.81
CA HIS C 147 18.56 33.26 -7.19
C HIS C 147 19.47 34.17 -8.00
N GLU C 148 20.22 35.05 -7.34
CA GLU C 148 21.12 35.96 -8.03
C GLU C 148 22.32 35.22 -8.61
N ASN C 149 23.20 34.74 -7.73
CA ASN C 149 24.41 34.02 -8.14
C ASN C 149 24.67 32.92 -7.11
N LEU C 150 24.40 31.67 -7.50
CA LEU C 150 24.57 30.54 -6.58
C LEU C 150 26.00 30.36 -6.13
N ILE C 151 26.98 30.82 -6.93
CA ILE C 151 28.37 30.74 -6.51
C ILE C 151 28.63 31.64 -5.31
N GLU C 152 27.95 32.78 -5.24
CA GLU C 152 28.09 33.70 -4.12
C GLU C 152 27.00 33.55 -3.07
N ASP C 153 25.78 33.18 -3.48
CA ASP C 153 24.67 33.06 -2.55
C ASP C 153 24.70 31.73 -1.80
N PHE C 154 25.92 31.23 -1.51
CA PHE C 154 26.08 30.00 -0.76
C PHE C 154 27.42 30.00 -0.03
N ASN C 155 28.50 30.28 -0.77
CA ASN C 155 29.83 30.31 -0.18
C ASN C 155 29.98 31.44 0.82
N SER C 156 29.21 32.52 0.68
CA SER C 156 29.24 33.60 1.65
C SER C 156 28.41 33.29 2.90
N GLY C 157 27.44 32.38 2.79
CA GLY C 157 26.62 32.01 3.93
C GLY C 157 25.16 32.34 3.75
N LEU C 158 24.74 32.57 2.51
CA LEU C 158 23.34 32.90 2.21
C LEU C 158 22.55 31.61 2.05
N ILE C 159 22.41 30.89 3.17
CA ILE C 159 21.68 29.64 3.23
C ILE C 159 20.79 29.65 4.45
N GLY C 160 19.56 29.16 4.30
CA GLY C 160 18.61 29.13 5.39
C GLY C 160 17.64 27.97 5.26
N PRO C 161 17.31 27.34 6.38
CA PRO C 161 16.36 26.23 6.34
C PRO C 161 14.92 26.68 6.52
N LEU C 162 14.00 26.07 5.76
CA LEU C 162 12.57 26.35 5.86
C LEU C 162 11.83 25.06 6.17
N LEU C 163 10.94 25.12 7.16
CA LEU C 163 10.20 23.95 7.62
C LEU C 163 8.72 24.16 7.40
N ILE C 164 8.07 23.21 6.74
CA ILE C 164 6.62 23.19 6.58
C ILE C 164 6.14 21.87 7.18
N CYS C 165 5.79 21.91 8.46
CA CYS C 165 5.43 20.70 9.19
C CYS C 165 3.92 20.47 9.05
N LYS C 166 3.36 19.62 9.92
CA LYS C 166 1.94 19.30 9.89
C LYS C 166 1.23 19.97 11.06
N LYS C 167 0.07 20.55 10.79
CA LYS C 167 -0.70 21.21 11.84
C LYS C 167 -1.35 20.17 12.73
N GLY C 168 -0.99 20.19 14.02
CA GLY C 168 -1.55 19.26 14.98
C GLY C 168 -0.60 18.87 16.08
N THR C 169 0.34 17.98 15.77
CA THR C 169 1.30 17.48 16.74
C THR C 169 2.59 18.29 16.76
N LEU C 170 2.57 19.53 16.31
CA LEU C 170 3.74 20.40 16.29
C LEU C 170 3.50 21.63 17.16
N THR C 171 4.56 22.08 17.82
CA THR C 171 4.49 23.24 18.68
C THR C 171 4.93 24.49 17.91
N GLU C 172 5.20 25.58 18.63
CA GLU C 172 5.62 26.83 18.02
C GLU C 172 7.15 26.87 18.05
N GLY C 173 7.76 26.57 16.90
CA GLY C 173 9.21 26.57 16.79
C GLY C 173 9.75 25.45 15.94
N GLY C 174 8.92 24.42 15.73
CA GLY C 174 9.33 23.26 14.94
C GLY C 174 9.49 21.99 15.74
N THR C 175 9.18 21.99 17.03
CA THR C 175 9.31 20.81 17.88
C THR C 175 7.98 20.10 17.99
N GLN C 176 8.02 18.77 17.92
CA GLN C 176 6.81 17.96 18.01
C GLN C 176 6.28 17.94 19.44
N LYS C 177 5.18 17.21 19.64
CA LYS C 177 4.57 17.08 20.95
C LYS C 177 5.25 16.00 21.78
N THR C 178 5.28 14.77 21.28
CA THR C 178 5.91 13.67 22.01
C THR C 178 7.43 13.79 22.00
N PHE C 179 8.01 14.58 21.12
CA PHE C 179 9.45 14.82 21.07
C PHE C 179 9.76 16.15 21.72
N ASP C 180 10.76 16.17 22.59
CA ASP C 180 11.11 17.35 23.36
C ASP C 180 12.30 18.12 22.82
N LYS C 181 12.89 17.66 21.71
CA LYS C 181 14.05 18.32 21.13
C LYS C 181 13.84 18.51 19.64
N GLN C 182 14.60 19.46 19.08
CA GLN C 182 14.56 19.78 17.66
C GLN C 182 16.00 20.00 17.19
N ILE C 183 16.58 18.99 16.56
CA ILE C 183 17.97 19.02 16.11
C ILE C 183 17.97 19.36 14.63
N VAL C 184 18.59 20.49 14.29
CA VAL C 184 18.74 20.93 12.90
C VAL C 184 20.20 20.71 12.49
N LEU C 185 20.41 20.05 11.36
CA LEU C 185 21.74 19.73 10.87
C LEU C 185 22.03 20.50 9.60
N LEU C 186 23.31 20.74 9.35
CA LEU C 186 23.75 21.43 8.13
C LEU C 186 25.19 21.01 7.84
N PHE C 187 25.43 20.53 6.62
CA PHE C 187 26.77 20.18 6.17
C PHE C 187 26.98 20.83 4.81
N ALA C 188 27.87 21.82 4.76
CA ALA C 188 28.11 22.58 3.54
C ALA C 188 29.60 22.69 3.29
N VAL C 189 29.95 23.12 2.08
CA VAL C 189 31.34 23.34 1.68
C VAL C 189 31.42 24.79 1.18
N PHE C 190 31.85 25.70 2.04
CA PHE C 190 31.95 27.12 1.70
C PHE C 190 33.24 27.32 0.91
N ASP C 191 33.12 27.25 -0.42
CA ASP C 191 34.26 27.43 -1.32
C ASP C 191 34.57 28.92 -1.41
N GLU C 192 35.51 29.37 -0.60
CA GLU C 192 35.88 30.78 -0.58
C GLU C 192 36.60 31.21 -1.85
N SER C 193 37.25 30.27 -2.55
CA SER C 193 37.96 30.63 -3.78
C SER C 193 37.01 31.08 -4.88
N LYS C 194 35.77 30.59 -4.87
CA LYS C 194 34.75 30.99 -5.85
C LYS C 194 33.60 31.62 -5.08
N SER C 195 33.64 32.94 -4.93
CA SER C 195 32.60 33.67 -4.23
C SER C 195 32.64 35.14 -4.62
N TRP C 196 32.43 36.03 -3.65
CA TRP C 196 32.51 37.47 -3.90
C TRP C 196 33.94 37.99 -3.76
N SER C 197 34.63 37.61 -2.69
CA SER C 197 36.02 37.99 -2.47
C SER C 197 36.90 36.84 -2.95
N GLN C 198 37.44 36.97 -4.16
CA GLN C 198 38.25 35.92 -4.76
C GLN C 198 39.58 35.76 -4.02
N SER C 199 39.58 34.92 -2.98
CA SER C 199 40.78 34.63 -2.21
C SER C 199 41.01 33.13 -2.19
N SER C 200 42.24 32.71 -2.48
CA SER C 200 42.59 31.30 -2.52
C SER C 200 42.43 30.66 -1.15
N SER C 201 41.28 30.04 -0.89
CA SER C 201 41.00 29.40 0.39
C SER C 201 40.07 28.21 0.15
N LEU C 202 40.51 27.28 -0.69
CA LEU C 202 39.75 26.06 -0.94
C LEU C 202 39.79 25.16 0.29
N MET C 203 38.83 25.34 1.19
CA MET C 203 38.78 24.61 2.46
C MET C 203 37.39 24.06 2.68
N TYR C 204 37.32 22.82 3.18
CA TYR C 204 36.04 22.17 3.44
C TYR C 204 35.56 22.53 4.85
N THR C 205 34.79 23.62 4.90
CA THR C 205 34.29 24.14 6.17
C THR C 205 32.82 23.77 6.32
N VAL C 206 32.53 22.83 7.22
CA VAL C 206 31.14 22.42 7.49
C VAL C 206 30.53 23.48 8.40
N ASN C 207 29.67 24.32 7.82
CA ASN C 207 29.01 25.41 8.53
C ASN C 207 30.04 26.36 9.17
N GLY C 208 31.20 26.49 8.53
CA GLY C 208 32.24 27.36 9.06
C GLY C 208 33.00 26.76 10.22
N TYR C 209 33.29 25.46 10.13
CA TYR C 209 34.04 24.77 11.19
C TYR C 209 35.03 23.82 10.54
N VAL C 210 36.29 23.92 10.96
CA VAL C 210 37.37 23.12 10.39
C VAL C 210 37.98 22.27 11.50
N ASN C 211 38.54 21.13 11.09
CA ASN C 211 39.23 20.20 12.00
C ASN C 211 38.31 19.69 13.10
N GLY C 212 37.02 19.54 12.80
CA GLY C 212 36.08 19.02 13.77
C GLY C 212 35.77 19.96 14.91
N THR C 213 35.97 21.26 14.72
CA THR C 213 35.66 22.25 15.74
C THR C 213 34.18 22.63 15.78
N MET C 214 33.32 21.85 15.12
CA MET C 214 31.90 22.11 15.18
C MET C 214 31.38 21.86 16.59
N PRO C 215 30.52 22.74 17.11
CA PRO C 215 29.98 22.53 18.47
C PRO C 215 29.23 21.21 18.57
N ASP C 216 29.54 20.45 19.62
CA ASP C 216 29.01 19.11 19.79
C ASP C 216 27.54 19.17 20.22
N ILE C 217 26.73 18.31 19.60
CA ILE C 217 25.32 18.19 19.97
C ILE C 217 25.23 17.40 21.28
N THR C 218 24.55 17.98 22.27
CA THR C 218 24.44 17.38 23.59
C THR C 218 22.98 17.38 24.04
N VAL C 219 22.55 16.27 24.65
CA VAL C 219 21.20 16.13 25.16
C VAL C 219 21.18 14.93 26.12
N CYS C 220 20.61 15.13 27.31
CA CYS C 220 20.55 14.05 28.28
C CYS C 220 19.48 13.04 27.89
N ALA C 221 19.51 11.89 28.56
CA ALA C 221 18.65 10.77 28.21
C ALA C 221 17.27 10.94 28.83
N HIS C 222 16.46 9.88 28.77
CA HIS C 222 15.10 9.87 29.32
C HIS C 222 14.23 10.96 28.71
N ASP C 223 14.29 11.05 27.38
CA ASP C 223 13.48 12.01 26.63
C ASP C 223 13.45 11.57 25.17
N HIS C 224 12.81 12.37 24.32
CA HIS C 224 12.72 12.11 22.89
C HIS C 224 13.32 13.27 22.13
N ILE C 225 14.01 12.95 21.02
CA ILE C 225 14.65 13.95 20.18
C ILE C 225 14.13 13.82 18.76
N SER C 226 14.27 14.90 18.00
CA SER C 226 13.86 14.95 16.61
C SER C 226 14.96 15.56 15.77
N TRP C 227 15.26 14.92 14.65
CA TRP C 227 16.34 15.35 13.76
C TRP C 227 15.76 16.06 12.53
N HIS C 228 16.65 16.72 11.79
CA HIS C 228 16.27 17.41 10.56
C HIS C 228 17.45 17.27 9.60
N LEU C 229 17.37 16.27 8.72
CA LEU C 229 18.45 15.97 7.78
C LEU C 229 18.50 17.05 6.71
N LEU C 230 19.33 18.07 6.93
CA LEU C 230 19.50 19.16 5.98
C LEU C 230 20.99 19.44 5.81
N GLY C 231 21.32 20.11 4.70
CA GLY C 231 22.70 20.45 4.41
C GLY C 231 23.03 20.39 2.93
N MET C 232 23.04 21.55 2.28
CA MET C 232 23.34 21.64 0.86
C MET C 232 24.84 21.93 0.68
N SER C 233 25.42 21.33 -0.35
CA SER C 233 26.83 21.52 -0.67
C SER C 233 26.97 22.50 -1.83
N SER C 234 28.18 22.62 -2.38
CA SER C 234 28.42 23.52 -3.49
C SER C 234 27.81 23.04 -4.80
N GLY C 235 27.40 21.78 -4.86
CA GLY C 235 26.82 21.23 -6.06
C GLY C 235 26.63 19.73 -5.97
N PRO C 236 27.45 18.98 -6.74
CA PRO C 236 27.32 17.52 -6.73
C PRO C 236 28.11 16.87 -5.60
N GLU C 237 28.37 17.61 -4.53
CA GLU C 237 29.11 17.08 -3.39
C GLU C 237 28.14 16.49 -2.38
N LEU C 238 28.51 15.33 -1.82
CA LEU C 238 27.69 14.62 -0.85
C LEU C 238 28.42 14.55 0.48
N PHE C 239 27.70 14.05 1.49
CA PHE C 239 28.24 13.90 2.84
C PHE C 239 27.82 12.55 3.39
N SER C 240 28.79 11.65 3.56
CA SER C 240 28.52 10.31 4.10
C SER C 240 28.46 10.40 5.62
N ILE C 241 27.29 10.79 6.12
CA ILE C 241 27.07 10.94 7.56
C ILE C 241 26.56 9.63 8.12
N HIS C 242 26.78 9.44 9.42
CA HIS C 242 26.32 8.23 10.10
C HIS C 242 26.15 8.54 11.58
N PHE C 243 25.13 7.91 12.18
CA PHE C 243 24.81 8.09 13.60
C PHE C 243 25.24 6.83 14.33
N ASN C 244 26.44 6.87 14.92
CA ASN C 244 26.96 5.71 15.63
C ASN C 244 26.19 5.46 16.92
N GLY C 245 25.95 4.18 17.20
CA GLY C 245 25.23 3.80 18.40
C GLY C 245 23.75 4.07 18.34
N GLN C 246 23.37 5.34 18.44
CA GLN C 246 21.97 5.72 18.39
C GLN C 246 21.43 5.59 16.97
N VAL C 247 20.33 4.85 16.82
CA VAL C 247 19.71 4.60 15.52
C VAL C 247 18.50 5.49 15.36
N LEU C 248 18.44 6.22 14.25
CA LEU C 248 17.31 7.11 13.97
C LEU C 248 16.13 6.34 13.41
N GLU C 249 15.15 7.06 12.86
CA GLU C 249 13.97 6.45 12.26
C GLU C 249 13.47 7.38 11.15
N GLN C 250 14.21 7.39 10.04
CA GLN C 250 13.86 8.22 8.90
C GLN C 250 12.68 7.60 8.14
N ASN C 251 11.66 8.40 7.88
CA ASN C 251 10.44 7.96 7.19
C ASN C 251 9.80 6.78 7.92
N HIS C 252 9.80 6.84 9.25
CA HIS C 252 9.29 5.78 10.11
C HIS C 252 9.96 4.44 9.80
N HIS C 253 11.26 4.51 9.51
CA HIS C 253 12.06 3.32 9.22
C HIS C 253 13.38 3.46 9.97
N LYS C 254 13.65 2.51 10.87
CA LYS C 254 14.85 2.55 11.70
C LYS C 254 16.12 2.44 10.87
N VAL C 255 16.76 3.57 10.58
CA VAL C 255 18.01 3.61 9.83
C VAL C 255 19.03 4.39 10.65
N SER C 256 20.29 4.34 10.20
CA SER C 256 21.38 5.02 10.89
C SER C 256 22.31 5.73 9.91
N ALA C 257 21.87 5.95 8.67
CA ALA C 257 22.70 6.61 7.67
C ALA C 257 21.81 7.31 6.66
N ILE C 258 22.34 8.40 6.11
CA ILE C 258 21.64 9.18 5.09
C ILE C 258 22.66 9.98 4.29
N THR C 259 22.72 9.72 2.98
CA THR C 259 23.72 10.36 2.13
C THR C 259 23.07 10.65 0.77
N LEU C 260 22.52 11.85 0.64
CA LEU C 260 22.00 12.33 -0.64
C LEU C 260 22.74 13.62 -0.98
N VAL C 261 22.15 14.43 -1.88
CA VAL C 261 22.80 15.63 -2.39
C VAL C 261 21.80 16.77 -2.44
N SER C 262 22.33 17.99 -2.39
CA SER C 262 21.56 19.22 -2.56
C SER C 262 20.50 19.38 -1.47
N ALA C 263 20.79 18.89 -0.26
CA ALA C 263 19.90 19.02 0.89
C ALA C 263 18.51 18.51 0.59
N THR C 264 18.33 17.19 0.63
CA THR C 264 17.03 16.58 0.34
C THR C 264 16.06 16.85 1.49
N SER C 265 14.85 17.25 1.14
CA SER C 265 13.81 17.53 2.13
C SER C 265 13.46 16.28 2.92
N THR C 266 14.14 16.08 4.06
CA THR C 266 13.94 14.89 4.87
C THR C 266 14.27 15.21 6.32
N THR C 267 13.38 14.78 7.22
CA THR C 267 13.60 14.90 8.66
C THR C 267 13.35 13.54 9.30
N ALA C 268 13.86 13.38 10.51
CA ALA C 268 13.75 12.11 11.22
C ALA C 268 13.59 12.37 12.71
N ASN C 269 13.42 11.29 13.46
CA ASN C 269 13.27 11.35 14.91
C ASN C 269 13.55 9.97 15.48
N MET C 270 13.84 9.93 16.78
CA MET C 270 14.18 8.67 17.44
C MET C 270 13.97 8.83 18.94
N THR C 271 14.40 7.83 19.69
CA THR C 271 14.32 7.83 21.16
C THR C 271 15.68 7.47 21.71
N VAL C 272 16.20 8.31 22.60
CA VAL C 272 17.54 8.08 23.14
C VAL C 272 17.55 6.85 24.04
N GLY C 273 18.75 6.37 24.35
CA GLY C 273 18.92 5.21 25.19
C GLY C 273 19.73 5.53 26.43
N PRO C 274 20.74 4.70 26.72
CA PRO C 274 21.57 4.92 27.91
C PRO C 274 22.51 6.10 27.74
N GLU C 275 23.14 6.52 28.84
CA GLU C 275 24.09 7.64 28.79
C GLU C 275 25.41 7.19 28.20
N GLY C 276 26.13 8.14 27.61
CA GLY C 276 27.41 7.82 27.01
C GLY C 276 27.85 8.95 26.08
N LYS C 277 28.92 8.67 25.34
CA LYS C 277 29.51 9.60 24.40
C LYS C 277 29.56 8.92 23.03
N TRP C 278 28.51 9.10 22.23
CA TRP C 278 28.45 8.49 20.91
C TRP C 278 29.18 9.36 19.90
N ILE C 279 29.13 8.95 18.63
CA ILE C 279 29.94 9.56 17.58
C ILE C 279 29.05 9.91 16.40
N ILE C 280 29.29 11.07 15.80
CA ILE C 280 28.71 11.44 14.52
C ILE C 280 29.82 11.34 13.48
N SER C 281 29.99 10.16 12.88
CA SER C 281 31.09 9.92 11.96
C SER C 281 30.79 10.57 10.62
N SER C 282 31.41 11.73 10.38
CA SER C 282 31.28 12.42 9.08
C SER C 282 32.43 11.99 8.18
N LEU C 283 32.48 10.68 7.94
CA LEU C 283 33.56 10.06 7.16
C LEU C 283 33.32 10.34 5.68
N THR C 284 33.91 11.43 5.19
CA THR C 284 33.81 11.78 3.78
C THR C 284 35.18 11.62 3.13
N PRO C 285 35.41 10.56 2.35
CA PRO C 285 36.75 10.36 1.78
C PRO C 285 37.19 11.48 0.85
N LYS C 286 36.28 12.01 0.03
CA LYS C 286 36.63 13.10 -0.87
C LYS C 286 36.68 14.45 -0.15
N HIS C 287 36.32 14.50 1.12
CA HIS C 287 36.31 15.74 1.90
C HIS C 287 36.93 15.44 3.27
N LEU C 288 38.26 15.41 3.32
CA LEU C 288 38.96 15.20 4.58
C LEU C 288 40.25 15.99 4.71
N GLN C 289 40.62 16.81 3.73
CA GLN C 289 41.83 17.61 3.82
C GLN C 289 41.70 18.78 4.78
N ALA C 290 40.48 19.11 5.21
CA ALA C 290 40.25 20.21 6.14
C ALA C 290 39.87 19.71 7.53
N GLY C 291 38.81 18.89 7.62
CA GLY C 291 38.38 18.35 8.89
C GLY C 291 36.90 18.52 9.14
N MET C 292 36.21 17.42 9.46
CA MET C 292 34.77 17.46 9.72
C MET C 292 34.42 16.27 10.60
N GLN C 293 34.40 16.50 11.91
CA GLN C 293 34.09 15.46 12.88
C GLN C 293 33.06 15.98 13.87
N ALA C 294 32.30 15.05 14.44
CA ALA C 294 31.29 15.38 15.44
C ALA C 294 30.99 14.15 16.27
N TYR C 295 30.36 14.37 17.43
CA TYR C 295 30.05 13.30 18.36
C TYR C 295 28.69 13.58 18.99
N ILE C 296 28.26 12.69 19.88
CA ILE C 296 27.02 12.84 20.63
C ILE C 296 27.35 12.78 22.11
N ASP C 297 26.82 13.74 22.87
CA ASP C 297 27.02 13.81 24.31
C ASP C 297 25.67 13.53 24.98
N ILE C 298 25.48 12.29 25.40
CA ILE C 298 24.24 11.85 26.04
C ILE C 298 24.48 11.82 27.54
N LYS C 299 23.79 12.70 28.27
CA LYS C 299 23.87 12.71 29.73
C LYS C 299 22.74 11.87 30.31
N ASN C 300 22.14 12.34 31.41
CA ASN C 300 21.06 11.60 32.06
C ASN C 300 20.24 12.58 32.89
N CYS C 301 19.03 12.89 32.43
CA CYS C 301 18.08 13.71 33.18
C CYS C 301 16.83 12.88 33.44
N PRO C 302 16.63 12.37 34.66
CA PRO C 302 15.45 11.52 34.92
C PRO C 302 14.15 12.31 34.86
N LYS C 303 13.39 12.13 33.78
CA LYS C 303 12.11 12.80 33.59
C LYS C 303 10.97 11.80 33.39
N LYS C 304 11.07 10.95 32.37
CA LYS C 304 10.04 9.96 32.08
C LYS C 304 10.68 8.61 31.83
N THR C 305 9.95 7.55 32.14
CA THR C 305 10.41 6.17 31.96
C THR C 305 9.43 5.44 31.06
N ARG C 306 9.95 4.85 29.98
CA ARG C 306 9.12 4.12 29.04
C ARG C 306 8.97 2.67 29.48
N ASN C 307 8.13 1.92 28.78
CA ASN C 307 7.90 0.50 29.03
C ASN C 307 8.84 -0.38 28.21
N LEU C 308 10.09 0.04 28.05
CA LEU C 308 11.04 -0.72 27.25
C LEU C 308 11.55 -1.92 28.05
N LYS C 309 11.18 -3.12 27.61
CA LYS C 309 11.60 -4.36 28.25
C LYS C 309 12.94 -4.79 27.65
N LYS C 310 13.83 -5.27 28.51
CA LYS C 310 15.19 -5.63 28.09
C LYS C 310 15.21 -6.86 27.18
N ILE C 311 14.82 -8.00 27.71
CA ILE C 311 14.73 -9.25 26.95
C ILE C 311 13.40 -9.27 26.22
N THR C 312 13.14 -10.35 25.47
CA THR C 312 11.89 -10.50 24.74
C THR C 312 10.81 -10.87 25.76
N ARG C 313 9.55 -10.69 25.36
CA ARG C 313 8.44 -10.83 26.28
C ARG C 313 8.04 -12.29 26.47
N GLU C 314 8.85 -13.04 27.23
CA GLU C 314 8.47 -14.35 27.72
C GLU C 314 8.23 -15.36 26.60
N GLN C 315 9.18 -15.51 25.68
CA GLN C 315 9.03 -16.48 24.61
C GLN C 315 10.36 -16.72 23.88
N ARG C 316 11.17 -15.67 23.74
CA ARG C 316 12.41 -15.75 22.97
C ARG C 316 13.62 -15.38 23.84
N ARG C 317 14.59 -16.28 23.88
CA ARG C 317 15.84 -16.02 24.59
C ARG C 317 17.02 -16.61 23.84
N HIS C 318 17.07 -17.94 23.75
CA HIS C 318 18.12 -18.65 23.02
C HIS C 318 19.50 -18.32 23.59
N MET C 319 19.64 -18.49 24.89
CA MET C 319 20.92 -18.26 25.56
C MET C 319 21.88 -19.37 25.18
N LYS C 320 22.84 -19.06 24.31
CA LYS C 320 23.79 -20.03 23.80
C LYS C 320 25.21 -19.58 24.08
N ARG C 321 26.12 -20.55 24.18
CA ARG C 321 27.54 -20.30 24.39
C ARG C 321 28.24 -20.30 23.04
N TRP C 322 27.94 -19.28 22.24
CA TRP C 322 28.48 -19.13 20.88
C TRP C 322 29.10 -17.74 20.77
N GLU C 323 30.40 -17.65 20.99
CA GLU C 323 31.14 -16.40 20.86
C GLU C 323 31.97 -16.43 19.60
N TYR C 324 31.87 -15.36 18.81
CA TYR C 324 32.59 -15.30 17.54
C TYR C 324 34.08 -15.09 17.79
N PHE C 325 34.89 -16.06 17.39
CA PHE C 325 36.34 -15.99 17.56
C PHE C 325 36.94 -15.31 16.33
N ILE C 326 37.69 -14.23 16.55
CA ILE C 326 38.34 -13.49 15.49
C ILE C 326 39.80 -13.27 15.88
N ALA C 327 40.71 -13.75 15.05
CA ALA C 327 42.15 -13.57 15.27
C ALA C 327 42.73 -12.85 14.06
N ALA C 328 43.31 -11.67 14.30
CA ALA C 328 43.89 -10.86 13.24
C ALA C 328 45.20 -11.49 12.78
N GLU C 329 45.06 -12.54 11.97
CA GLU C 329 46.22 -13.24 11.45
C GLU C 329 46.78 -12.56 10.21
N GLU C 330 47.96 -13.00 9.80
CA GLU C 330 48.64 -12.49 8.61
C GLU C 330 48.85 -13.58 7.57
N VAL C 331 47.79 -14.34 7.26
CA VAL C 331 47.91 -15.43 6.31
C VAL C 331 48.22 -14.88 4.92
N ILE C 332 48.88 -15.70 4.11
CA ILE C 332 49.28 -15.30 2.76
C ILE C 332 48.04 -15.12 1.88
N TRP C 333 47.64 -13.88 1.69
CA TRP C 333 46.52 -13.54 0.83
C TRP C 333 46.96 -12.45 -0.15
N ASP C 334 46.55 -12.60 -1.41
CA ASP C 334 46.96 -11.70 -2.47
C ASP C 334 45.73 -11.16 -3.19
N TYR C 335 45.96 -10.24 -4.12
CA TYR C 335 44.87 -9.70 -4.92
C TYR C 335 44.29 -10.77 -5.85
N ALA C 336 45.15 -11.59 -6.44
CA ALA C 336 44.68 -12.67 -7.29
C ALA C 336 44.25 -13.87 -6.45
N PRO C 337 43.21 -14.58 -6.87
CA PRO C 337 42.76 -15.75 -6.10
C PRO C 337 43.79 -16.86 -6.11
N VAL C 338 43.60 -17.81 -5.18
CA VAL C 338 44.44 -19.00 -5.13
C VAL C 338 44.21 -19.81 -6.39
N ILE C 339 45.22 -19.85 -7.26
CA ILE C 339 45.13 -20.44 -8.59
C ILE C 339 44.00 -19.75 -9.34
N PRO C 340 44.27 -18.65 -10.04
CA PRO C 340 43.20 -17.91 -10.71
C PRO C 340 42.60 -18.68 -11.87
N ALA C 341 41.33 -18.40 -12.15
CA ALA C 341 40.61 -19.06 -13.24
C ALA C 341 40.83 -18.37 -14.58
N ASN C 342 40.63 -17.05 -14.62
CA ASN C 342 40.81 -16.28 -15.84
C ASN C 342 42.25 -15.81 -16.06
N MET C 343 43.20 -16.35 -15.28
CA MET C 343 44.61 -16.02 -15.40
C MET C 343 44.85 -14.54 -15.20
N ASP C 344 44.98 -14.10 -13.95
CA ASP C 344 45.26 -12.70 -13.64
C ASP C 344 46.77 -12.47 -13.67
N LYS C 345 47.30 -12.47 -14.91
CA LYS C 345 48.73 -12.31 -15.11
C LYS C 345 49.25 -10.96 -14.64
N LYS C 346 48.39 -9.95 -14.54
CA LYS C 346 48.83 -8.64 -14.10
C LYS C 346 49.31 -8.66 -12.66
N TYR C 347 48.79 -9.58 -11.85
CA TYR C 347 49.21 -9.71 -10.46
C TYR C 347 49.83 -11.06 -10.13
N ARG C 348 49.54 -12.11 -10.89
CA ARG C 348 50.13 -13.42 -10.62
C ARG C 348 51.63 -13.41 -10.90
N SER C 349 52.01 -13.01 -12.11
CA SER C 349 53.42 -12.99 -12.52
C SER C 349 54.04 -11.61 -12.34
N GLN C 350 53.75 -10.94 -11.22
CA GLN C 350 54.32 -9.62 -10.97
C GLN C 350 54.44 -9.35 -9.49
N HIS C 351 53.38 -9.62 -8.72
CA HIS C 351 53.39 -9.36 -7.28
C HIS C 351 52.96 -10.55 -6.42
N LEU C 352 52.39 -11.61 -7.00
CA LEU C 352 51.91 -12.72 -6.18
C LEU C 352 53.07 -13.50 -5.56
N ASP C 353 54.17 -13.67 -6.29
CA ASP C 353 55.32 -14.41 -5.77
C ASP C 353 56.62 -13.69 -6.08
N ASN C 354 57.69 -14.44 -6.31
CA ASN C 354 59.00 -13.86 -6.62
C ASN C 354 59.16 -13.53 -8.09
N PHE C 355 58.09 -13.53 -8.86
CA PHE C 355 58.17 -13.20 -10.28
C PHE C 355 58.41 -11.71 -10.46
N SER C 356 59.21 -11.36 -11.47
CA SER C 356 59.55 -9.98 -11.82
C SER C 356 60.36 -9.29 -10.71
N ASN C 357 60.66 -10.04 -9.64
CA ASN C 357 61.46 -9.53 -8.52
C ASN C 357 60.89 -8.24 -7.96
N GLN C 358 59.63 -8.27 -7.54
CA GLN C 358 58.98 -7.09 -7.00
C GLN C 358 58.79 -7.21 -5.49
N ILE C 359 57.58 -7.60 -5.06
CA ILE C 359 57.27 -7.70 -3.64
C ILE C 359 57.73 -9.06 -3.12
N GLY C 360 56.96 -10.10 -3.42
CA GLY C 360 57.29 -11.44 -2.98
C GLY C 360 56.04 -12.27 -2.82
N LYS C 361 56.13 -13.28 -1.96
CA LYS C 361 55.02 -14.19 -1.70
C LYS C 361 54.44 -14.02 -0.29
N HIS C 362 55.30 -13.82 0.71
CA HIS C 362 54.85 -13.67 2.09
C HIS C 362 54.35 -12.24 2.29
N TYR C 363 53.04 -12.09 2.48
CA TYR C 363 52.41 -10.81 2.72
C TYR C 363 51.93 -10.73 4.16
N LYS C 364 51.34 -9.57 4.51
CA LYS C 364 50.80 -9.35 5.84
C LYS C 364 49.37 -8.83 5.78
N LYS C 365 48.61 -9.22 4.76
CA LYS C 365 47.22 -8.77 4.63
C LYS C 365 46.37 -9.41 5.71
N VAL C 366 45.86 -8.61 6.64
CA VAL C 366 45.05 -9.10 7.73
C VAL C 366 43.59 -9.18 7.28
N MET C 367 42.92 -10.26 7.67
CA MET C 367 41.54 -10.49 7.31
C MET C 367 40.75 -10.90 8.55
N TYR C 368 39.53 -10.38 8.68
CA TYR C 368 38.66 -10.71 9.81
C TYR C 368 37.83 -11.94 9.42
N THR C 369 38.07 -13.04 10.12
CA THR C 369 37.38 -14.29 9.82
C THR C 369 36.43 -14.67 10.96
N GLN C 370 36.22 -15.97 11.16
CA GLN C 370 35.34 -16.45 12.22
C GLN C 370 35.68 -17.91 12.48
N TYR C 371 36.23 -18.19 13.65
CA TYR C 371 36.63 -19.54 14.02
C TYR C 371 35.47 -20.30 14.65
N GLU C 372 35.72 -21.57 14.96
CA GLU C 372 34.71 -22.44 15.54
C GLU C 372 35.03 -22.87 16.96
N ASP C 373 36.23 -22.58 17.46
CA ASP C 373 36.63 -22.96 18.82
C ASP C 373 37.69 -21.98 19.30
N GLU C 374 38.25 -22.25 20.47
CA GLU C 374 39.30 -21.42 21.05
C GLU C 374 40.69 -21.89 20.62
N SER C 375 41.01 -21.71 19.35
CA SER C 375 42.28 -22.14 18.79
C SER C 375 43.07 -21.00 18.15
N PHE C 376 42.37 -20.06 17.49
CA PHE C 376 43.00 -18.92 16.83
C PHE C 376 44.04 -19.36 15.80
N THR C 377 43.79 -20.48 15.13
CA THR C 377 44.69 -20.97 14.09
C THR C 377 43.99 -21.65 12.93
N LYS C 378 42.75 -22.11 13.08
CA LYS C 378 42.00 -22.73 11.99
C LYS C 378 40.52 -22.55 12.26
N HIS C 379 39.78 -22.10 11.25
CA HIS C 379 38.35 -21.85 11.39
C HIS C 379 37.56 -23.13 11.21
N THR C 380 36.43 -23.05 10.51
CA THR C 380 35.68 -24.27 10.19
C THR C 380 36.48 -25.17 9.26
N VAL C 381 37.28 -24.57 8.38
CA VAL C 381 38.20 -25.30 7.51
C VAL C 381 39.58 -24.67 7.64
N ASN C 382 40.56 -25.32 7.03
CA ASN C 382 41.92 -24.79 7.07
C ASN C 382 42.08 -23.50 6.27
N PRO C 383 41.62 -23.41 4.99
CA PRO C 383 41.71 -22.12 4.30
C PRO C 383 40.59 -21.17 4.70
N ASN C 384 39.78 -20.76 3.73
CA ASN C 384 38.64 -19.88 3.95
C ASN C 384 37.39 -20.57 3.43
N MET C 385 36.26 -19.87 3.53
CA MET C 385 34.97 -20.39 3.07
C MET C 385 34.74 -20.15 1.58
N LYS C 386 35.76 -19.68 0.85
CA LYS C 386 35.70 -19.48 -0.60
C LYS C 386 34.69 -18.42 -1.00
N GLU C 387 33.45 -18.54 -0.53
CA GLU C 387 32.39 -17.62 -0.93
C GLU C 387 32.59 -16.20 -0.41
N ASP C 388 33.57 -15.97 0.47
CA ASP C 388 33.81 -14.62 0.98
C ASP C 388 35.22 -14.17 0.70
N GLY C 389 36.17 -15.10 0.72
CA GLY C 389 37.56 -14.74 0.49
C GLY C 389 38.11 -13.92 1.64
N ILE C 390 38.67 -12.75 1.31
CA ILE C 390 39.17 -11.86 2.35
C ILE C 390 38.03 -11.14 3.06
N LEU C 391 36.85 -11.11 2.46
CA LEU C 391 35.70 -10.49 3.10
C LEU C 391 35.21 -11.34 4.27
N GLY C 392 34.52 -10.70 5.21
CA GLY C 392 33.99 -11.38 6.36
C GLY C 392 32.96 -12.43 5.98
N PRO C 393 32.90 -13.51 6.76
CA PRO C 393 31.96 -14.60 6.43
C PRO C 393 30.52 -14.27 6.80
N ILE C 394 29.74 -15.30 7.10
CA ILE C 394 28.33 -15.15 7.43
C ILE C 394 28.19 -15.04 8.94
N ILE C 395 27.61 -13.94 9.40
CA ILE C 395 27.39 -13.70 10.83
C ILE C 395 25.95 -13.21 11.01
N ARG C 396 25.19 -13.89 11.85
CA ARG C 396 23.81 -13.55 12.12
C ARG C 396 23.64 -13.22 13.60
N ALA C 397 22.77 -12.26 13.89
CA ALA C 397 22.50 -11.81 15.24
C ALA C 397 21.03 -12.03 15.58
N GLN C 398 20.75 -12.22 16.86
CA GLN C 398 19.40 -12.44 17.35
C GLN C 398 19.34 -12.01 18.82
N VAL C 399 18.27 -12.41 19.50
CA VAL C 399 18.14 -12.11 20.92
C VAL C 399 19.12 -12.97 21.71
N ARG C 400 19.88 -12.32 22.60
CA ARG C 400 20.96 -12.98 23.35
C ARG C 400 21.89 -13.75 22.41
N ASP C 401 22.29 -13.13 21.31
CA ASP C 401 23.22 -13.77 20.39
C ASP C 401 24.61 -13.94 20.98
N THR C 402 24.89 -13.28 22.11
CA THR C 402 26.18 -13.32 22.80
C THR C 402 27.31 -12.94 21.84
N LEU C 403 27.18 -11.74 21.29
CA LEU C 403 28.18 -11.20 20.38
C LEU C 403 29.47 -10.90 21.14
N LYS C 404 30.16 -11.94 21.58
CA LYS C 404 31.39 -11.80 22.36
C LYS C 404 32.57 -12.00 21.41
N ILE C 405 32.94 -10.92 20.72
CA ILE C 405 34.03 -10.95 19.76
C ILE C 405 35.36 -11.13 20.49
N VAL C 406 35.80 -12.38 20.62
CA VAL C 406 37.08 -12.69 21.25
C VAL C 406 38.19 -12.30 20.28
N PHE C 407 38.56 -11.02 20.25
CA PHE C 407 39.56 -10.52 19.33
C PHE C 407 40.93 -10.63 19.95
N LYS C 408 41.85 -11.30 19.25
CA LYS C 408 43.23 -11.45 19.67
C LYS C 408 44.13 -11.10 18.49
N ASN C 409 44.71 -9.90 18.52
CA ASN C 409 45.59 -9.47 17.44
C ASN C 409 46.92 -10.20 17.50
N MET C 410 47.52 -10.42 16.33
CA MET C 410 48.81 -11.08 16.27
C MET C 410 49.63 -10.68 15.04
N ALA C 411 49.44 -9.47 14.51
CA ALA C 411 50.18 -9.03 13.35
C ALA C 411 51.29 -8.05 13.73
N SER C 412 51.14 -6.78 13.34
CA SER C 412 52.15 -5.78 13.66
C SER C 412 51.54 -4.42 14.00
N ARG C 413 50.22 -4.34 14.12
CA ARG C 413 49.54 -3.09 14.46
C ARG C 413 48.29 -3.43 15.26
N PRO C 414 48.04 -2.71 16.35
CA PRO C 414 46.84 -3.00 17.16
C PRO C 414 45.55 -2.73 16.40
N TYR C 415 44.75 -3.78 16.20
CA TYR C 415 43.47 -3.70 15.51
C TYR C 415 42.33 -3.94 16.49
N SER C 416 41.10 -3.89 15.96
CA SER C 416 39.92 -4.12 16.79
C SER C 416 38.78 -4.56 15.89
N ILE C 417 37.55 -4.17 16.24
CA ILE C 417 36.37 -4.53 15.48
C ILE C 417 35.25 -3.56 15.84
N TYR C 418 34.37 -3.29 14.88
CA TYR C 418 33.26 -2.38 15.11
C TYR C 418 32.12 -2.64 14.14
N PRO C 419 31.01 -3.19 14.60
CA PRO C 419 29.83 -3.33 13.73
C PRO C 419 29.13 -1.99 13.52
N HIS C 420 28.52 -1.86 12.35
CA HIS C 420 27.90 -0.60 11.94
C HIS C 420 26.60 -0.39 12.71
N GLY C 421 26.58 0.58 13.61
CA GLY C 421 25.38 0.94 14.34
C GLY C 421 24.91 -0.10 15.33
N VAL C 422 25.71 -0.35 16.37
CA VAL C 422 25.36 -1.30 17.42
C VAL C 422 25.70 -0.68 18.77
N THR C 423 24.76 -0.81 19.72
CA THR C 423 24.97 -0.32 21.08
C THR C 423 25.58 -1.44 21.91
N PHE C 424 26.65 -1.13 22.62
CA PHE C 424 27.39 -2.10 23.41
C PHE C 424 27.16 -1.85 24.91
N SER C 425 28.11 -2.33 25.74
CA SER C 425 28.18 -2.26 27.19
C SER C 425 29.18 -1.20 27.63
N PRO C 426 28.97 -0.58 28.78
CA PRO C 426 29.95 0.40 29.29
C PRO C 426 31.30 -0.21 29.62
N TYR C 427 31.43 -1.53 29.66
CA TYR C 427 32.69 -2.18 30.00
C TYR C 427 33.55 -2.44 28.76
N GLU C 428 32.95 -2.92 27.69
CA GLU C 428 33.67 -3.24 26.46
C GLU C 428 33.43 -2.15 25.41
N ASP C 429 34.45 -1.89 24.59
CA ASP C 429 34.38 -0.82 23.62
C ASP C 429 33.73 -1.27 22.32
N GLU C 430 34.54 -1.82 21.41
CA GLU C 430 34.08 -2.28 20.09
C GLU C 430 33.49 -1.13 19.27
N VAL C 431 33.95 0.10 19.55
CA VAL C 431 33.46 1.28 18.83
C VAL C 431 34.48 2.40 19.03
N ASN C 432 34.76 3.13 17.95
CA ASN C 432 35.70 4.24 18.01
C ASN C 432 35.13 5.38 18.85
N SER C 433 35.13 5.21 20.17
CA SER C 433 34.57 6.19 21.09
C SER C 433 35.67 6.84 21.90
N SER C 434 35.49 8.11 22.23
CA SER C 434 36.40 8.85 23.09
C SER C 434 35.92 8.90 24.53
N PHE C 435 34.90 8.11 24.88
CA PHE C 435 34.37 8.09 26.24
C PHE C 435 35.32 7.39 27.20
N THR C 436 36.16 8.16 27.88
CA THR C 436 37.12 7.63 28.85
C THR C 436 36.76 8.19 30.21
N SER C 437 35.93 7.45 30.95
CA SER C 437 35.50 7.87 32.27
C SER C 437 36.16 7.04 33.36
N GLY C 438 35.39 6.59 34.34
CA GLY C 438 35.93 5.78 35.40
C GLY C 438 36.21 4.36 34.96
N ARG C 439 36.74 3.57 35.90
CA ARG C 439 37.07 2.18 35.60
C ARG C 439 35.81 1.35 35.37
N ASN C 440 34.68 1.76 35.95
CA ASN C 440 33.45 1.01 35.76
C ASN C 440 32.92 1.14 34.34
N ASN C 441 32.96 2.36 33.78
CA ASN C 441 32.44 2.63 32.45
C ASN C 441 33.54 2.95 31.44
N THR C 442 34.71 2.32 31.58
CA THR C 442 35.79 2.55 30.63
C THR C 442 35.62 1.64 29.41
N MET C 443 36.11 2.11 28.27
CA MET C 443 36.02 1.36 27.02
C MET C 443 37.25 1.65 26.18
N ILE C 444 38.07 0.62 25.96
CA ILE C 444 39.30 0.73 25.18
C ILE C 444 39.32 -0.41 24.18
N ARG C 445 39.45 -0.08 22.89
CA ARG C 445 39.49 -1.07 21.83
C ARG C 445 40.91 -1.38 21.38
N ALA C 446 41.92 -0.77 21.99
CA ALA C 446 43.31 -1.01 21.62
C ALA C 446 43.71 -2.43 22.00
N VAL C 447 43.80 -3.31 21.01
CA VAL C 447 44.17 -4.71 21.22
C VAL C 447 45.55 -4.90 20.60
N GLN C 448 46.58 -4.92 21.43
CA GLN C 448 47.94 -5.07 20.95
C GLN C 448 48.15 -6.47 20.36
N PRO C 449 49.06 -6.61 19.41
CA PRO C 449 49.34 -7.94 18.84
C PRO C 449 49.92 -8.87 19.89
N GLY C 450 49.15 -9.92 20.22
CA GLY C 450 49.50 -10.88 21.25
C GLY C 450 48.53 -10.90 22.41
N GLU C 451 47.91 -9.76 22.72
CA GLU C 451 46.93 -9.67 23.78
C GLU C 451 45.53 -9.93 23.24
N THR C 452 44.71 -10.59 24.05
CA THR C 452 43.34 -10.93 23.67
C THR C 452 42.35 -10.12 24.48
N TYR C 453 41.24 -9.76 23.84
CA TYR C 453 40.18 -9.01 24.48
C TYR C 453 38.85 -9.41 23.87
N THR C 454 37.85 -9.61 24.72
CA THR C 454 36.52 -10.05 24.31
C THR C 454 35.52 -8.92 24.55
N TYR C 455 34.83 -8.52 23.49
CA TYR C 455 33.81 -7.47 23.58
C TYR C 455 32.47 -8.14 23.88
N LYS C 456 32.12 -8.22 25.16
CA LYS C 456 30.92 -8.92 25.60
C LYS C 456 29.74 -7.95 25.61
N TRP C 457 28.66 -8.35 24.93
CA TRP C 457 27.42 -7.59 24.93
C TRP C 457 26.29 -8.50 24.46
N ASN C 458 25.11 -8.30 25.04
CA ASN C 458 23.95 -9.13 24.74
C ASN C 458 23.01 -8.38 23.80
N ILE C 459 23.00 -8.78 22.53
CA ILE C 459 22.08 -8.22 21.55
C ILE C 459 20.69 -8.78 21.83
N LEU C 460 19.72 -7.88 22.06
CA LEU C 460 18.38 -8.30 22.46
C LEU C 460 17.33 -7.76 21.48
N GLU C 461 16.11 -7.57 21.98
CA GLU C 461 15.01 -7.14 21.12
C GLU C 461 15.03 -5.64 20.83
N PHE C 462 15.81 -4.86 21.55
CA PHE C 462 15.94 -3.43 21.29
C PHE C 462 17.04 -3.13 20.27
N ASP C 463 17.48 -4.14 19.53
CA ASP C 463 18.52 -3.99 18.51
C ASP C 463 18.04 -4.52 17.16
N GLU C 464 16.72 -4.57 16.95
CA GLU C 464 16.17 -5.09 15.71
C GLU C 464 15.48 -3.96 14.94
N PRO C 465 15.43 -4.06 13.60
CA PRO C 465 14.79 -2.99 12.81
C PRO C 465 13.28 -3.01 12.88
N THR C 466 12.63 -2.52 11.82
CA THR C 466 11.17 -2.42 11.79
C THR C 466 10.52 -3.74 11.37
N GLU C 467 9.39 -3.65 10.69
CA GLU C 467 8.66 -4.84 10.26
C GLU C 467 8.43 -4.83 8.75
N ASN C 468 8.28 -3.62 8.18
CA ASN C 468 7.99 -3.51 6.75
C ASN C 468 9.23 -3.77 5.89
N ASP C 469 10.42 -3.50 6.41
CA ASP C 469 11.64 -3.69 5.64
C ASP C 469 12.01 -5.16 5.54
N ALA C 470 13.20 -5.45 5.01
CA ALA C 470 13.64 -6.83 4.87
C ALA C 470 13.95 -7.43 6.24
N GLN C 471 14.23 -8.73 6.26
CA GLN C 471 14.51 -9.44 7.49
C GLN C 471 15.82 -8.99 8.11
N CYS C 472 16.93 -9.38 7.50
CA CYS C 472 18.26 -9.06 8.00
C CYS C 472 18.80 -7.83 7.28
N LEU C 473 19.09 -6.78 8.03
CA LEU C 473 19.62 -5.53 7.48
C LEU C 473 21.13 -5.65 7.31
N THR C 474 21.65 -5.09 6.23
CA THR C 474 23.08 -5.16 5.92
C THR C 474 23.80 -4.01 6.60
N ARG C 475 24.74 -4.33 7.48
CA ARG C 475 25.56 -3.34 8.18
C ARG C 475 27.01 -3.79 8.12
N PRO C 476 27.80 -3.28 7.18
CA PRO C 476 29.20 -3.72 7.07
C PRO C 476 30.03 -3.21 8.22
N TYR C 477 30.81 -4.11 8.83
CA TYR C 477 31.68 -3.77 9.94
C TYR C 477 33.11 -3.53 9.45
N TYR C 478 33.86 -2.79 10.26
CA TYR C 478 35.25 -2.48 9.94
C TYR C 478 35.96 -2.07 11.23
N SER C 479 37.28 -1.93 11.14
CA SER C 479 38.08 -1.61 12.31
C SER C 479 37.80 -0.17 12.77
N ASP C 480 37.75 0.01 14.08
CA ASP C 480 37.50 1.31 14.68
C ASP C 480 38.75 2.03 15.13
N VAL C 481 39.90 1.37 15.18
CA VAL C 481 41.14 2.06 15.50
C VAL C 481 41.51 3.05 14.41
N ASP C 482 41.51 2.60 13.16
CA ASP C 482 41.73 3.46 12.00
C ASP C 482 40.44 3.57 11.20
N ILE C 483 40.34 4.62 10.40
CA ILE C 483 39.14 4.91 9.62
C ILE C 483 39.29 4.51 8.17
N MET C 484 40.25 5.12 7.45
CA MET C 484 40.36 4.94 6.02
C MET C 484 41.46 3.97 5.59
N ARG C 485 42.45 3.70 6.45
CA ARG C 485 43.57 2.87 6.03
C ARG C 485 43.29 1.39 6.28
N ASP C 486 42.55 1.07 7.34
CA ASP C 486 42.23 -0.33 7.62
C ASP C 486 41.26 -0.93 6.62
N ILE C 487 40.41 -0.11 5.99
CA ILE C 487 39.49 -0.62 4.99
C ILE C 487 40.24 -1.12 3.77
N ALA C 488 41.32 -0.44 3.40
CA ALA C 488 42.12 -0.85 2.25
C ALA C 488 42.92 -2.11 2.52
N SER C 489 43.17 -2.45 3.79
CA SER C 489 43.95 -3.62 4.16
C SER C 489 43.10 -4.88 4.27
N GLY C 490 41.85 -4.83 3.83
CA GLY C 490 41.00 -6.00 3.90
C GLY C 490 40.32 -6.21 5.24
N LEU C 491 40.11 -5.15 6.01
CA LEU C 491 39.46 -5.28 7.31
C LEU C 491 38.03 -4.76 7.24
N ILE C 492 37.19 -5.44 6.47
CA ILE C 492 35.80 -5.04 6.30
C ILE C 492 34.97 -6.30 6.02
N GLY C 493 33.75 -6.32 6.54
CA GLY C 493 32.85 -7.44 6.32
C GLY C 493 31.41 -7.02 6.19
N LEU C 494 30.50 -7.77 6.81
CA LEU C 494 29.08 -7.44 6.78
C LEU C 494 28.38 -8.14 7.93
N LEU C 495 27.45 -7.43 8.55
CA LEU C 495 26.68 -7.94 9.68
C LEU C 495 25.19 -7.97 9.32
N LEU C 496 24.51 -9.00 9.80
CA LEU C 496 23.07 -9.18 9.56
C LEU C 496 22.31 -8.83 10.83
N ILE C 497 21.81 -7.60 10.89
CA ILE C 497 20.95 -7.17 12.00
C ILE C 497 19.52 -7.55 11.60
N CYS C 498 19.12 -8.76 11.99
CA CYS C 498 17.85 -9.32 11.55
C CYS C 498 16.72 -8.86 12.47
N LYS C 499 15.49 -9.20 12.07
CA LYS C 499 14.29 -8.81 12.81
C LYS C 499 14.01 -9.79 13.95
N SER C 500 12.74 -10.03 14.22
CA SER C 500 12.31 -10.93 15.30
C SER C 500 11.94 -12.31 14.79
N ARG C 501 12.76 -12.91 13.92
CA ARG C 501 12.50 -14.26 13.40
C ARG C 501 13.46 -15.26 14.05
N SER C 502 13.57 -15.16 15.37
CA SER C 502 14.44 -16.05 16.15
C SER C 502 13.63 -17.30 16.49
N LEU C 503 13.92 -18.39 15.77
CA LEU C 503 13.21 -19.64 16.01
C LEU C 503 13.94 -20.51 17.02
N ASP C 504 15.21 -20.83 16.74
CA ASP C 504 16.01 -21.68 17.61
C ASP C 504 17.24 -20.88 18.05
N ARG C 505 18.33 -21.59 18.33
CA ARG C 505 19.57 -20.93 18.73
C ARG C 505 20.23 -20.17 17.59
N ARG C 506 19.94 -20.54 16.34
CA ARG C 506 20.50 -19.88 15.18
C ARG C 506 19.51 -18.96 14.48
N GLY C 507 18.22 -19.09 14.75
CA GLY C 507 17.23 -18.26 14.12
C GLY C 507 16.91 -18.70 12.70
N ILE C 508 15.86 -19.51 12.55
CA ILE C 508 15.48 -20.01 11.23
C ILE C 508 14.89 -18.87 10.41
N GLN C 509 15.53 -18.55 9.30
CA GLN C 509 15.08 -17.48 8.41
C GLN C 509 13.83 -17.94 7.68
N ARG C 510 12.67 -17.60 8.24
CA ARG C 510 11.40 -17.98 7.62
C ARG C 510 11.18 -17.16 6.35
N ALA C 511 10.64 -17.83 5.33
CA ALA C 511 10.38 -17.22 4.02
C ALA C 511 11.65 -16.61 3.43
N ALA C 512 12.78 -17.27 3.63
CA ALA C 512 14.07 -16.82 3.11
C ALA C 512 14.89 -18.03 2.71
N ASP C 513 16.14 -17.77 2.29
CA ASP C 513 17.03 -18.84 1.87
C ASP C 513 18.48 -18.47 2.17
N ILE C 514 19.34 -18.54 1.15
CA ILE C 514 20.75 -18.22 1.31
C ILE C 514 20.96 -16.72 1.06
N GLU C 515 22.20 -16.32 0.82
CA GLU C 515 22.54 -14.92 0.64
C GLU C 515 23.62 -14.79 -0.44
N GLN C 516 23.43 -13.82 -1.32
CA GLN C 516 24.40 -13.51 -2.38
C GLN C 516 24.71 -12.02 -2.31
N GLN C 517 25.96 -11.69 -2.04
CA GLN C 517 26.39 -10.30 -1.91
C GLN C 517 27.18 -9.87 -3.14
N ALA C 518 27.58 -8.61 -3.16
CA ALA C 518 28.35 -8.06 -4.26
C ALA C 518 29.11 -6.84 -3.75
N VAL C 519 30.43 -6.95 -3.64
CA VAL C 519 31.27 -5.87 -3.14
C VAL C 519 32.24 -5.45 -4.24
N PHE C 520 32.53 -4.15 -4.30
CA PHE C 520 33.47 -3.61 -5.29
C PHE C 520 34.17 -2.42 -4.63
N ALA C 521 35.28 -2.70 -3.97
CA ALA C 521 36.06 -1.69 -3.27
C ALA C 521 37.37 -1.45 -4.03
N VAL C 522 37.59 -0.19 -4.42
CA VAL C 522 38.79 0.20 -5.14
C VAL C 522 39.72 0.88 -4.14
N PHE C 523 40.85 0.23 -3.84
CA PHE C 523 41.82 0.75 -2.89
C PHE C 523 43.22 0.69 -3.49
N ASP C 524 44.19 1.16 -2.71
CA ASP C 524 45.57 1.23 -3.14
C ASP C 524 46.49 0.73 -2.03
N GLU C 525 47.69 0.28 -2.43
CA GLU C 525 48.66 -0.19 -1.45
C GLU C 525 49.16 0.94 -0.56
N ASN C 526 49.24 2.16 -1.10
CA ASN C 526 49.65 3.30 -0.28
C ASN C 526 48.59 3.66 0.75
N LYS C 527 47.34 3.29 0.51
CA LYS C 527 46.29 3.57 1.49
C LYS C 527 46.34 2.60 2.65
N SER C 528 46.73 1.35 2.42
CA SER C 528 46.81 0.37 3.48
C SER C 528 47.98 0.67 4.41
N TRP C 529 47.89 0.14 5.63
CA TRP C 529 48.96 0.31 6.61
C TRP C 529 50.21 -0.49 6.26
N TYR C 530 50.08 -1.57 5.52
CA TYR C 530 51.23 -2.42 5.16
C TYR C 530 51.88 -1.94 3.87
N LEU C 531 52.10 -0.63 3.76
CA LEU C 531 52.83 -0.10 2.61
C LEU C 531 54.30 -0.51 2.65
N GLU C 532 54.84 -0.74 3.85
CA GLU C 532 56.23 -1.16 3.98
C GLU C 532 56.47 -2.56 3.45
N ASP C 533 55.43 -3.36 3.30
CA ASP C 533 55.56 -4.73 2.78
C ASP C 533 55.32 -4.77 1.27
N ASN C 534 55.96 -3.86 0.54
CA ASN C 534 55.75 -3.77 -0.90
C ASN C 534 57.05 -3.49 -1.65
N ILE C 535 57.64 -2.32 -1.42
CA ILE C 535 58.77 -1.85 -2.22
C ILE C 535 60.02 -1.57 -1.39
N ASN C 536 59.90 -1.47 -0.07
CA ASN C 536 61.05 -1.14 0.77
C ASN C 536 61.55 -2.35 1.57
N LYS C 537 60.75 -2.86 2.51
CA LYS C 537 61.20 -3.99 3.32
C LYS C 537 61.12 -5.30 2.52
N PHE C 538 59.90 -5.77 2.24
CA PHE C 538 59.71 -6.93 1.40
C PHE C 538 60.04 -6.61 -0.05
N CYS C 539 61.33 -6.49 -0.36
CA CYS C 539 61.78 -6.08 -1.69
C CYS C 539 63.06 -6.82 -2.02
N GLU C 540 63.27 -7.06 -3.32
CA GLU C 540 64.46 -7.73 -3.81
C GLU C 540 65.10 -7.02 -5.00
N ASN C 541 64.70 -5.78 -5.28
CA ASN C 541 65.28 -4.98 -6.36
C ASN C 541 65.56 -3.58 -5.84
N PRO C 542 66.63 -3.41 -5.05
CA PRO C 542 66.95 -2.07 -4.53
C PRO C 542 67.50 -1.13 -5.57
N ASP C 543 68.02 -1.64 -6.70
CA ASP C 543 68.57 -0.76 -7.72
C ASP C 543 67.48 -0.07 -8.52
N GLU C 544 66.35 -0.75 -8.75
CA GLU C 544 65.23 -0.18 -9.50
C GLU C 544 64.00 -0.20 -8.58
N VAL C 545 63.56 0.98 -8.16
CA VAL C 545 62.42 1.12 -7.27
C VAL C 545 61.18 1.41 -8.11
N LYS C 546 60.16 0.56 -7.98
CA LYS C 546 58.92 0.74 -8.72
C LYS C 546 58.08 1.86 -8.10
N ARG C 547 58.53 3.10 -8.23
CA ARG C 547 57.83 4.24 -7.70
C ARG C 547 57.90 5.39 -8.70
N ASP C 548 57.03 6.38 -8.51
CA ASP C 548 56.94 7.55 -9.38
C ASP C 548 56.68 7.14 -10.83
N ASP C 549 55.97 6.03 -11.02
CA ASP C 549 55.64 5.55 -12.36
C ASP C 549 54.19 5.10 -12.41
N PRO C 550 53.50 5.37 -13.53
CA PRO C 550 52.09 4.96 -13.63
C PRO C 550 51.88 3.46 -13.66
N LYS C 551 52.93 2.67 -13.93
CA LYS C 551 52.77 1.23 -14.01
C LYS C 551 52.49 0.63 -12.63
N PHE C 552 53.29 1.00 -11.63
CA PHE C 552 53.10 0.48 -10.29
C PHE C 552 51.88 1.09 -9.60
N TYR C 553 51.43 2.27 -10.04
CA TYR C 553 50.28 2.90 -9.41
C TYR C 553 48.99 2.17 -9.77
N GLU C 554 48.76 1.92 -11.06
CA GLU C 554 47.56 1.22 -11.49
C GLU C 554 47.60 -0.26 -11.12
N SER C 555 48.79 -0.80 -10.84
CA SER C 555 48.88 -2.20 -10.41
C SER C 555 48.27 -2.39 -9.02
N ASN C 556 48.21 -1.34 -8.21
CA ASN C 556 47.60 -1.40 -6.90
C ASN C 556 46.13 -0.97 -6.92
N ILE C 557 45.79 -0.03 -7.79
CA ILE C 557 44.40 0.39 -7.95
C ILE C 557 43.61 -0.74 -8.59
N MET C 558 42.91 -1.51 -7.77
CA MET C 558 42.17 -2.67 -8.25
C MET C 558 40.83 -2.74 -7.54
N SER C 559 39.83 -3.28 -8.24
CA SER C 559 38.50 -3.49 -7.69
C SER C 559 38.33 -4.98 -7.37
N THR C 560 38.09 -5.29 -6.11
CA THR C 560 38.01 -6.67 -5.65
C THR C 560 36.56 -7.05 -5.34
N ILE C 561 36.30 -8.35 -5.42
CA ILE C 561 35.00 -8.92 -5.07
C ILE C 561 35.22 -10.30 -4.47
N ASN C 562 34.75 -10.51 -3.24
CA ASN C 562 34.98 -11.74 -2.49
C ASN C 562 36.47 -12.06 -2.38
N GLY C 563 37.29 -11.02 -2.23
CA GLY C 563 38.73 -11.21 -2.21
C GLY C 563 39.35 -11.56 -3.53
N TYR C 564 38.59 -11.52 -4.62
CA TYR C 564 39.05 -11.88 -5.95
C TYR C 564 39.03 -10.63 -6.81
N VAL C 565 40.23 -10.11 -7.14
CA VAL C 565 40.31 -8.89 -7.94
C VAL C 565 39.85 -9.12 -9.39
N PRO C 566 40.34 -10.15 -10.12
CA PRO C 566 39.84 -10.33 -11.50
C PRO C 566 38.38 -10.72 -11.54
N GLU C 567 38.08 -12.01 -11.41
CA GLU C 567 36.71 -12.49 -11.42
C GLU C 567 36.51 -13.48 -10.27
N SER C 568 35.27 -13.57 -9.81
CA SER C 568 34.93 -14.48 -8.73
C SER C 568 34.83 -15.91 -9.23
N ILE C 569 34.87 -16.86 -8.29
CA ILE C 569 34.77 -18.27 -8.62
C ILE C 569 33.33 -18.77 -8.66
N THR C 570 32.37 -17.99 -8.17
CA THR C 570 30.97 -18.36 -8.15
C THR C 570 30.19 -17.57 -9.20
N THR C 571 29.04 -18.10 -9.58
CA THR C 571 28.17 -17.48 -10.56
C THR C 571 26.81 -17.16 -9.93
N LEU C 572 26.07 -16.28 -10.59
CA LEU C 572 24.74 -15.87 -10.14
C LEU C 572 23.64 -16.66 -10.83
N GLY C 573 23.83 -17.97 -10.98
CA GLY C 573 22.83 -18.80 -11.62
C GLY C 573 21.90 -19.46 -10.62
N PHE C 574 20.86 -18.75 -10.21
CA PHE C 574 19.90 -19.29 -9.25
C PHE C 574 18.81 -20.10 -9.96
N CYS C 575 17.64 -20.21 -9.36
CA CYS C 575 16.54 -20.98 -9.94
C CYS C 575 15.23 -20.48 -9.34
N PHE C 576 14.17 -21.26 -9.51
CA PHE C 576 12.85 -20.90 -9.02
C PHE C 576 12.75 -21.18 -7.52
N ASP C 577 11.82 -20.47 -6.87
CA ASP C 577 11.60 -20.58 -5.43
C ASP C 577 12.87 -20.26 -4.65
N ASP C 578 13.54 -19.19 -5.04
CA ASP C 578 14.77 -18.73 -4.38
C ASP C 578 14.47 -17.38 -3.74
N THR C 579 13.94 -17.40 -2.52
CA THR C 579 13.63 -16.19 -1.77
C THR C 579 14.87 -15.68 -1.02
N VAL C 580 15.95 -15.48 -1.75
CA VAL C 580 17.21 -15.04 -1.17
C VAL C 580 17.17 -13.53 -0.94
N GLN C 581 18.24 -12.98 -0.38
CA GLN C 581 18.33 -11.56 -0.07
C GLN C 581 19.65 -11.03 -0.61
N TRP C 582 19.60 -10.37 -1.76
CA TRP C 582 20.80 -9.83 -2.39
C TRP C 582 21.31 -8.62 -1.62
N HIS C 583 22.62 -8.56 -1.44
CA HIS C 583 23.26 -7.43 -0.76
C HIS C 583 24.29 -6.81 -1.70
N PHE C 584 24.47 -5.49 -1.56
CA PHE C 584 25.37 -4.75 -2.41
C PHE C 584 26.14 -3.73 -1.58
N CYS C 585 27.39 -3.51 -1.95
CA CYS C 585 28.26 -2.58 -1.25
C CYS C 585 29.39 -2.16 -2.18
N SER C 586 29.84 -0.91 -2.02
CA SER C 586 30.93 -0.38 -2.83
C SER C 586 31.61 0.76 -2.11
N VAL C 587 32.49 0.43 -1.14
CA VAL C 587 33.20 1.44 -0.38
C VAL C 587 34.48 1.83 -1.12
N GLY C 588 35.29 2.68 -0.50
CA GLY C 588 36.53 3.12 -1.10
C GLY C 588 36.88 4.55 -0.76
N THR C 589 37.44 5.28 -1.72
CA THR C 589 37.82 6.68 -1.53
C THR C 589 36.87 7.64 -2.22
N GLN C 590 35.69 7.18 -2.63
CA GLN C 590 34.73 8.02 -3.32
C GLN C 590 33.73 8.61 -2.34
N ASN C 591 32.84 9.47 -2.84
CA ASN C 591 31.81 10.09 -2.01
C ASN C 591 30.44 10.14 -2.66
N GLU C 592 30.34 10.21 -3.98
CA GLU C 592 29.04 10.27 -4.65
C GLU C 592 28.43 8.88 -4.70
N ILE C 593 27.30 8.75 -5.39
CA ILE C 593 26.59 7.48 -5.51
C ILE C 593 27.19 6.68 -6.65
N LEU C 594 27.07 5.35 -6.56
CA LEU C 594 27.55 4.44 -7.57
C LEU C 594 26.39 3.58 -8.06
N THR C 595 26.32 3.36 -9.37
CA THR C 595 25.26 2.58 -9.98
C THR C 595 25.85 1.46 -10.83
N ILE C 596 24.98 0.53 -11.22
CA ILE C 596 25.36 -0.59 -12.07
C ILE C 596 24.16 -1.00 -12.91
N HIS C 597 24.38 -1.14 -14.22
CA HIS C 597 23.30 -1.48 -15.15
C HIS C 597 23.23 -2.99 -15.33
N PHE C 598 22.00 -3.51 -15.39
CA PHE C 598 21.74 -4.92 -15.60
C PHE C 598 21.00 -5.12 -16.92
N THR C 599 21.63 -5.85 -17.83
CA THR C 599 21.07 -6.14 -19.15
C THR C 599 20.45 -7.53 -19.12
N GLY C 600 19.15 -7.62 -19.40
CA GLY C 600 18.44 -8.88 -19.41
C GLY C 600 18.06 -9.41 -18.05
N HIS C 601 18.39 -8.72 -16.97
CA HIS C 601 18.07 -9.16 -15.62
C HIS C 601 17.54 -7.97 -14.82
N SER C 602 16.69 -8.26 -13.84
CA SER C 602 16.07 -7.24 -13.00
C SER C 602 15.93 -7.78 -11.59
N PHE C 603 15.37 -6.95 -10.70
CA PHE C 603 15.18 -7.31 -9.31
C PHE C 603 13.83 -6.81 -8.85
N ILE C 604 13.52 -7.03 -7.58
CA ILE C 604 12.25 -6.63 -6.97
C ILE C 604 12.56 -5.82 -5.71
N TYR C 605 12.09 -4.58 -5.67
CA TYR C 605 12.29 -3.72 -4.50
C TYR C 605 11.24 -2.63 -4.51
N GLY C 606 10.78 -2.28 -3.31
CA GLY C 606 9.78 -1.23 -3.18
C GLY C 606 8.44 -1.58 -3.77
N LYS C 607 8.02 -2.84 -3.63
CA LYS C 607 6.75 -3.34 -4.15
C LYS C 607 6.62 -3.13 -5.66
N ARG C 608 7.74 -3.07 -6.37
CA ARG C 608 7.74 -2.89 -7.82
C ARG C 608 8.70 -3.89 -8.44
N HIS C 609 9.23 -3.56 -9.62
CA HIS C 609 10.15 -4.43 -10.35
C HIS C 609 11.07 -3.54 -11.20
N GLU C 610 12.13 -3.03 -10.57
CA GLU C 610 13.08 -2.17 -11.23
C GLU C 610 14.18 -2.99 -11.91
N ASP C 611 14.90 -2.34 -12.81
CA ASP C 611 16.00 -2.97 -13.54
C ASP C 611 17.34 -2.77 -12.84
N THR C 612 17.77 -1.52 -12.69
CA THR C 612 19.04 -1.21 -12.03
C THR C 612 18.77 -0.57 -10.67
N LEU C 613 19.81 -0.54 -9.84
CA LEU C 613 19.73 0.01 -8.50
C LEU C 613 20.93 0.93 -8.26
N THR C 614 20.94 1.55 -7.09
CA THR C 614 22.02 2.46 -6.71
C THR C 614 22.32 2.28 -5.22
N LEU C 615 23.52 1.83 -4.91
CA LEU C 615 23.92 1.58 -3.53
C LEU C 615 24.50 2.86 -2.92
N PHE C 616 24.88 2.76 -1.65
CA PHE C 616 25.46 3.87 -0.91
C PHE C 616 26.62 3.36 -0.05
N PRO C 617 27.66 4.17 0.12
CA PRO C 617 28.79 3.73 0.94
C PRO C 617 28.46 3.72 2.43
N MET C 618 29.49 3.55 3.27
CA MET C 618 29.35 3.51 4.72
C MET C 618 28.38 2.41 5.15
N ARG C 619 27.08 2.64 4.96
CA ARG C 619 26.07 1.67 5.32
C ARG C 619 26.00 0.57 4.25
N GLY C 620 25.14 -0.41 4.48
CA GLY C 620 24.96 -1.52 3.56
C GLY C 620 23.56 -1.55 3.01
N GLU C 621 23.45 -1.83 1.71
CA GLU C 621 22.17 -1.90 1.02
C GLU C 621 21.72 -3.35 0.92
N SER C 622 20.47 -3.60 1.29
CA SER C 622 19.90 -4.94 1.26
C SER C 622 18.60 -4.93 0.48
N VAL C 623 18.33 -6.05 -0.21
CA VAL C 623 17.13 -6.18 -1.02
C VAL C 623 16.86 -7.66 -1.24
N THR C 624 15.61 -8.06 -1.06
CA THR C 624 15.20 -9.45 -1.29
C THR C 624 14.84 -9.61 -2.76
N VAL C 625 15.66 -10.37 -3.50
CA VAL C 625 15.50 -10.54 -4.93
C VAL C 625 15.25 -12.01 -5.22
N THR C 626 14.30 -12.29 -6.10
CA THR C 626 14.01 -13.64 -6.57
C THR C 626 14.51 -13.75 -8.00
N MET C 627 15.55 -14.55 -8.21
CA MET C 627 16.22 -14.67 -9.51
C MET C 627 15.49 -15.72 -10.34
N ASP C 628 14.62 -15.25 -11.25
CA ASP C 628 13.89 -16.12 -12.17
C ASP C 628 14.19 -15.66 -13.59
N ASN C 629 15.02 -16.43 -14.30
CA ASN C 629 15.38 -16.08 -15.67
C ASN C 629 15.90 -17.33 -16.36
N VAL C 630 15.86 -17.30 -17.70
CA VAL C 630 16.35 -18.39 -18.53
C VAL C 630 17.20 -17.79 -19.64
N GLY C 631 18.49 -18.08 -19.65
CA GLY C 631 19.40 -17.57 -20.64
C GLY C 631 20.66 -17.05 -19.98
N THR C 632 21.44 -16.28 -20.75
CA THR C 632 22.68 -15.71 -20.26
C THR C 632 22.89 -14.35 -20.92
N TRP C 633 23.29 -13.37 -20.12
CA TRP C 633 23.55 -12.02 -20.63
C TRP C 633 24.68 -11.41 -19.82
N MET C 634 25.04 -10.18 -20.18
CA MET C 634 26.10 -9.44 -19.52
C MET C 634 25.52 -8.42 -18.55
N LEU C 635 26.31 -8.08 -17.53
CA LEU C 635 25.94 -7.11 -16.52
C LEU C 635 27.01 -6.02 -16.47
N THR C 636 27.18 -5.31 -17.57
CA THR C 636 28.19 -4.27 -17.68
C THR C 636 27.62 -2.92 -17.26
N SER C 637 28.52 -1.99 -16.97
CA SER C 637 28.16 -0.63 -16.59
C SER C 637 28.45 0.34 -17.73
N MET C 638 28.01 1.58 -17.56
CA MET C 638 28.19 2.63 -18.55
C MET C 638 28.86 3.82 -17.87
N ASN C 639 30.19 3.86 -17.94
CA ASN C 639 30.95 4.95 -17.34
C ASN C 639 32.04 5.44 -18.29
N SER C 640 33.30 5.33 -17.88
CA SER C 640 34.42 5.78 -18.71
C SER C 640 35.10 4.60 -19.38
N SER C 641 36.12 4.04 -18.72
CA SER C 641 36.85 2.91 -19.28
C SER C 641 37.36 1.94 -18.20
N PRO C 642 38.02 2.41 -17.13
CA PRO C 642 38.50 1.47 -16.11
C PRO C 642 37.40 0.89 -15.23
N ARG C 643 36.14 1.30 -15.41
CA ARG C 643 35.03 0.80 -14.61
C ARG C 643 33.80 0.54 -15.48
N SER C 644 34.01 0.23 -16.76
CA SER C 644 32.89 -0.03 -17.66
C SER C 644 33.28 -1.05 -18.73
N LYS C 645 34.58 -1.29 -18.89
CA LYS C 645 35.08 -2.23 -19.88
C LYS C 645 35.42 -3.60 -19.30
N LYS C 646 35.73 -3.66 -18.00
CA LYS C 646 36.09 -4.92 -17.36
C LYS C 646 35.16 -5.29 -16.21
N LEU C 647 34.12 -4.51 -15.95
CA LEU C 647 33.19 -4.79 -14.86
C LEU C 647 31.96 -5.54 -15.36
N ARG C 648 32.19 -6.66 -16.06
CA ARG C 648 31.12 -7.50 -16.57
C ARG C 648 30.98 -8.74 -15.70
N LEU C 649 30.04 -9.61 -16.10
CA LEU C 649 29.78 -10.84 -15.37
C LEU C 649 29.30 -11.90 -16.35
N LYS C 650 29.90 -13.09 -16.28
CA LYS C 650 29.57 -14.21 -17.16
C LYS C 650 28.93 -15.31 -16.31
N PHE C 651 27.64 -15.56 -16.54
CA PHE C 651 26.93 -16.60 -15.81
C PHE C 651 25.75 -17.05 -16.66
N ARG C 652 25.25 -18.25 -16.37
CA ARG C 652 24.11 -18.83 -17.07
C ARG C 652 23.03 -19.18 -16.06
N ASP C 653 21.84 -18.62 -16.27
CA ASP C 653 20.68 -18.90 -15.42
C ASP C 653 19.70 -19.76 -16.22
N VAL C 654 19.39 -20.93 -15.69
CA VAL C 654 18.51 -21.88 -16.37
C VAL C 654 17.67 -22.61 -15.34
N LYS C 655 16.39 -22.81 -15.64
CA LYS C 655 15.47 -23.52 -14.77
C LYS C 655 14.60 -24.43 -15.64
N CYS C 656 15.01 -25.69 -15.75
CA CYS C 656 14.29 -26.69 -16.54
C CYS C 656 14.02 -27.90 -15.66
N ILE C 657 12.79 -28.01 -15.16
CA ILE C 657 11.76 -27.02 -15.43
C ILE C 657 11.48 -26.12 -14.21
N PRO C 658 11.28 -26.72 -13.00
CA PRO C 658 11.08 -25.86 -11.82
C PRO C 658 12.37 -25.20 -11.37
N ASP C 659 13.12 -25.88 -10.51
CA ASP C 659 14.38 -25.37 -10.00
C ASP C 659 15.60 -25.96 -10.71
N ASP C 660 15.38 -26.81 -11.72
CA ASP C 660 16.46 -27.44 -12.49
C ASP C 660 17.40 -28.22 -11.56
N ASP C 661 16.89 -29.36 -11.09
CA ASP C 661 17.63 -30.22 -10.18
C ASP C 661 17.46 -31.70 -10.53
N GLU C 662 16.89 -31.98 -11.70
CA GLU C 662 16.69 -33.35 -12.15
C GLU C 662 17.82 -33.88 -13.00
N ASP C 663 18.63 -33.00 -13.60
CA ASP C 663 19.74 -33.46 -14.43
C ASP C 663 20.95 -32.50 -14.39
N SER C 664 21.00 -31.58 -13.44
CA SER C 664 22.11 -30.64 -13.36
C SER C 664 22.76 -30.70 -11.98
N TYR C 665 23.38 -29.59 -11.56
CA TYR C 665 24.06 -29.51 -10.28
C TYR C 665 23.71 -28.17 -9.65
N GLU C 666 22.91 -28.21 -8.57
CA GLU C 666 22.52 -26.99 -7.87
C GLU C 666 22.10 -27.37 -6.46
N ILE C 667 22.27 -26.42 -5.54
CA ILE C 667 21.99 -26.65 -4.13
C ILE C 667 20.54 -26.32 -3.81
N PHE C 668 19.62 -26.80 -4.64
CA PHE C 668 18.19 -26.60 -4.43
C PHE C 668 17.46 -27.89 -4.79
N GLU C 669 16.14 -27.88 -4.61
CA GLU C 669 15.30 -29.03 -4.92
C GLU C 669 13.84 -28.59 -5.03
N PRO C 670 13.19 -28.83 -6.17
CA PRO C 670 11.81 -28.37 -6.35
C PRO C 670 10.86 -29.01 -5.34
N PRO C 671 10.88 -30.35 -5.16
CA PRO C 671 11.61 -31.49 -5.74
C PRO C 671 11.01 -31.98 -7.06
N GLU C 672 9.73 -32.36 -7.05
CA GLU C 672 9.01 -32.83 -8.23
C GLU C 672 9.74 -34.00 -8.89
N SER C 673 9.78 -35.12 -8.18
CA SER C 673 10.43 -36.33 -8.66
C SER C 673 9.83 -37.52 -7.92
N THR C 674 10.41 -38.70 -8.16
CA THR C 674 9.97 -39.91 -7.50
C THR C 674 10.39 -39.88 -6.03
N VAL C 675 9.41 -39.78 -5.15
CA VAL C 675 9.65 -39.70 -3.70
C VAL C 675 8.96 -40.90 -3.07
N MET C 676 9.68 -42.00 -2.92
CA MET C 676 9.17 -43.20 -2.29
C MET C 676 9.55 -43.31 -0.82
N ALA C 677 10.32 -42.35 -0.30
CA ALA C 677 10.72 -42.37 1.11
C ALA C 677 10.74 -40.96 1.67
N THR C 678 11.93 -40.37 1.77
CA THR C 678 12.11 -39.03 2.30
C THR C 678 12.96 -38.21 1.34
N ARG C 679 12.52 -37.00 1.05
CA ARG C 679 13.27 -36.09 0.18
C ARG C 679 13.24 -34.67 0.71
N LYS C 680 13.03 -33.70 -0.16
CA LYS C 680 12.95 -32.29 0.21
C LYS C 680 11.49 -31.90 0.42
N MET C 681 11.27 -30.91 1.29
CA MET C 681 9.93 -30.45 1.66
C MET C 681 9.10 -31.58 2.25
N HIS C 682 9.69 -32.26 3.22
CA HIS C 682 9.06 -33.40 3.89
C HIS C 682 9.15 -33.18 5.40
N ASP C 683 8.39 -32.20 5.90
CA ASP C 683 8.42 -31.82 7.31
C ASP C 683 7.37 -32.61 8.07
N ARG C 684 7.71 -33.85 8.41
CA ARG C 684 6.86 -34.75 9.18
C ARG C 684 7.57 -35.03 10.50
N LEU C 685 7.11 -34.38 11.57
CA LEU C 685 7.67 -34.56 12.90
C LEU C 685 6.66 -35.29 13.79
N GLU C 686 7.19 -36.06 14.74
CA GLU C 686 6.36 -36.82 15.65
C GLU C 686 5.62 -35.91 16.64
N PRO C 687 6.30 -34.97 17.33
CA PRO C 687 5.56 -34.07 18.23
C PRO C 687 4.77 -33.02 17.48
N GLU C 688 5.47 -32.01 16.96
CA GLU C 688 4.85 -30.92 16.21
C GLU C 688 5.85 -30.44 15.18
N ASP C 689 5.34 -30.10 13.98
CA ASP C 689 6.23 -29.69 12.90
C ASP C 689 6.79 -28.29 13.15
N GLU C 690 5.96 -27.27 12.96
CA GLU C 690 6.40 -25.89 13.09
C GLU C 690 5.18 -25.00 13.27
N GLU C 691 5.41 -23.74 13.65
CA GLU C 691 4.33 -22.75 13.70
C GLU C 691 4.91 -21.34 13.83
N SER C 692 5.34 -20.97 15.04
CA SER C 692 5.79 -19.62 15.29
C SER C 692 7.10 -19.60 16.08
N ASP C 693 7.18 -20.44 17.11
CA ASP C 693 8.37 -20.50 17.95
C ASP C 693 8.45 -21.86 18.61
N ALA C 694 9.34 -21.97 19.61
CA ALA C 694 9.51 -23.20 20.38
C ALA C 694 9.91 -22.83 21.80
N ASP C 695 9.04 -22.05 22.44
CA ASP C 695 9.25 -21.61 23.81
C ASP C 695 9.11 -22.75 24.81
N TYR C 696 8.18 -23.68 24.58
CA TYR C 696 7.93 -24.81 25.45
C TYR C 696 7.61 -26.04 24.58
N ASP C 697 7.00 -27.06 25.18
CA ASP C 697 6.59 -28.23 24.42
C ASP C 697 5.37 -27.93 23.53
N TYR C 698 4.71 -26.80 23.78
CA TYR C 698 3.54 -26.40 23.02
C TYR C 698 3.29 -24.90 23.07
N GLN C 699 4.10 -24.14 23.82
CA GLN C 699 4.00 -22.68 23.93
C GLN C 699 2.64 -22.27 24.49
N ASN C 700 2.60 -21.97 25.80
CA ASN C 700 1.34 -21.72 26.47
C ASN C 700 1.06 -20.24 26.72
N ARG C 701 2.07 -19.37 26.62
CA ARG C 701 1.86 -17.93 26.76
C ARG C 701 1.74 -17.34 25.36
N LEU C 702 0.64 -16.62 25.14
CA LEU C 702 0.26 -16.18 23.80
C LEU C 702 0.40 -14.67 23.66
N ALA C 703 1.60 -14.24 23.29
CA ALA C 703 1.93 -12.83 23.10
C ALA C 703 3.17 -12.65 22.23
N ALA C 704 3.10 -13.08 20.97
CA ALA C 704 4.25 -13.00 20.06
C ALA C 704 4.11 -11.74 19.21
N ALA C 705 4.82 -10.69 19.62
CA ALA C 705 4.82 -9.44 18.89
C ALA C 705 6.14 -9.26 18.13
N LEU C 706 6.35 -8.08 17.57
CA LEU C 706 7.54 -7.76 16.79
C LEU C 706 8.18 -6.48 17.34
N GLY C 707 8.48 -6.49 18.64
CA GLY C 707 9.11 -5.36 19.30
C GLY C 707 8.36 -4.96 20.57
N ILE C 708 8.54 -3.70 20.95
CA ILE C 708 7.92 -3.15 22.15
C ILE C 708 6.46 -2.84 21.83
N ARG C 709 5.56 -3.36 22.67
CA ARG C 709 4.13 -3.15 22.46
C ARG C 709 3.73 -1.72 22.83
N ILE D 11 12.92 1.51 -39.07
CA ILE D 11 13.88 2.44 -38.48
C ILE D 11 15.08 2.61 -39.41
N ALA D 12 15.53 3.85 -39.57
CA ALA D 12 16.67 4.16 -40.43
C ALA D 12 17.73 4.90 -39.62
N ALA D 13 18.85 5.19 -40.29
CA ALA D 13 19.94 5.91 -39.65
C ALA D 13 20.82 6.58 -40.71
N GLU D 14 20.25 7.53 -41.45
CA GLU D 14 21.00 8.25 -42.47
C GLU D 14 21.91 9.27 -41.81
N GLU D 15 23.16 9.32 -42.27
CA GLU D 15 24.16 10.23 -41.72
C GLU D 15 23.79 11.65 -42.13
N ILE D 16 23.21 12.39 -41.20
CA ILE D 16 22.82 13.78 -41.41
C ILE D 16 23.48 14.62 -40.32
N SER D 17 24.19 15.68 -40.73
CA SER D 17 24.90 16.53 -39.79
C SER D 17 23.90 17.34 -38.98
N TRP D 18 23.85 17.08 -37.66
CA TRP D 18 22.95 17.78 -36.77
C TRP D 18 23.68 18.90 -36.04
N ASP D 19 22.95 19.96 -35.75
CA ASP D 19 23.51 21.13 -35.06
C ASP D 19 23.17 21.07 -33.58
N TYR D 20 24.21 21.10 -32.74
CA TYR D 20 24.00 21.11 -31.30
C TYR D 20 23.65 22.51 -30.81
N SER D 21 24.50 23.49 -31.11
CA SER D 21 24.26 24.89 -30.73
C SER D 21 23.10 25.42 -31.58
N GLU D 22 21.88 25.03 -31.17
CA GLU D 22 20.67 25.39 -31.89
C GLU D 22 20.06 26.70 -31.41
N PHE D 23 20.61 27.30 -30.35
CA PHE D 23 20.08 28.55 -29.83
C PHE D 23 20.20 29.71 -30.81
N VAL D 24 21.03 29.58 -31.86
CA VAL D 24 21.11 30.63 -32.86
C VAL D 24 19.87 30.68 -33.74
N GLN D 25 19.02 29.67 -33.68
CA GLN D 25 17.78 29.66 -34.46
C GLN D 25 16.75 30.64 -33.90
N ARG D 26 16.98 31.16 -32.69
CA ARG D 26 16.08 32.11 -32.04
C ARG D 26 14.70 31.48 -31.80
N GLU D 27 14.72 30.35 -31.08
CA GLU D 27 13.48 29.67 -30.70
C GLU D 27 12.80 30.41 -29.56
N THR D 28 13.51 30.58 -28.44
CA THR D 28 13.01 31.33 -27.30
C THR D 28 14.12 32.15 -26.66
N ASP D 29 15.13 32.50 -27.44
CA ASP D 29 16.28 33.25 -26.94
C ASP D 29 16.03 34.75 -27.05
N ILE D 30 16.83 35.52 -26.31
CA ILE D 30 16.70 36.97 -26.25
C ILE D 30 17.91 37.66 -26.87
N GLU D 31 19.11 37.26 -26.48
CA GLU D 31 20.31 37.92 -26.97
C GLU D 31 20.54 37.60 -28.45
N ASP D 32 21.30 38.47 -29.11
CA ASP D 32 21.60 38.33 -30.53
C ASP D 32 23.08 38.22 -30.84
N SER D 33 23.97 38.58 -29.91
CA SER D 33 25.41 38.48 -30.12
C SER D 33 25.92 37.16 -29.55
N ASP D 34 25.59 36.07 -30.26
CA ASP D 34 25.95 34.72 -29.86
C ASP D 34 26.65 34.01 -31.02
N ASP D 35 27.79 34.56 -31.42
CA ASP D 35 28.56 33.97 -32.51
C ASP D 35 29.23 32.68 -32.05
N ILE D 36 29.17 31.66 -32.91
CA ILE D 36 29.74 30.35 -32.62
C ILE D 36 31.21 30.38 -33.03
N PRO D 37 32.14 30.06 -32.13
CA PRO D 37 33.56 30.05 -32.52
C PRO D 37 33.89 28.92 -33.48
N GLU D 38 33.40 27.72 -33.20
CA GLU D 38 33.63 26.59 -34.09
C GLU D 38 32.49 26.45 -35.09
N ASP D 39 32.08 25.22 -35.39
CA ASP D 39 31.00 24.95 -36.33
C ASP D 39 29.71 24.69 -35.56
N THR D 40 28.60 25.18 -36.11
CA THR D 40 27.31 24.96 -35.46
C THR D 40 26.87 23.51 -35.59
N THR D 41 26.96 22.95 -36.79
CA THR D 41 26.55 21.58 -37.01
C THR D 41 27.70 20.61 -36.74
N TYR D 42 27.35 19.36 -36.46
CA TYR D 42 28.32 18.32 -36.16
C TYR D 42 27.99 17.07 -36.97
N LYS D 43 29.03 16.41 -37.46
CA LYS D 43 28.87 15.21 -38.28
C LYS D 43 28.35 14.05 -37.44
N LYS D 44 27.04 13.85 -37.42
CA LYS D 44 26.40 12.80 -36.65
C LYS D 44 25.40 12.05 -37.53
N VAL D 45 24.61 11.19 -36.90
CA VAL D 45 23.62 10.36 -37.58
C VAL D 45 22.28 10.53 -36.88
N VAL D 46 21.22 10.72 -37.66
CA VAL D 46 19.87 10.87 -37.13
C VAL D 46 19.03 9.70 -37.61
N PHE D 47 18.11 9.26 -36.76
CA PHE D 47 17.20 8.17 -37.09
C PHE D 47 15.98 8.70 -37.84
N ARG D 48 15.16 7.75 -38.32
CA ARG D 48 13.97 8.09 -39.06
C ARG D 48 13.01 6.90 -39.03
N LYS D 49 11.72 7.20 -39.02
CA LYS D 49 10.68 6.17 -38.97
C LYS D 49 10.04 6.01 -40.35
N TYR D 50 9.91 4.75 -40.78
CA TYR D 50 9.31 4.42 -42.07
C TYR D 50 8.08 3.55 -41.84
N LEU D 51 7.03 3.80 -42.63
CA LEU D 51 5.83 2.99 -42.58
C LEU D 51 5.93 1.73 -43.42
N ASP D 52 6.96 1.61 -44.25
CA ASP D 52 7.17 0.43 -45.09
C ASP D 52 8.59 -0.06 -44.94
N SER D 53 8.91 -1.15 -45.64
CA SER D 53 10.25 -1.72 -45.54
C SER D 53 11.25 -0.96 -46.39
N THR D 54 10.81 -0.38 -47.51
CA THR D 54 11.70 0.35 -48.40
C THR D 54 11.77 1.82 -47.99
N PHE D 55 12.52 2.59 -48.76
CA PHE D 55 12.68 4.02 -48.50
C PHE D 55 11.60 4.79 -49.25
N THR D 56 11.85 6.08 -49.53
CA THR D 56 10.93 6.98 -50.21
C THR D 56 9.57 7.05 -49.52
N LYS D 57 9.53 6.81 -48.20
CA LYS D 57 8.28 6.87 -47.45
C LYS D 57 8.64 7.04 -45.98
N ARG D 58 8.65 8.28 -45.51
CA ARG D 58 9.01 8.61 -44.15
C ARG D 58 7.75 8.90 -43.32
N ASP D 59 7.91 8.85 -42.00
CA ASP D 59 6.83 9.14 -41.08
C ASP D 59 6.86 10.62 -40.74
N PRO D 60 5.85 11.40 -41.13
CA PRO D 60 5.86 12.84 -40.82
C PRO D 60 5.81 13.07 -39.31
N ARG D 61 6.78 13.83 -38.82
CA ARG D 61 6.87 14.16 -37.39
C ARG D 61 5.70 15.07 -37.03
N GLY D 62 4.73 14.52 -36.31
CA GLY D 62 3.55 15.27 -35.94
C GLY D 62 3.84 16.31 -34.87
N GLU D 63 2.75 16.98 -34.45
CA GLU D 63 2.88 18.00 -33.41
C GLU D 63 3.23 17.39 -32.06
N TYR D 64 2.74 16.18 -31.78
CA TYR D 64 3.07 15.53 -30.51
C TYR D 64 4.49 14.98 -30.51
N GLU D 65 5.01 14.61 -31.69
CA GLU D 65 6.39 14.13 -31.81
C GLU D 65 7.33 15.33 -31.85
N GLU D 66 7.54 15.92 -30.68
CA GLU D 66 8.35 17.13 -30.54
C GLU D 66 9.69 16.84 -29.86
N HIS D 67 9.66 16.17 -28.72
CA HIS D 67 10.88 15.89 -27.95
C HIS D 67 11.70 14.83 -28.67
N LEU D 68 12.68 15.28 -29.45
CA LEU D 68 13.56 14.36 -30.15
C LEU D 68 14.90 15.02 -30.48
N GLY D 69 14.87 16.20 -31.10
CA GLY D 69 16.08 16.89 -31.49
C GLY D 69 16.94 16.06 -32.44
N ILE D 70 18.14 15.70 -31.99
CA ILE D 70 19.00 14.83 -32.79
C ILE D 70 18.49 13.39 -32.78
N LEU D 71 17.71 13.00 -31.77
CA LEU D 71 17.17 11.66 -31.69
C LEU D 71 16.03 11.48 -32.69
N GLY D 72 15.87 10.26 -33.16
CA GLY D 72 14.83 9.94 -34.12
C GLY D 72 13.47 9.79 -33.49
N PRO D 73 12.69 8.81 -33.97
CA PRO D 73 11.32 8.64 -33.47
C PRO D 73 11.28 7.89 -32.15
N ILE D 74 10.06 7.68 -31.64
CA ILE D 74 9.83 6.93 -30.40
C ILE D 74 8.80 5.86 -30.71
N ILE D 75 9.17 4.60 -30.50
CA ILE D 75 8.27 3.48 -30.78
C ILE D 75 7.33 3.26 -29.61
N ARG D 76 6.07 2.98 -29.92
CA ARG D 76 5.03 2.73 -28.91
C ARG D 76 4.42 1.36 -29.21
N ALA D 77 5.00 0.32 -28.63
CA ALA D 77 4.53 -1.05 -28.79
C ALA D 77 4.09 -1.60 -27.44
N GLU D 78 2.88 -2.13 -27.37
CA GLU D 78 2.34 -2.64 -26.12
C GLU D 78 1.94 -4.11 -26.26
N VAL D 79 0.99 -4.55 -25.43
CA VAL D 79 0.55 -5.94 -25.48
C VAL D 79 -0.31 -6.17 -26.72
N ASP D 80 -0.04 -7.28 -27.42
CA ASP D 80 -0.76 -7.65 -28.64
C ASP D 80 -0.64 -6.54 -29.69
N ASP D 81 0.54 -5.96 -29.80
CA ASP D 81 0.78 -4.89 -30.77
C ASP D 81 2.28 -4.79 -31.00
N VAL D 82 2.72 -5.14 -32.21
CA VAL D 82 4.13 -5.13 -32.57
C VAL D 82 4.29 -4.38 -33.88
N ILE D 83 5.30 -3.52 -33.94
CA ILE D 83 5.60 -2.73 -35.13
C ILE D 83 6.98 -3.13 -35.62
N GLN D 84 7.08 -3.46 -36.91
CA GLN D 84 8.35 -3.87 -37.49
C GLN D 84 9.36 -2.72 -37.48
N VAL D 85 10.64 -3.07 -37.50
CA VAL D 85 11.72 -2.09 -37.48
C VAL D 85 12.78 -2.48 -38.50
N ARG D 86 12.38 -2.54 -39.77
CA ARG D 86 13.32 -2.87 -40.83
C ARG D 86 14.35 -1.76 -40.99
N PHE D 87 15.61 -2.14 -41.17
CA PHE D 87 16.72 -1.20 -41.24
C PHE D 87 17.60 -1.51 -42.43
N LYS D 88 18.13 -0.46 -43.05
CA LYS D 88 19.05 -0.58 -44.17
C LYS D 88 20.12 0.49 -44.05
N ASN D 89 21.38 0.09 -44.11
CA ASN D 89 22.48 1.03 -44.01
C ASN D 89 22.65 1.81 -45.31
N LEU D 90 22.97 3.09 -45.17
CA LEU D 90 23.15 3.99 -46.30
C LEU D 90 24.58 4.48 -46.46
N ALA D 91 25.31 4.67 -45.37
CA ALA D 91 26.68 5.15 -45.43
C ALA D 91 27.65 4.03 -45.77
N SER D 92 28.75 3.93 -45.02
CA SER D 92 29.73 2.89 -45.25
C SER D 92 30.11 2.12 -43.99
N ARG D 93 29.54 2.45 -42.83
CA ARG D 93 29.86 1.75 -41.60
C ARG D 93 28.68 0.92 -41.12
N PRO D 94 28.92 -0.32 -40.68
CA PRO D 94 27.82 -1.14 -40.15
C PRO D 94 27.30 -0.56 -38.84
N TYR D 95 25.97 -0.48 -38.73
CA TYR D 95 25.31 0.04 -37.55
C TYR D 95 24.73 -1.09 -36.72
N SER D 96 24.36 -0.77 -35.48
CA SER D 96 23.81 -1.72 -34.55
C SER D 96 22.60 -1.10 -33.85
N LEU D 97 21.87 -1.95 -33.11
CA LEU D 97 20.69 -1.50 -32.38
C LEU D 97 20.46 -2.49 -31.24
N HIS D 98 20.50 -1.98 -30.00
CA HIS D 98 20.37 -2.81 -28.82
C HIS D 98 19.35 -2.18 -27.87
N ALA D 99 18.42 -3.00 -27.40
CA ALA D 99 17.38 -2.56 -26.48
C ALA D 99 17.75 -2.90 -25.04
N HIS D 100 16.91 -2.43 -24.11
CA HIS D 100 17.11 -2.69 -22.70
C HIS D 100 15.75 -2.83 -22.02
N GLY D 101 15.74 -3.54 -20.90
CA GLY D 101 14.52 -3.69 -20.12
C GLY D 101 14.17 -5.13 -19.78
N LEU D 102 13.51 -5.81 -20.71
CA LEU D 102 13.04 -7.17 -20.46
C LEU D 102 14.21 -8.15 -20.52
N SER D 103 13.88 -9.44 -20.36
CA SER D 103 14.86 -10.51 -20.45
C SER D 103 14.88 -11.08 -21.87
N TYR D 104 15.07 -10.18 -22.83
CA TYR D 104 15.09 -10.55 -24.24
C TYR D 104 16.29 -11.43 -24.56
N GLU D 105 16.06 -12.45 -25.39
CA GLU D 105 17.13 -13.33 -25.82
C GLU D 105 18.01 -12.63 -26.85
N LYS D 106 19.04 -13.34 -27.32
CA LYS D 106 19.95 -12.78 -28.31
C LYS D 106 19.33 -12.67 -29.69
N SER D 107 18.14 -13.23 -29.90
CA SER D 107 17.48 -13.10 -31.20
C SER D 107 16.95 -11.69 -31.43
N SER D 108 16.77 -10.92 -30.36
CA SER D 108 16.30 -9.55 -30.44
C SER D 108 17.13 -8.64 -29.54
N GLU D 109 18.34 -9.09 -29.19
CA GLU D 109 19.22 -8.30 -28.34
C GLU D 109 20.09 -7.38 -29.19
N GLY D 110 21.09 -7.94 -29.86
CA GLY D 110 21.97 -7.17 -30.71
C GLY D 110 23.19 -6.59 -30.05
N LYS D 111 23.71 -7.22 -29.00
CA LYS D 111 24.91 -6.76 -28.31
C LYS D 111 26.11 -7.58 -28.76
N THR D 112 27.24 -6.92 -28.94
CA THR D 112 28.46 -7.56 -29.45
C THR D 112 29.17 -8.27 -28.31
N TYR D 113 28.84 -9.54 -28.12
CA TYR D 113 29.51 -10.39 -27.14
C TYR D 113 29.31 -11.84 -27.57
N GLU D 114 29.48 -12.77 -26.62
CA GLU D 114 29.34 -14.18 -26.95
C GLU D 114 27.90 -14.50 -27.32
N ASP D 115 27.74 -15.47 -28.23
CA ASP D 115 26.42 -15.85 -28.72
C ASP D 115 26.36 -17.34 -29.03
N ASP D 116 25.47 -17.73 -29.95
CA ASP D 116 25.31 -19.11 -30.34
C ASP D 116 25.02 -19.25 -31.82
N SER D 117 24.07 -18.47 -32.32
CA SER D 117 23.73 -18.52 -33.73
C SER D 117 24.80 -17.81 -34.57
N PRO D 118 25.05 -18.29 -35.79
CA PRO D 118 26.06 -17.65 -36.64
C PRO D 118 25.71 -16.22 -37.02
N GLU D 119 24.85 -16.07 -38.02
CA GLU D 119 24.47 -14.74 -38.50
C GLU D 119 23.01 -14.43 -38.17
N TRP D 120 22.72 -14.23 -36.88
CA TRP D 120 21.38 -13.87 -36.45
C TRP D 120 21.41 -13.14 -35.12
N PHE D 121 22.21 -13.66 -34.18
CA PHE D 121 22.34 -13.00 -32.87
C PHE D 121 23.22 -11.76 -32.94
N LYS D 122 24.19 -11.73 -33.86
CA LYS D 122 25.08 -10.59 -34.02
C LYS D 122 25.06 -10.03 -35.44
N GLU D 123 24.16 -10.51 -36.30
CA GLU D 123 24.10 -9.99 -37.66
C GLU D 123 23.56 -8.56 -37.70
N ASP D 124 22.62 -8.23 -36.82
CA ASP D 124 22.08 -6.87 -36.77
C ASP D 124 23.14 -5.84 -36.38
N ASN D 125 24.20 -6.26 -35.69
CA ASN D 125 25.29 -5.35 -35.36
C ASN D 125 26.16 -5.01 -36.55
N ALA D 126 26.11 -5.81 -37.62
CA ALA D 126 26.90 -5.59 -38.83
C ALA D 126 25.94 -5.55 -40.02
N VAL D 127 25.43 -4.36 -40.33
CA VAL D 127 24.51 -4.15 -41.44
C VAL D 127 25.31 -3.66 -42.64
N GLN D 128 25.22 -4.40 -43.74
CA GLN D 128 25.95 -4.02 -44.94
C GLN D 128 25.27 -2.83 -45.61
N PRO D 129 26.05 -1.92 -46.21
CA PRO D 129 25.44 -0.76 -46.87
C PRO D 129 24.60 -1.17 -48.07
N ASN D 130 23.50 -0.45 -48.28
CA ASN D 130 22.57 -0.69 -49.38
C ASN D 130 22.04 -2.12 -49.37
N SER D 131 21.54 -2.54 -48.21
CA SER D 131 21.00 -3.89 -48.05
C SER D 131 20.12 -3.91 -46.81
N SER D 132 18.87 -4.33 -46.99
CA SER D 132 17.94 -4.40 -45.88
C SER D 132 18.21 -5.64 -45.03
N TYR D 133 17.55 -5.70 -43.87
CA TYR D 133 17.70 -6.81 -42.95
C TYR D 133 16.41 -6.99 -42.16
N THR D 134 16.03 -8.25 -41.97
CA THR D 134 14.81 -8.57 -41.23
C THR D 134 15.10 -8.55 -39.73
N TYR D 135 14.46 -7.64 -39.01
CA TYR D 135 14.67 -7.52 -37.56
C TYR D 135 13.42 -6.92 -36.93
N VAL D 136 13.05 -7.45 -35.77
CA VAL D 136 11.87 -7.00 -35.05
C VAL D 136 12.06 -7.29 -33.57
N TRP D 137 11.64 -6.35 -32.73
CA TRP D 137 11.73 -6.49 -31.28
C TRP D 137 10.48 -7.14 -30.72
N HIS D 138 10.53 -7.48 -29.44
CA HIS D 138 9.43 -8.13 -28.76
C HIS D 138 8.92 -7.26 -27.62
N ALA D 139 7.60 -7.16 -27.50
CA ALA D 139 6.97 -6.38 -26.44
C ALA D 139 6.61 -7.29 -25.29
N THR D 140 6.88 -6.84 -24.06
CA THR D 140 6.61 -7.61 -22.86
C THR D 140 5.62 -6.85 -21.97
N GLU D 141 5.46 -7.34 -20.74
CA GLU D 141 4.55 -6.76 -19.76
C GLU D 141 5.30 -6.36 -18.49
N ARG D 142 6.62 -6.36 -18.55
CA ARG D 142 7.44 -6.00 -17.39
C ARG D 142 7.47 -4.51 -17.14
N SER D 143 7.44 -3.70 -18.20
CA SER D 143 7.52 -2.25 -18.05
C SER D 143 6.28 -1.65 -17.40
N GLY D 144 5.18 -2.41 -17.29
CA GLY D 144 3.98 -1.92 -16.68
C GLY D 144 4.14 -1.67 -15.19
N PRO D 145 3.99 -0.41 -14.77
CA PRO D 145 4.15 -0.08 -13.34
C PRO D 145 3.03 -0.69 -12.52
N GLU D 146 3.40 -1.57 -11.59
CA GLU D 146 2.42 -2.18 -10.70
C GLU D 146 1.98 -1.18 -9.63
N SER D 147 1.04 -1.62 -8.79
CA SER D 147 0.43 -0.85 -7.70
C SER D 147 -0.45 0.27 -8.26
N PRO D 148 -1.61 0.53 -7.65
CA PRO D 148 -2.48 1.60 -8.17
C PRO D 148 -1.84 2.98 -8.09
N GLY D 149 -1.47 3.52 -9.24
CA GLY D 149 -0.84 4.83 -9.29
C GLY D 149 -0.45 5.26 -10.69
N SER D 150 0.66 4.72 -11.19
CA SER D 150 1.16 5.04 -12.51
C SER D 150 0.66 4.01 -13.52
N ALA D 151 1.02 4.21 -14.79
CA ALA D 151 0.60 3.31 -15.85
C ALA D 151 1.58 3.33 -17.02
N CYS D 152 2.69 4.04 -16.87
CA CYS D 152 3.68 4.15 -17.92
C CYS D 152 5.07 4.17 -17.31
N ARG D 153 6.02 3.51 -17.99
CA ARG D 153 7.41 3.50 -17.55
C ARG D 153 8.27 3.25 -18.78
N ALA D 154 9.02 4.27 -19.19
CA ALA D 154 9.78 4.20 -20.42
C ALA D 154 11.10 3.47 -20.23
N TRP D 155 11.65 2.97 -21.33
CA TRP D 155 12.95 2.32 -21.38
C TRP D 155 13.84 3.08 -22.36
N ALA D 156 15.00 2.50 -22.66
CA ALA D 156 15.97 3.13 -23.55
C ALA D 156 16.61 2.07 -24.45
N TYR D 157 17.08 2.52 -25.61
CA TYR D 157 17.75 1.65 -26.55
C TYR D 157 18.72 2.50 -27.39
N TYR D 158 19.86 1.89 -27.73
CA TYR D 158 20.88 2.56 -28.53
C TYR D 158 21.64 1.49 -29.31
N SER D 159 22.76 1.88 -29.91
CA SER D 159 23.58 0.96 -30.68
C SER D 159 24.30 0.01 -29.73
N ALA D 160 25.28 -0.73 -30.26
CA ALA D 160 26.01 -1.70 -29.46
C ALA D 160 27.41 -1.96 -29.99
N VAL D 161 27.78 -1.29 -31.09
CA VAL D 161 29.13 -1.46 -31.62
C VAL D 161 30.17 -0.83 -30.71
N ASN D 162 29.76 0.10 -29.84
CA ASN D 162 30.63 0.68 -28.84
C ASN D 162 29.79 1.30 -27.71
N PRO D 163 30.07 0.96 -26.46
CA PRO D 163 29.26 1.49 -25.35
C PRO D 163 29.37 2.99 -25.17
N GLU D 164 30.38 3.63 -25.74
CA GLU D 164 30.59 5.06 -25.56
C GLU D 164 30.62 5.86 -26.85
N LYS D 165 31.15 5.31 -27.94
CA LYS D 165 31.21 6.02 -29.20
C LYS D 165 29.87 6.08 -29.92
N ASP D 166 28.82 5.47 -29.37
CA ASP D 166 27.50 5.47 -29.98
C ASP D 166 26.53 6.43 -29.32
N ILE D 167 26.61 6.58 -27.99
CA ILE D 167 25.72 7.51 -27.29
C ILE D 167 26.02 8.96 -27.64
N HIS D 168 27.23 9.25 -28.12
CA HIS D 168 27.59 10.58 -28.57
C HIS D 168 27.40 10.78 -30.06
N SER D 169 27.21 9.70 -30.82
CA SER D 169 27.02 9.78 -32.26
C SER D 169 25.57 10.01 -32.65
N GLY D 170 24.73 10.43 -31.72
CA GLY D 170 23.32 10.64 -32.01
C GLY D 170 22.53 9.35 -32.21
N LEU D 171 23.03 8.22 -31.69
CA LEU D 171 22.36 6.94 -31.85
C LEU D 171 21.72 6.56 -30.51
N ILE D 172 20.65 7.27 -30.17
CA ILE D 172 19.91 7.05 -28.94
C ILE D 172 18.44 6.85 -29.28
N GLY D 173 17.67 6.48 -28.26
CA GLY D 173 16.25 6.26 -28.42
C GLY D 173 15.59 5.73 -27.16
N PRO D 174 14.51 6.38 -26.74
CA PRO D 174 13.75 5.90 -25.58
C PRO D 174 12.62 4.97 -25.99
N LEU D 175 12.41 3.95 -25.18
CA LEU D 175 11.38 2.94 -25.42
C LEU D 175 10.25 3.17 -24.42
N LEU D 176 9.30 4.04 -24.79
CA LEU D 176 8.18 4.36 -23.93
C LEU D 176 7.16 3.23 -23.98
N ILE D 177 6.98 2.52 -22.86
CA ILE D 177 6.04 1.42 -22.75
C ILE D 177 5.11 1.69 -21.57
N CYS D 178 3.81 1.61 -21.80
CA CYS D 178 2.80 1.80 -20.78
C CYS D 178 2.18 0.46 -20.40
N GLN D 179 0.94 0.50 -19.91
CA GLN D 179 0.21 -0.69 -19.54
C GLN D 179 -0.82 -1.04 -20.63
N LYS D 180 -1.71 -1.97 -20.32
CA LYS D 180 -2.77 -2.38 -21.24
C LYS D 180 -4.10 -2.30 -20.52
N GLY D 181 -5.06 -1.61 -21.14
CA GLY D 181 -6.37 -1.44 -20.55
C GLY D 181 -7.00 -0.10 -20.88
N ILE D 182 -6.16 0.92 -21.06
CA ILE D 182 -6.61 2.27 -21.39
C ILE D 182 -5.93 2.66 -22.70
N LEU D 183 -6.68 2.63 -23.80
CA LEU D 183 -6.17 2.97 -25.11
C LEU D 183 -7.05 4.02 -25.75
N HIS D 184 -6.49 4.76 -26.70
CA HIS D 184 -7.19 5.80 -27.43
C HIS D 184 -7.25 5.45 -28.91
N LYS D 185 -8.01 6.25 -29.66
CA LYS D 185 -8.22 6.03 -31.08
C LYS D 185 -7.19 6.74 -31.96
N ASP D 186 -6.09 7.22 -31.37
CA ASP D 186 -5.04 7.89 -32.13
C ASP D 186 -4.16 6.81 -32.78
N SER D 187 -4.66 6.28 -33.91
CA SER D 187 -3.99 5.22 -34.66
C SER D 187 -3.73 4.00 -33.77
N ASN D 188 -4.72 3.67 -32.93
CA ASN D 188 -4.67 2.51 -32.04
C ASN D 188 -3.46 2.58 -31.10
N MET D 189 -3.11 3.80 -30.67
CA MET D 189 -2.03 4.01 -29.73
C MET D 189 -2.59 4.40 -28.37
N PRO D 190 -2.16 3.74 -27.29
CA PRO D 190 -2.69 4.08 -25.96
C PRO D 190 -2.20 5.43 -25.48
N MET D 191 -3.11 6.40 -25.38
CA MET D 191 -2.76 7.74 -24.92
C MET D 191 -3.69 8.18 -23.80
N ASP D 192 -4.74 8.94 -24.16
CA ASP D 192 -5.72 9.45 -23.20
C ASP D 192 -5.06 10.30 -22.11
N MET D 193 -3.95 10.96 -22.44
CA MET D 193 -3.24 11.77 -21.45
C MET D 193 -2.39 12.79 -22.21
N ARG D 194 -1.31 13.26 -21.57
CA ARG D 194 -0.39 14.22 -22.16
C ARG D 194 0.98 13.99 -21.51
N GLU D 195 1.59 12.87 -21.82
CA GLU D 195 2.87 12.49 -21.25
C GLU D 195 4.02 13.15 -21.99
N PHE D 196 5.12 13.38 -21.28
CA PHE D 196 6.31 14.00 -21.84
C PHE D 196 7.53 13.15 -21.51
N VAL D 197 8.55 13.26 -22.37
CA VAL D 197 9.79 12.51 -22.19
C VAL D 197 10.96 13.43 -22.58
N LEU D 198 11.97 13.49 -21.72
CA LEU D 198 13.13 14.33 -21.97
C LEU D 198 14.39 13.51 -21.72
N LEU D 199 15.36 13.65 -22.62
CA LEU D 199 16.64 12.95 -22.52
C LEU D 199 17.75 14.00 -22.41
N PHE D 200 18.30 14.13 -21.20
CA PHE D 200 19.38 15.08 -20.95
C PHE D 200 20.71 14.33 -20.94
N MET D 201 21.50 14.52 -22.00
CA MET D 201 22.80 13.88 -22.12
C MET D 201 23.64 14.65 -23.12
N THR D 202 24.86 14.98 -22.72
CA THR D 202 25.76 15.72 -23.60
C THR D 202 26.27 14.81 -24.70
N PHE D 203 26.56 15.41 -25.85
CA PHE D 203 27.07 14.69 -27.02
C PHE D 203 28.41 15.27 -27.44
N ASP D 204 29.38 14.40 -27.65
CA ASP D 204 30.73 14.79 -28.03
C ASP D 204 31.03 14.35 -29.46
N GLU D 205 31.71 15.22 -30.21
CA GLU D 205 32.12 14.91 -31.57
C GLU D 205 33.46 14.18 -31.60
N LYS D 206 34.40 14.55 -30.72
CA LYS D 206 35.69 13.89 -30.67
C LYS D 206 35.61 12.48 -30.11
N LYS D 207 34.52 12.13 -29.42
CA LYS D 207 34.32 10.79 -28.85
C LYS D 207 33.19 10.12 -29.62
N SER D 208 33.47 9.77 -30.87
CA SER D 208 32.46 9.14 -31.72
C SER D 208 33.18 8.43 -32.87
N TRP D 209 32.43 7.59 -33.58
CA TRP D 209 32.99 6.87 -34.72
C TRP D 209 33.22 7.78 -35.92
N TYR D 210 32.34 8.76 -36.14
CA TYR D 210 32.46 9.70 -37.24
C TYR D 210 33.41 10.86 -36.94
N TYR D 211 34.44 10.62 -36.13
CA TYR D 211 35.45 11.64 -35.86
C TYR D 211 36.28 11.85 -37.11
N GLU D 212 36.28 13.08 -37.62
CA GLU D 212 37.02 13.39 -38.85
C GLU D 212 38.47 13.73 -38.55
N LYS D 213 39.10 12.94 -37.67
CA LYS D 213 40.51 13.02 -37.30
C LYS D 213 40.96 14.40 -36.81
N LYS D 214 40.26 15.46 -37.22
CA LYS D 214 40.58 16.80 -36.75
C LYS D 214 39.33 17.47 -36.18
N SER D 215 39.47 18.70 -35.71
CA SER D 215 38.37 19.48 -35.16
C SER D 215 38.01 20.61 -36.11
N ARG D 216 36.93 21.32 -35.78
CA ARG D 216 36.45 22.43 -36.59
C ARG D 216 37.18 23.73 -36.30
N SER D 217 38.15 23.72 -35.39
CA SER D 217 38.90 24.93 -35.04
C SER D 217 40.28 24.57 -34.50
N SER D 218 40.31 23.86 -33.38
CA SER D 218 41.57 23.46 -32.77
C SER D 218 41.35 22.16 -32.00
N TRP D 219 42.42 21.37 -31.89
CA TRP D 219 42.36 20.09 -31.19
C TRP D 219 43.62 19.83 -30.38
N ARG D 220 44.31 20.89 -29.97
CA ARG D 220 45.52 20.74 -29.16
C ARG D 220 45.15 20.31 -27.75
N LEU D 221 44.82 21.29 -26.89
CA LEU D 221 44.40 21.01 -25.52
C LEU D 221 42.87 21.00 -25.48
N THR D 222 42.31 19.83 -25.82
CA THR D 222 40.88 19.58 -26.00
C THR D 222 40.10 20.83 -26.40
N SER D 223 40.27 21.25 -27.66
CA SER D 223 39.66 22.46 -28.21
C SER D 223 40.14 23.70 -27.46
N SER D 224 41.07 24.44 -28.07
CA SER D 224 41.65 25.60 -27.39
C SER D 224 40.63 26.72 -27.22
N GLU D 225 39.58 26.73 -28.03
CA GLU D 225 38.55 27.77 -27.90
C GLU D 225 37.79 27.61 -26.59
N MET D 226 37.10 26.48 -26.43
CA MET D 226 36.35 26.17 -25.22
C MET D 226 36.66 24.75 -24.79
N LYS D 227 36.70 24.53 -23.47
CA LYS D 227 36.97 23.20 -22.93
C LYS D 227 35.86 22.23 -23.33
N LYS D 228 36.20 21.25 -24.16
CA LYS D 228 35.24 20.30 -24.72
C LYS D 228 34.11 21.03 -25.44
N SER D 229 34.48 21.87 -26.41
CA SER D 229 33.49 22.58 -27.20
C SER D 229 32.65 21.62 -28.04
N HIS D 230 33.24 20.53 -28.51
CA HIS D 230 32.49 19.52 -29.24
C HIS D 230 31.59 18.71 -28.32
N GLU D 231 31.82 18.76 -27.01
CA GLU D 231 30.99 18.06 -26.04
C GLU D 231 30.04 19.04 -25.34
N PHE D 232 29.14 19.61 -26.14
CA PHE D 232 28.16 20.55 -25.61
C PHE D 232 27.04 19.81 -24.89
N HIS D 233 26.51 20.46 -23.85
CA HIS D 233 25.40 19.89 -23.07
C HIS D 233 24.09 20.14 -23.81
N ALA D 234 23.91 19.38 -24.89
CA ALA D 234 22.72 19.51 -25.73
C ALA D 234 21.50 18.99 -24.99
N ILE D 235 20.53 19.86 -24.74
CA ILE D 235 19.30 19.48 -24.06
C ILE D 235 18.28 19.06 -25.10
N ASN D 236 17.86 17.79 -25.04
CA ASN D 236 16.86 17.24 -25.97
C ASN D 236 17.30 17.39 -27.42
N GLY D 237 18.59 17.23 -27.69
CA GLY D 237 19.14 17.34 -29.02
C GLY D 237 19.50 18.76 -29.43
N MET D 238 18.95 19.77 -28.76
CA MET D 238 19.22 21.16 -29.06
C MET D 238 19.82 21.85 -27.84
N ILE D 239 19.96 23.17 -27.93
CA ILE D 239 20.47 23.99 -26.82
C ILE D 239 19.58 25.21 -26.69
N TYR D 240 19.11 25.48 -25.47
CA TYR D 240 18.24 26.62 -25.18
C TYR D 240 16.96 26.56 -26.02
N SER D 241 16.32 25.40 -26.02
CA SER D 241 15.09 25.20 -26.79
C SER D 241 13.96 24.71 -25.89
N LEU D 242 13.77 23.39 -25.83
CA LEU D 242 12.74 22.74 -25.03
C LEU D 242 11.36 23.29 -25.37
N PRO D 243 10.80 22.93 -26.51
CA PRO D 243 9.47 23.42 -26.89
C PRO D 243 8.36 22.53 -26.31
N GLY D 244 7.13 22.89 -26.63
CA GLY D 244 5.99 22.09 -26.23
C GLY D 244 5.64 22.17 -24.77
N LEU D 245 6.27 23.07 -24.02
CA LEU D 245 5.97 23.24 -22.59
C LEU D 245 4.85 24.26 -22.39
N LYS D 246 3.72 24.03 -23.06
CA LYS D 246 2.57 24.94 -23.02
C LYS D 246 1.36 24.16 -22.53
N MET D 247 1.19 24.09 -21.22
CA MET D 247 0.08 23.40 -20.60
C MET D 247 -0.91 24.40 -20.02
N TYR D 248 -1.90 23.90 -19.28
CA TYR D 248 -2.92 24.73 -18.66
C TYR D 248 -2.87 24.56 -17.15
N GLU D 249 -3.79 25.24 -16.46
CA GLU D 249 -3.80 25.23 -15.00
C GLU D 249 -4.27 23.88 -14.48
N GLN D 250 -3.56 23.37 -13.47
CA GLN D 250 -3.90 22.12 -12.79
C GLN D 250 -3.99 20.95 -13.78
N GLU D 251 -2.83 20.41 -14.09
CA GLU D 251 -2.70 19.25 -14.97
C GLU D 251 -1.80 18.22 -14.30
N TRP D 252 -2.33 17.03 -14.09
CA TRP D 252 -1.57 15.92 -13.51
C TRP D 252 -0.89 15.09 -14.59
N VAL D 253 -0.23 15.77 -15.53
CA VAL D 253 0.42 15.07 -16.62
C VAL D 253 1.66 14.34 -16.13
N ARG D 254 2.02 13.28 -16.84
CA ARG D 254 3.17 12.45 -16.49
C ARG D 254 4.41 12.90 -17.23
N LEU D 255 5.52 13.01 -16.51
CA LEU D 255 6.80 13.42 -17.07
C LEU D 255 7.81 12.29 -16.91
N HIS D 256 8.38 11.86 -18.03
CA HIS D 256 9.36 10.78 -18.04
C HIS D 256 10.76 11.37 -18.10
N LEU D 257 11.57 11.10 -17.07
CA LEU D 257 12.95 11.56 -16.99
C LEU D 257 13.87 10.36 -17.21
N LEU D 258 14.66 10.41 -18.28
CA LEU D 258 15.53 9.32 -18.67
C LEU D 258 16.97 9.80 -18.73
N ASN D 259 17.87 9.08 -18.06
CA ASN D 259 19.29 9.39 -18.08
C ASN D 259 20.08 8.09 -18.02
N ILE D 260 20.79 7.77 -19.10
CA ILE D 260 21.57 6.55 -19.20
C ILE D 260 23.05 6.84 -19.35
N GLY D 261 23.40 7.87 -20.10
CA GLY D 261 24.81 8.19 -20.30
C GLY D 261 25.39 9.05 -19.20
N GLY D 262 24.61 10.03 -18.72
CA GLY D 262 25.07 10.91 -17.67
C GLY D 262 25.17 10.23 -16.32
N SER D 263 26.23 9.44 -16.13
CA SER D 263 26.44 8.73 -14.89
C SER D 263 27.10 9.58 -13.81
N GLN D 264 27.85 10.61 -14.20
CA GLN D 264 28.48 11.50 -13.22
C GLN D 264 27.88 12.90 -13.31
N ASP D 265 26.54 12.99 -13.28
CA ASP D 265 25.85 14.27 -13.36
C ASP D 265 24.52 14.11 -12.63
N ILE D 266 24.50 14.49 -11.36
CA ILE D 266 23.33 14.36 -10.50
C ILE D 266 22.66 15.73 -10.40
N HIS D 267 21.38 15.78 -10.77
CA HIS D 267 20.59 17.00 -10.71
C HIS D 267 19.38 16.80 -9.81
N VAL D 268 18.86 17.91 -9.29
CA VAL D 268 17.69 17.92 -8.44
C VAL D 268 16.69 18.88 -9.05
N VAL D 269 15.59 18.35 -9.59
CA VAL D 269 14.59 19.18 -10.24
C VAL D 269 13.73 19.87 -9.20
N HIS D 270 13.63 21.20 -9.31
CA HIS D 270 12.81 22.00 -8.40
C HIS D 270 12.02 23.00 -9.23
N PHE D 271 10.69 22.93 -9.13
CA PHE D 271 9.81 23.82 -9.86
C PHE D 271 9.49 25.05 -9.02
N HIS D 272 9.47 26.21 -9.68
CA HIS D 272 9.24 27.48 -8.99
C HIS D 272 7.77 27.60 -8.62
N GLY D 273 7.41 27.07 -7.45
CA GLY D 273 6.07 27.21 -6.94
C GLY D 273 5.10 26.11 -7.37
N GLN D 274 5.61 24.88 -7.46
CA GLN D 274 4.77 23.73 -7.78
C GLN D 274 5.16 22.56 -6.89
N THR D 275 4.31 22.24 -5.92
CA THR D 275 4.54 21.12 -5.03
C THR D 275 4.34 19.81 -5.79
N LEU D 276 4.99 18.75 -5.30
CA LEU D 276 4.93 17.46 -5.96
C LEU D 276 3.97 16.53 -5.22
N LEU D 277 3.57 15.45 -5.90
CA LEU D 277 2.66 14.47 -5.32
C LEU D 277 2.99 13.11 -5.93
N GLU D 278 3.44 12.19 -5.10
CA GLU D 278 3.82 10.86 -5.58
C GLU D 278 2.60 9.94 -5.59
N ASN D 279 2.46 9.17 -6.67
CA ASN D 279 1.35 8.25 -6.83
C ASN D 279 1.73 6.89 -6.24
N GLY D 280 1.05 5.83 -6.65
CA GLY D 280 1.35 4.49 -6.18
C GLY D 280 0.93 4.27 -4.74
N ASN D 281 1.77 4.70 -3.79
CA ASN D 281 1.43 4.52 -2.38
C ASN D 281 0.37 5.52 -1.93
N LYS D 282 0.25 6.65 -2.61
CA LYS D 282 -0.71 7.70 -2.28
C LYS D 282 -0.54 8.20 -0.84
N GLN D 283 0.70 8.16 -0.35
CA GLN D 283 0.99 8.59 1.02
C GLN D 283 2.21 9.50 1.12
N HIS D 284 2.78 9.94 0.01
CA HIS D 284 3.98 10.77 0.02
C HIS D 284 3.71 12.09 -0.70
N GLN D 285 4.43 13.12 -0.27
CA GLN D 285 4.34 14.44 -0.86
C GLN D 285 5.65 14.90 -1.49
N LEU D 286 6.79 14.56 -0.87
CA LEU D 286 8.11 14.87 -1.40
C LEU D 286 8.31 16.37 -1.61
N GLY D 287 7.88 16.87 -2.76
CA GLY D 287 8.11 18.27 -3.10
C GLY D 287 9.20 18.42 -4.14
N VAL D 288 10.36 17.83 -3.87
CA VAL D 288 11.47 17.79 -4.81
C VAL D 288 11.78 16.34 -5.12
N TRP D 289 12.42 16.15 -6.28
CA TRP D 289 12.71 14.80 -6.74
C TRP D 289 13.95 14.79 -7.63
N PRO D 290 15.10 14.31 -7.14
CA PRO D 290 16.31 14.29 -7.96
C PRO D 290 16.27 13.21 -9.03
N LEU D 291 17.44 12.71 -9.42
CA LEU D 291 17.56 11.68 -10.44
C LEU D 291 18.79 10.84 -10.18
N LEU D 292 18.69 9.55 -10.51
CA LEU D 292 19.82 8.64 -10.40
C LEU D 292 20.16 8.06 -11.76
N PRO D 293 21.44 7.83 -12.06
CA PRO D 293 21.82 7.30 -13.37
C PRO D 293 21.42 5.84 -13.50
N GLY D 294 20.81 5.49 -14.63
CA GLY D 294 20.40 4.12 -14.89
C GLY D 294 18.91 3.94 -15.01
N SER D 295 18.19 4.17 -13.91
CA SER D 295 16.75 3.98 -13.91
C SER D 295 16.05 5.06 -14.72
N PHE D 296 14.75 4.86 -14.94
CA PHE D 296 13.91 5.78 -15.71
C PHE D 296 12.83 6.31 -14.78
N LYS D 297 13.14 7.41 -14.09
CA LYS D 297 12.20 7.99 -13.14
C LYS D 297 11.06 8.68 -13.87
N THR D 298 9.85 8.51 -13.35
CA THR D 298 8.65 9.13 -13.93
C THR D 298 7.68 9.48 -12.82
N LEU D 299 7.08 10.66 -12.91
CA LEU D 299 6.16 11.13 -11.88
C LEU D 299 5.35 12.28 -12.46
N GLU D 300 4.22 12.57 -11.81
CA GLU D 300 3.34 13.64 -12.25
C GLU D 300 3.95 15.01 -11.96
N MET D 301 3.23 16.06 -12.38
CA MET D 301 3.67 17.44 -12.22
C MET D 301 2.74 18.25 -11.32
N LYS D 302 1.44 18.27 -11.63
CA LYS D 302 0.45 19.02 -10.88
C LYS D 302 0.79 20.51 -10.84
N ALA D 303 0.31 21.26 -11.83
CA ALA D 303 0.57 22.69 -11.89
C ALA D 303 -0.29 23.42 -10.86
N SER D 304 -0.07 24.73 -10.76
CA SER D 304 -0.81 25.55 -9.80
C SER D 304 -1.14 26.92 -10.37
N LYS D 305 -0.14 27.80 -10.43
CA LYS D 305 -0.36 29.16 -10.91
C LYS D 305 0.19 29.34 -12.31
N PRO D 306 -0.49 30.11 -13.15
CA PRO D 306 -0.02 30.34 -14.52
C PRO D 306 1.16 31.30 -14.54
N GLY D 307 1.77 31.43 -15.72
CA GLY D 307 2.90 32.30 -15.93
C GLY D 307 4.10 31.54 -16.46
N TRP D 308 5.12 32.32 -16.84
CA TRP D 308 6.37 31.76 -17.36
C TRP D 308 7.25 31.34 -16.19
N TRP D 309 6.93 30.17 -15.64
CA TRP D 309 7.70 29.62 -14.53
C TRP D 309 8.96 28.95 -15.06
N LEU D 310 10.10 29.31 -14.48
CA LEU D 310 11.38 28.79 -14.97
C LEU D 310 11.55 27.32 -14.64
N LEU D 311 12.11 26.58 -15.58
CA LEU D 311 12.42 25.16 -15.40
C LEU D 311 13.93 25.01 -15.27
N ASN D 312 14.40 24.71 -14.06
CA ASN D 312 15.82 24.61 -13.78
C ASN D 312 16.07 23.39 -12.91
N THR D 313 17.35 23.03 -12.78
CA THR D 313 17.77 21.88 -11.99
C THR D 313 18.69 22.26 -10.84
N GLU D 314 18.84 23.55 -10.55
CA GLU D 314 19.63 24.04 -9.41
C GLU D 314 21.09 23.58 -9.51
N VAL D 315 21.69 23.88 -10.66
CA VAL D 315 23.11 23.59 -10.89
C VAL D 315 23.75 24.81 -11.52
N GLY D 316 25.08 24.84 -11.50
CA GLY D 316 25.82 25.95 -12.06
C GLY D 316 26.49 25.68 -13.39
N GLU D 317 26.64 24.41 -13.78
CA GLU D 317 27.27 24.05 -15.04
C GLU D 317 26.29 23.65 -16.13
N ASN D 318 25.04 23.33 -15.78
CA ASN D 318 24.06 22.87 -16.74
C ASN D 318 22.80 23.73 -16.76
N GLN D 319 22.91 25.00 -16.38
CA GLN D 319 21.80 25.94 -16.45
C GLN D 319 22.10 27.11 -17.38
N ARG D 320 23.02 27.99 -16.98
CA ARG D 320 23.45 29.06 -17.88
C ARG D 320 24.18 28.54 -19.10
N ALA D 321 24.73 27.33 -19.04
CA ALA D 321 25.35 26.68 -20.19
C ALA D 321 24.65 25.40 -20.59
N GLY D 322 23.46 25.13 -20.03
CA GLY D 322 22.73 23.92 -20.35
C GLY D 322 21.27 24.17 -20.70
N MET D 323 20.41 24.18 -19.69
CA MET D 323 18.98 24.37 -19.87
C MET D 323 18.50 25.59 -19.12
N GLN D 324 17.64 26.39 -19.76
CA GLN D 324 17.09 27.59 -19.12
C GLN D 324 15.86 28.02 -19.93
N THR D 325 14.86 27.14 -19.97
CA THR D 325 13.62 27.42 -20.69
C THR D 325 12.44 27.42 -19.74
N PRO D 326 11.80 28.57 -19.53
CA PRO D 326 10.62 28.63 -18.65
C PRO D 326 9.40 28.07 -19.35
N PHE D 327 8.62 27.27 -18.64
CA PHE D 327 7.41 26.69 -19.20
C PHE D 327 6.22 27.62 -18.95
N LEU D 328 5.34 27.72 -19.93
CA LEU D 328 4.21 28.63 -19.89
C LEU D 328 2.91 27.87 -19.61
N ILE D 329 2.04 28.48 -18.82
CA ILE D 329 0.72 27.93 -18.51
C ILE D 329 -0.31 28.93 -19.01
N MET D 330 -1.07 28.56 -20.03
CA MET D 330 -2.09 29.44 -20.59
C MET D 330 -3.43 29.18 -19.90
N ASP D 331 -4.40 30.04 -20.22
CA ASP D 331 -5.71 29.94 -19.62
C ASP D 331 -6.44 28.69 -20.10
N ARG D 332 -7.31 28.15 -19.25
CA ARG D 332 -8.11 26.98 -19.56
C ARG D 332 -9.50 27.33 -20.07
N ASP D 333 -10.16 28.32 -19.46
CA ASP D 333 -11.49 28.75 -19.87
C ASP D 333 -11.45 30.02 -20.71
N CYS D 334 -10.56 30.06 -21.70
CA CYS D 334 -10.44 31.22 -22.58
C CYS D 334 -11.29 31.05 -23.84
N ARG D 335 -12.59 30.97 -23.62
CA ARG D 335 -13.57 30.82 -24.69
C ARG D 335 -14.35 32.10 -24.95
N MET D 336 -13.67 33.25 -24.84
CA MET D 336 -14.32 34.53 -25.09
C MET D 336 -14.34 34.84 -26.58
N PRO D 337 -15.29 35.68 -27.03
CA PRO D 337 -15.32 36.06 -28.44
C PRO D 337 -14.05 36.81 -28.84
N MET D 338 -13.58 36.52 -30.05
CA MET D 338 -12.34 37.10 -30.56
C MET D 338 -12.59 38.06 -31.72
N GLY D 339 -13.32 37.63 -32.74
CA GLY D 339 -13.56 38.47 -33.89
C GLY D 339 -14.94 38.31 -34.50
N LEU D 340 -15.84 37.65 -33.78
CA LEU D 340 -17.19 37.43 -34.28
C LEU D 340 -18.17 38.43 -33.67
N SER D 341 -18.21 38.50 -32.33
CA SER D 341 -19.13 39.40 -31.67
C SER D 341 -18.60 40.83 -31.57
N THR D 342 -17.29 41.01 -31.75
CA THR D 342 -16.69 42.33 -31.64
C THR D 342 -16.66 43.01 -33.00
N GLY D 343 -16.32 44.30 -32.99
CA GLY D 343 -16.25 45.08 -34.21
C GLY D 343 -14.87 45.63 -34.49
N ILE D 344 -13.94 45.42 -33.55
CA ILE D 344 -12.56 45.87 -33.68
C ILE D 344 -11.69 44.82 -34.36
N ILE D 345 -11.54 43.65 -33.74
CA ILE D 345 -10.74 42.58 -34.30
C ILE D 345 -11.52 41.92 -35.43
N SER D 346 -10.94 41.93 -36.63
CA SER D 346 -11.56 41.35 -37.81
C SER D 346 -10.49 40.74 -38.69
N ASP D 347 -10.92 40.01 -39.72
CA ASP D 347 -10.01 39.37 -40.67
C ASP D 347 -9.68 40.27 -41.84
N SER D 348 -9.41 41.55 -41.60
CA SER D 348 -9.06 42.46 -42.68
C SER D 348 -7.67 42.18 -43.25
N GLN D 349 -6.78 41.57 -42.47
CA GLN D 349 -5.44 41.23 -42.92
C GLN D 349 -5.36 39.81 -43.49
N ILE D 350 -6.40 39.36 -44.19
CA ILE D 350 -6.45 38.01 -44.74
C ILE D 350 -5.73 37.98 -46.07
N LYS D 351 -4.98 36.91 -46.31
CA LYS D 351 -4.27 36.69 -47.56
C LYS D 351 -4.64 35.33 -48.13
N ALA D 352 -4.69 35.25 -49.45
CA ALA D 352 -5.02 34.01 -50.15
C ALA D 352 -4.52 34.13 -51.58
N SER D 353 -5.05 33.26 -52.46
CA SER D 353 -4.67 33.27 -53.87
C SER D 353 -5.87 32.95 -54.74
N GLU D 354 -6.57 31.86 -54.43
CA GLU D 354 -7.75 31.43 -55.16
C GLU D 354 -8.96 31.56 -54.27
N PHE D 355 -10.03 32.17 -54.79
CA PHE D 355 -11.25 32.39 -54.04
C PHE D 355 -12.32 31.40 -54.51
N LEU D 356 -13.54 31.54 -53.96
CA LEU D 356 -14.62 30.57 -54.19
C LEU D 356 -15.91 31.31 -54.56
N GLY D 357 -15.98 31.79 -55.80
CA GLY D 357 -17.20 32.36 -56.31
C GLY D 357 -17.21 33.87 -56.45
N TYR D 358 -18.38 34.48 -56.25
CA TYR D 358 -18.55 35.92 -56.41
C TYR D 358 -19.05 36.61 -55.14
N TRP D 359 -19.44 35.85 -54.12
CA TRP D 359 -20.02 36.45 -52.92
C TRP D 359 -18.96 37.27 -52.17
N GLU D 360 -19.42 38.03 -51.19
CA GLU D 360 -18.56 38.94 -50.47
C GLU D 360 -17.52 38.17 -49.65
N PRO D 361 -16.31 38.71 -49.51
CA PRO D 361 -15.26 37.99 -48.76
C PRO D 361 -15.46 38.03 -47.25
N ARG D 362 -15.45 39.22 -46.66
CA ARG D 362 -15.55 39.33 -45.21
C ARG D 362 -16.96 39.00 -44.71
N LEU D 363 -17.99 39.36 -45.47
CA LEU D 363 -19.36 39.10 -45.07
C LEU D 363 -19.61 37.60 -44.95
N ALA D 364 -19.28 37.02 -43.79
CA ALA D 364 -19.42 35.60 -43.53
C ALA D 364 -19.93 35.35 -42.12
N ARG D 365 -20.78 36.24 -41.62
CA ARG D 365 -21.32 36.11 -40.28
C ARG D 365 -22.35 35.00 -40.23
N LEU D 366 -22.54 34.44 -39.04
CA LEU D 366 -23.49 33.35 -38.83
C LEU D 366 -24.90 33.90 -38.91
N ASN D 367 -25.69 33.36 -39.84
CA ASN D 367 -27.08 33.76 -40.05
C ASN D 367 -27.19 35.25 -40.33
N ASN D 368 -26.99 35.64 -41.59
CA ASN D 368 -27.07 37.02 -42.01
C ASN D 368 -28.08 37.15 -43.14
N GLY D 369 -28.67 38.35 -43.24
CA GLY D 369 -29.66 38.57 -44.28
C GLY D 369 -29.01 38.69 -45.66
N GLY D 370 -29.69 38.12 -46.65
CA GLY D 370 -29.21 38.13 -48.01
C GLY D 370 -28.69 36.77 -48.45
N SER D 371 -28.75 36.54 -49.76
CA SER D 371 -28.29 35.31 -50.37
C SER D 371 -26.82 35.35 -50.76
N TYR D 372 -26.06 36.33 -50.25
CA TYR D 372 -24.63 36.48 -50.54
C TYR D 372 -23.92 36.67 -49.21
N ASN D 373 -23.44 35.57 -48.63
CA ASN D 373 -22.78 35.61 -47.33
C ASN D 373 -21.79 34.44 -47.26
N ALA D 374 -20.57 34.69 -47.71
CA ALA D 374 -19.51 33.68 -47.68
C ALA D 374 -18.14 34.33 -47.68
N TRP D 375 -17.24 33.81 -48.53
CA TRP D 375 -15.88 34.35 -48.62
C TRP D 375 -15.37 34.11 -50.03
N SER D 376 -15.18 35.20 -50.79
CA SER D 376 -14.66 35.10 -52.14
C SER D 376 -14.35 36.51 -52.65
N VAL D 377 -13.46 36.57 -53.64
CA VAL D 377 -13.14 37.81 -54.35
C VAL D 377 -13.12 37.51 -55.84
N GLU D 378 -12.46 36.43 -56.22
CA GLU D 378 -12.38 35.99 -57.61
C GLU D 378 -13.21 34.73 -57.80
N LYS D 379 -13.63 34.50 -59.05
CA LYS D 379 -14.47 33.35 -59.36
C LYS D 379 -13.71 32.04 -59.13
N LEU D 380 -14.46 30.99 -58.83
CA LEU D 380 -13.86 29.69 -58.51
C LEU D 380 -13.61 28.86 -59.76
N ALA D 381 -14.43 29.00 -60.80
CA ALA D 381 -14.33 28.22 -62.02
C ALA D 381 -14.34 26.73 -61.73
N ALA D 382 -13.19 26.17 -61.37
CA ALA D 382 -13.06 24.76 -61.03
C ALA D 382 -12.22 24.63 -59.77
N GLU D 383 -12.73 23.88 -58.80
CA GLU D 383 -12.05 23.68 -57.52
C GLU D 383 -11.82 22.18 -57.30
N PHE D 384 -10.59 21.82 -56.96
CA PHE D 384 -10.25 20.43 -56.71
C PHE D 384 -9.10 20.38 -55.71
N ALA D 385 -8.19 19.41 -55.89
CA ALA D 385 -7.03 19.27 -55.02
C ALA D 385 -5.86 20.13 -55.49
N SER D 386 -6.17 21.36 -55.90
CA SER D 386 -5.14 22.31 -56.34
C SER D 386 -4.45 22.94 -55.15
N LYS D 387 -4.54 24.26 -55.03
CA LYS D 387 -3.96 25.00 -53.90
C LYS D 387 -4.77 26.26 -53.64
N PRO D 388 -6.00 26.10 -53.11
CA PRO D 388 -6.79 27.28 -52.71
C PRO D 388 -6.49 27.70 -51.27
N TRP D 389 -5.22 27.94 -50.99
CA TRP D 389 -4.79 28.24 -49.62
C TRP D 389 -5.29 29.61 -49.18
N ILE D 390 -5.64 29.70 -47.90
CA ILE D 390 -6.15 30.92 -47.28
C ILE D 390 -5.24 31.23 -46.10
N GLN D 391 -4.25 32.10 -46.31
CA GLN D 391 -3.29 32.44 -45.27
C GLN D 391 -3.96 33.33 -44.24
N VAL D 392 -4.35 32.74 -43.11
CA VAL D 392 -4.97 33.49 -42.01
C VAL D 392 -3.86 34.01 -41.10
N ASP D 393 -3.25 35.12 -41.48
CA ASP D 393 -2.16 35.71 -40.71
C ASP D 393 -2.70 36.71 -39.70
N MET D 394 -2.07 36.74 -38.53
CA MET D 394 -2.45 37.66 -37.47
C MET D 394 -1.31 38.56 -37.02
N GLN D 395 -0.10 38.37 -37.53
CA GLN D 395 1.06 39.17 -37.18
C GLN D 395 1.33 39.17 -35.67
N LYS D 396 0.98 38.09 -35.00
CA LYS D 396 1.18 37.96 -33.56
C LYS D 396 1.08 36.48 -33.19
N GLU D 397 1.30 36.19 -31.91
CA GLU D 397 1.19 34.82 -31.43
C GLU D 397 -0.27 34.39 -31.40
N VAL D 398 -0.51 33.13 -31.74
CA VAL D 398 -1.85 32.57 -31.79
C VAL D 398 -1.88 31.24 -31.05
N ILE D 399 -3.06 30.89 -30.53
CA ILE D 399 -3.29 29.62 -29.87
C ILE D 399 -4.75 29.23 -30.05
N ILE D 400 -5.00 28.25 -30.91
CA ILE D 400 -6.35 27.86 -31.29
C ILE D 400 -6.58 26.42 -30.84
N THR D 401 -7.70 26.20 -30.14
CA THR D 401 -8.09 24.87 -29.71
C THR D 401 -9.40 24.40 -30.34
N GLY D 402 -10.03 25.22 -31.16
CA GLY D 402 -11.28 24.84 -31.80
C GLY D 402 -11.80 25.87 -32.77
N ILE D 403 -12.16 25.44 -33.98
CA ILE D 403 -12.68 26.32 -35.01
C ILE D 403 -14.01 25.75 -35.50
N GLN D 404 -15.05 26.58 -35.52
CA GLN D 404 -16.35 26.16 -36.00
C GLN D 404 -16.44 26.26 -37.52
N THR D 405 -17.44 25.59 -38.09
CA THR D 405 -17.66 25.58 -39.52
C THR D 405 -19.15 25.54 -39.80
N GLN D 406 -19.62 26.46 -40.65
CA GLN D 406 -21.03 26.54 -40.99
C GLN D 406 -21.17 26.87 -42.47
N GLY D 407 -22.12 26.22 -43.13
CA GLY D 407 -22.35 26.45 -44.54
C GLY D 407 -23.33 27.59 -44.81
N ALA D 408 -24.13 27.47 -45.86
CA ALA D 408 -25.09 28.51 -46.21
C ALA D 408 -26.20 27.89 -47.03
N LYS D 409 -27.38 28.49 -46.92
CA LYS D 409 -28.56 28.05 -47.66
C LYS D 409 -29.53 29.22 -47.77
N HIS D 410 -30.47 29.10 -48.70
CA HIS D 410 -31.46 30.15 -48.88
C HIS D 410 -32.75 29.63 -49.50
N TYR D 411 -32.84 28.31 -49.70
CA TYR D 411 -34.09 27.73 -50.19
C TYR D 411 -34.22 26.26 -49.80
N LEU D 412 -33.19 25.45 -50.06
CA LEU D 412 -33.27 24.02 -49.80
C LEU D 412 -31.91 23.36 -49.84
N LYS D 413 -31.00 23.88 -50.67
CA LYS D 413 -29.70 23.26 -50.85
C LYS D 413 -28.90 23.25 -49.56
N SER D 414 -28.00 22.27 -49.45
CA SER D 414 -27.16 22.12 -48.27
C SER D 414 -25.93 23.04 -48.34
N CYS D 415 -25.08 22.84 -49.34
CA CYS D 415 -23.89 23.66 -49.56
C CYS D 415 -22.98 23.63 -48.33
N TYR D 416 -22.16 22.59 -48.21
CA TYR D 416 -21.28 22.44 -47.05
C TYR D 416 -19.97 21.83 -47.51
N THR D 417 -18.88 22.25 -46.87
CA THR D 417 -17.56 21.70 -47.16
C THR D 417 -17.40 20.36 -46.44
N THR D 418 -17.01 19.33 -47.20
CA THR D 418 -16.89 17.98 -46.64
C THR D 418 -15.50 17.69 -46.08
N GLU D 419 -14.47 18.34 -46.60
CA GLU D 419 -13.11 18.08 -46.15
C GLU D 419 -12.21 19.23 -46.57
N PHE D 420 -11.31 19.63 -45.67
CA PHE D 420 -10.34 20.68 -45.96
C PHE D 420 -9.11 20.46 -45.10
N TYR D 421 -7.94 20.65 -45.70
CA TYR D 421 -6.67 20.46 -45.01
C TYR D 421 -6.15 21.80 -44.51
N VAL D 422 -5.53 21.78 -43.34
CA VAL D 422 -5.03 22.97 -42.68
C VAL D 422 -3.50 22.94 -42.68
N ALA D 423 -2.90 24.13 -42.77
CA ALA D 423 -1.45 24.28 -42.74
C ALA D 423 -1.11 25.41 -41.76
N TYR D 424 0.19 25.65 -41.59
CA TYR D 424 0.66 26.72 -40.71
C TYR D 424 2.09 27.08 -41.10
N SER D 425 2.56 28.18 -40.54
CA SER D 425 3.91 28.65 -40.79
C SER D 425 4.31 29.63 -39.70
N SER D 426 5.62 29.76 -39.50
CA SER D 426 6.16 30.67 -38.49
C SER D 426 7.19 31.65 -39.04
N ASN D 427 7.47 31.62 -40.34
CA ASN D 427 8.44 32.53 -40.92
C ASN D 427 8.09 33.04 -42.30
N GLN D 428 6.89 32.73 -42.82
CA GLN D 428 6.41 33.22 -44.12
C GLN D 428 7.24 32.71 -45.29
N ILE D 429 8.56 32.72 -45.15
CA ILE D 429 9.43 32.27 -46.24
C ILE D 429 9.24 30.79 -46.52
N ASN D 430 8.80 30.02 -45.53
CA ASN D 430 8.55 28.60 -45.70
C ASN D 430 7.14 28.27 -45.22
N TRP D 431 6.49 27.36 -45.95
CA TRP D 431 5.12 26.95 -45.67
C TRP D 431 5.17 25.54 -45.08
N GLN D 432 5.13 25.44 -43.75
CA GLN D 432 5.18 24.17 -43.05
C GLN D 432 3.79 23.54 -43.08
N ILE D 433 3.44 22.97 -44.25
CA ILE D 433 2.16 22.31 -44.43
C ILE D 433 2.17 20.98 -43.68
N PHE D 434 1.97 21.03 -42.36
CA PHE D 434 1.99 19.83 -41.55
C PHE D 434 0.93 19.85 -40.45
N LYS D 435 -0.06 20.74 -40.52
CA LYS D 435 -1.09 20.77 -39.49
C LYS D 435 -2.04 19.59 -39.62
N GLY D 436 -2.20 19.05 -40.83
CA GLY D 436 -3.06 17.90 -41.04
C GLY D 436 -2.57 16.60 -40.42
N ASN D 437 -1.34 16.58 -39.91
CA ASN D 437 -0.77 15.40 -39.26
C ASN D 437 -0.41 15.78 -37.82
N SER D 438 -1.44 16.02 -37.00
CA SER D 438 -1.23 16.40 -35.61
C SER D 438 -1.24 15.16 -34.71
N THR D 439 -1.95 15.24 -33.59
CA THR D 439 -2.02 14.11 -32.65
C THR D 439 -2.97 13.04 -33.19
N ARG D 440 -4.25 13.39 -33.34
CA ARG D 440 -5.22 12.42 -33.83
C ARG D 440 -5.23 12.35 -35.35
N ASN D 441 -5.14 13.50 -36.01
CA ASN D 441 -5.14 13.54 -37.47
C ASN D 441 -3.81 13.03 -38.03
N VAL D 442 -3.87 12.45 -39.22
CA VAL D 442 -2.68 11.92 -39.88
C VAL D 442 -2.57 12.50 -41.28
N MET D 443 -3.70 12.60 -41.98
CA MET D 443 -3.72 13.13 -43.33
C MET D 443 -5.13 13.54 -43.73
N TYR D 444 -5.94 13.95 -42.75
CA TYR D 444 -7.31 14.36 -43.00
C TYR D 444 -7.73 15.33 -41.91
N PHE D 445 -8.95 15.85 -42.05
CA PHE D 445 -9.50 16.79 -41.07
C PHE D 445 -11.01 16.78 -41.20
N ASN D 446 -11.68 17.15 -40.11
CA ASN D 446 -13.13 17.15 -40.06
C ASN D 446 -13.69 18.28 -40.94
N GLY D 447 -15.00 18.27 -41.12
CA GLY D 447 -15.65 19.29 -41.92
C GLY D 447 -17.11 19.43 -41.54
N ASN D 448 -17.80 20.29 -42.29
CA ASN D 448 -19.21 20.54 -42.05
C ASN D 448 -20.06 19.39 -42.57
N SER D 449 -21.22 19.22 -41.96
CA SER D 449 -22.15 18.15 -42.33
C SER D 449 -23.37 18.66 -43.07
N ASP D 450 -24.09 19.65 -42.51
CA ASP D 450 -25.29 20.17 -43.14
C ASP D 450 -25.20 21.68 -43.31
N ALA D 451 -26.31 22.38 -43.11
CA ALA D 451 -26.37 23.83 -43.24
C ALA D 451 -26.99 24.52 -42.04
N SER D 452 -28.08 23.97 -41.51
CA SER D 452 -28.75 24.54 -40.35
C SER D 452 -28.19 24.04 -39.03
N THR D 453 -27.18 23.18 -39.07
CA THR D 453 -26.54 22.63 -37.88
C THR D 453 -25.10 23.13 -37.81
N ILE D 454 -24.77 23.79 -36.70
CA ILE D 454 -23.42 24.32 -36.53
C ILE D 454 -22.45 23.18 -36.26
N LYS D 455 -21.31 23.19 -36.94
CA LYS D 455 -20.28 22.17 -36.79
C LYS D 455 -18.99 22.81 -36.31
N GLU D 456 -18.34 22.16 -35.34
CA GLU D 456 -17.10 22.66 -34.77
C GLU D 456 -15.98 21.64 -34.97
N ASN D 457 -14.75 22.13 -35.00
CA ASN D 457 -13.56 21.30 -35.17
C ASN D 457 -12.60 21.62 -34.03
N GLN D 458 -12.69 20.84 -32.96
CA GLN D 458 -11.86 21.06 -31.78
C GLN D 458 -10.47 20.47 -31.99
N PHE D 459 -9.46 21.23 -31.58
CA PHE D 459 -8.07 20.80 -31.71
C PHE D 459 -7.56 20.26 -30.38
N ASP D 460 -6.78 19.19 -30.45
CA ASP D 460 -6.24 18.55 -29.25
C ASP D 460 -4.89 19.16 -28.84
N PRO D 461 -3.89 19.24 -29.72
CA PRO D 461 -2.60 19.79 -29.30
C PRO D 461 -2.63 21.31 -29.29
N PRO D 462 -2.03 21.93 -28.27
CA PRO D 462 -1.96 23.40 -28.25
C PRO D 462 -1.06 23.94 -29.35
N ILE D 463 -1.61 24.05 -30.56
CA ILE D 463 -0.81 24.51 -31.70
C ILE D 463 -0.53 26.00 -31.56
N VAL D 464 0.72 26.39 -31.77
CA VAL D 464 1.15 27.78 -31.71
C VAL D 464 1.90 28.11 -32.98
N ALA D 465 1.57 29.26 -33.58
CA ALA D 465 2.22 29.70 -34.81
C ALA D 465 1.99 31.19 -35.03
N ARG D 466 1.89 31.60 -36.29
CA ARG D 466 1.65 33.00 -36.62
C ARG D 466 1.05 33.13 -38.02
N TYR D 467 1.43 32.24 -38.91
CA TYR D 467 0.93 32.24 -40.29
C TYR D 467 0.03 31.02 -40.49
N ILE D 468 -1.20 31.12 -39.98
CA ILE D 468 -2.16 30.04 -40.14
C ILE D 468 -2.64 30.00 -41.58
N ARG D 469 -2.81 28.78 -42.11
CA ARG D 469 -3.21 28.59 -43.50
C ARG D 469 -4.24 27.48 -43.58
N ILE D 470 -5.41 27.80 -44.14
CA ILE D 470 -6.46 26.82 -44.38
C ILE D 470 -6.72 26.76 -45.89
N SER D 471 -7.25 25.62 -46.32
CA SER D 471 -7.48 25.41 -47.74
C SER D 471 -8.62 24.42 -47.97
N PRO D 472 -9.68 24.83 -48.64
CA PRO D 472 -10.82 23.92 -48.88
C PRO D 472 -10.52 22.96 -50.03
N THR D 473 -11.51 22.14 -50.35
CA THR D 473 -11.40 21.19 -51.45
C THR D 473 -12.59 21.34 -52.40
N ARG D 474 -13.72 20.74 -52.05
CA ARG D 474 -14.92 20.82 -52.87
C ARG D 474 -16.14 20.62 -51.98
N ALA D 475 -17.17 21.42 -52.22
CA ALA D 475 -18.39 21.39 -51.44
C ALA D 475 -19.55 20.89 -52.30
N TYR D 476 -20.78 21.09 -51.82
CA TYR D 476 -21.99 20.67 -52.54
C TYR D 476 -22.22 21.62 -53.71
N ASN D 477 -21.49 21.37 -54.80
CA ASN D 477 -21.52 22.15 -56.03
C ASN D 477 -21.48 23.67 -55.78
N ARG D 478 -20.92 24.09 -54.65
CA ARG D 478 -20.80 25.49 -54.29
C ARG D 478 -19.84 25.65 -53.11
N PRO D 479 -18.55 25.85 -53.38
CA PRO D 479 -17.59 26.03 -52.28
C PRO D 479 -17.85 27.30 -51.48
N THR D 480 -18.42 27.16 -50.29
CA THR D 480 -18.69 28.29 -49.40
C THR D 480 -18.25 27.91 -47.99
N LEU D 481 -17.34 28.69 -47.42
CA LEU D 481 -16.83 28.44 -46.08
C LEU D 481 -16.97 29.72 -45.24
N ARG D 482 -17.23 29.53 -43.94
CA ARG D 482 -17.37 30.63 -42.99
C ARG D 482 -16.67 30.22 -41.69
N LEU D 483 -15.33 30.16 -41.73
CA LEU D 483 -14.57 29.79 -40.56
C LEU D 483 -14.54 30.93 -39.56
N GLU D 484 -14.85 30.62 -38.29
CA GLU D 484 -14.83 31.61 -37.23
C GLU D 484 -13.42 31.72 -36.65
N LEU D 485 -13.28 32.45 -35.55
CA LEU D 485 -11.99 32.64 -34.90
C LEU D 485 -12.15 32.44 -33.40
N GLN D 486 -11.33 31.56 -32.84
CA GLN D 486 -11.38 31.28 -31.39
C GLN D 486 -9.95 31.05 -30.92
N GLY D 487 -9.40 32.06 -30.25
CA GLY D 487 -8.06 32.00 -29.69
C GLY D 487 -8.07 31.81 -28.19
N CYS D 488 -6.97 32.18 -27.55
CA CYS D 488 -6.83 32.07 -26.11
C CYS D 488 -5.78 33.07 -25.65
N GLU D 489 -5.64 33.18 -24.33
CA GLU D 489 -4.70 34.12 -23.74
C GLU D 489 -3.27 33.64 -23.88
N VAL D 490 -2.32 34.45 -23.43
CA VAL D 490 -0.90 34.13 -23.47
C VAL D 490 -0.30 34.03 -22.07
N ASN D 491 -0.72 34.89 -21.15
CA ASN D 491 -0.20 34.83 -19.79
C ASN D 491 -0.87 33.71 -18.98
N GLY D 492 -2.16 33.51 -19.18
CA GLY D 492 -2.89 32.45 -18.49
C GLY D 492 -3.70 32.88 -17.30
N CYS D 493 -3.88 34.18 -17.08
CA CYS D 493 -4.65 34.66 -15.95
C CYS D 493 -5.84 35.54 -16.34
N SER D 494 -5.80 36.18 -17.51
CA SER D 494 -6.89 37.06 -17.95
C SER D 494 -8.14 36.21 -18.17
N THR D 495 -8.88 35.98 -17.08
CA THR D 495 -10.09 35.19 -17.11
C THR D 495 -11.29 36.05 -16.76
N PRO D 496 -12.44 35.82 -17.39
CA PRO D 496 -13.66 36.57 -17.06
C PRO D 496 -14.12 36.23 -15.65
N LEU D 497 -14.20 37.24 -14.79
CA LEU D 497 -14.63 37.04 -13.41
C LEU D 497 -16.13 36.83 -13.27
N GLY D 498 -16.90 37.01 -14.34
CA GLY D 498 -18.33 36.77 -14.29
C GLY D 498 -19.17 38.00 -14.44
N MET D 499 -18.62 39.05 -15.07
CA MET D 499 -19.38 40.27 -15.28
C MET D 499 -20.49 40.07 -16.33
N GLU D 500 -20.41 38.98 -17.09
CA GLU D 500 -21.43 38.67 -18.09
C GLU D 500 -22.00 37.27 -17.95
N ASN D 501 -21.35 36.38 -17.19
CA ASN D 501 -21.84 35.02 -17.04
C ASN D 501 -22.91 34.94 -15.95
N GLY D 502 -22.56 35.32 -14.72
CA GLY D 502 -23.51 35.29 -13.63
C GLY D 502 -22.87 35.13 -12.27
N LYS D 503 -21.55 34.97 -12.24
CA LYS D 503 -20.85 34.80 -10.97
C LYS D 503 -20.76 36.12 -10.21
N ILE D 504 -20.67 37.24 -10.92
CA ILE D 504 -20.66 38.56 -10.30
C ILE D 504 -22.10 39.03 -10.16
N GLU D 505 -22.59 39.11 -8.92
CA GLU D 505 -23.97 39.47 -8.65
C GLU D 505 -24.16 40.97 -8.84
N ASN D 506 -25.40 41.43 -8.63
CA ASN D 506 -25.72 42.85 -8.76
C ASN D 506 -25.19 43.67 -7.60
N LYS D 507 -24.85 43.05 -6.48
CA LYS D 507 -24.31 43.79 -5.35
C LYS D 507 -22.93 44.36 -5.64
N GLN D 508 -22.19 43.80 -6.58
CA GLN D 508 -20.88 44.32 -6.96
C GLN D 508 -20.99 45.35 -8.07
N ILE D 509 -21.56 44.97 -9.21
CA ILE D 509 -21.81 45.88 -10.31
C ILE D 509 -23.20 46.47 -10.12
N THR D 510 -23.24 47.76 -9.75
CA THR D 510 -24.49 48.43 -9.44
C THR D 510 -24.79 49.50 -10.48
N ALA D 511 -26.08 49.76 -10.68
CA ALA D 511 -26.55 50.78 -11.61
C ALA D 511 -26.77 52.10 -10.89
N SER D 512 -27.06 53.14 -11.67
CA SER D 512 -27.30 54.46 -11.11
C SER D 512 -28.78 54.69 -10.83
N SER D 513 -29.44 55.45 -11.69
CA SER D 513 -30.86 55.75 -11.54
C SER D 513 -31.72 54.69 -12.22
N PHE D 514 -32.93 54.52 -11.70
CA PHE D 514 -33.90 53.56 -12.22
C PHE D 514 -35.06 54.33 -12.85
N LYS D 515 -35.23 54.17 -14.16
CA LYS D 515 -36.29 54.86 -14.87
C LYS D 515 -37.64 54.20 -14.57
N LYS D 516 -38.64 55.01 -14.27
CA LYS D 516 -39.98 54.52 -13.94
C LYS D 516 -40.99 55.49 -14.50
N SER D 517 -41.89 54.99 -15.34
CA SER D 517 -42.93 55.83 -15.92
C SER D 517 -44.08 56.02 -14.93
N TRP D 518 -44.87 57.06 -15.18
CA TRP D 518 -46.01 57.36 -14.30
C TRP D 518 -47.14 56.35 -14.52
N TRP D 519 -47.84 56.47 -15.65
CA TRP D 519 -48.95 55.57 -15.96
C TRP D 519 -48.50 54.54 -16.99
N GLY D 520 -47.69 53.59 -16.51
CA GLY D 520 -47.17 52.54 -17.35
C GLY D 520 -46.38 51.50 -16.58
N ASP D 521 -45.19 51.17 -17.08
CA ASP D 521 -44.31 50.19 -16.49
C ASP D 521 -43.08 50.91 -15.92
N TYR D 522 -41.96 50.20 -15.80
CA TYR D 522 -40.74 50.77 -15.27
C TYR D 522 -39.55 50.00 -15.82
N TRP D 523 -38.48 50.72 -16.12
CA TRP D 523 -37.27 50.13 -16.66
C TRP D 523 -36.45 49.49 -15.55
N GLU D 524 -35.66 48.47 -15.93
CA GLU D 524 -34.79 47.73 -15.01
C GLU D 524 -33.37 47.80 -15.55
N PRO D 525 -32.67 48.91 -15.33
CA PRO D 525 -31.33 49.07 -15.92
C PRO D 525 -30.22 48.45 -15.08
N PHE D 526 -30.51 47.34 -14.40
CA PHE D 526 -29.50 46.65 -13.59
C PHE D 526 -29.00 45.37 -14.25
N ARG D 527 -29.39 45.12 -15.50
CA ARG D 527 -28.94 43.94 -16.24
C ARG D 527 -27.74 44.28 -17.12
N ALA D 528 -26.73 44.93 -16.54
CA ALA D 528 -25.55 45.33 -17.29
C ALA D 528 -24.65 44.13 -17.59
N ARG D 529 -25.11 43.25 -18.48
CA ARG D 529 -24.35 42.07 -18.86
C ARG D 529 -24.35 41.96 -20.38
N LEU D 530 -23.61 40.98 -20.90
CA LEU D 530 -23.53 40.74 -22.32
C LEU D 530 -24.65 39.82 -22.77
N ASN D 531 -25.38 40.22 -23.81
CA ASN D 531 -26.49 39.46 -24.37
C ASN D 531 -27.55 39.16 -23.31
N ALA D 532 -28.35 40.19 -23.03
CA ALA D 532 -29.43 40.12 -22.06
C ALA D 532 -30.77 40.27 -22.78
N GLN D 533 -31.82 39.68 -22.19
CA GLN D 533 -33.15 39.73 -22.74
C GLN D 533 -34.09 40.43 -21.77
N GLY D 534 -35.39 40.36 -22.05
CA GLY D 534 -36.38 41.00 -21.21
C GLY D 534 -36.69 42.41 -21.68
N ARG D 535 -36.72 43.35 -20.73
CA ARG D 535 -36.98 44.75 -21.06
C ARG D 535 -35.78 45.35 -21.79
N VAL D 536 -34.81 45.86 -21.03
CA VAL D 536 -33.59 46.39 -21.60
C VAL D 536 -32.53 45.32 -21.60
N ASN D 537 -31.33 45.67 -22.08
CA ASN D 537 -30.23 44.72 -22.16
C ASN D 537 -29.01 45.14 -21.34
N ALA D 538 -28.98 46.36 -20.83
CA ALA D 538 -27.84 46.81 -20.03
C ALA D 538 -28.32 47.89 -19.06
N TRP D 539 -27.49 48.91 -18.85
CA TRP D 539 -27.80 50.01 -17.94
C TRP D 539 -28.07 51.27 -18.73
N GLN D 540 -29.24 51.87 -18.51
CA GLN D 540 -29.65 53.11 -19.18
C GLN D 540 -30.19 54.05 -18.12
N ALA D 541 -29.38 55.05 -17.75
CA ALA D 541 -29.78 55.98 -16.69
C ALA D 541 -30.85 56.94 -17.21
N LYS D 542 -31.47 57.65 -16.27
CA LYS D 542 -32.51 58.61 -16.62
C LYS D 542 -31.91 59.87 -17.24
N ALA D 543 -30.91 60.45 -16.60
CA ALA D 543 -30.26 61.64 -17.13
C ALA D 543 -29.35 61.27 -18.31
N ASN D 544 -28.79 62.30 -18.95
CA ASN D 544 -27.93 62.09 -20.12
C ASN D 544 -26.87 63.20 -20.12
N ASN D 545 -25.83 63.00 -19.32
CA ASN D 545 -24.74 63.95 -19.21
C ASN D 545 -23.46 63.19 -18.85
N ASN D 546 -22.51 63.88 -18.25
CA ASN D 546 -21.24 63.29 -17.83
C ASN D 546 -21.15 63.17 -16.31
N LYS D 547 -22.27 62.83 -15.69
CA LYS D 547 -22.33 62.69 -14.23
C LYS D 547 -22.69 61.29 -13.75
N GLN D 548 -23.40 60.48 -14.55
CA GLN D 548 -23.77 59.15 -14.13
C GLN D 548 -22.54 58.27 -13.95
N TRP D 549 -22.70 57.20 -13.17
CA TRP D 549 -21.62 56.31 -12.83
C TRP D 549 -22.07 54.86 -13.01
N LEU D 550 -21.09 53.95 -12.95
CA LEU D 550 -21.33 52.51 -13.09
C LEU D 550 -20.18 51.80 -12.34
N GLU D 551 -20.30 51.79 -11.01
CA GLU D 551 -19.24 51.25 -10.17
C GLU D 551 -19.29 49.73 -10.15
N ILE D 552 -18.10 49.12 -10.03
CA ILE D 552 -17.95 47.68 -9.93
C ILE D 552 -17.10 47.37 -8.71
N ASP D 553 -17.52 46.36 -7.94
CA ASP D 553 -16.79 45.92 -6.76
C ASP D 553 -16.02 44.65 -7.11
N LEU D 554 -14.69 44.73 -7.09
CA LEU D 554 -13.83 43.61 -7.44
C LEU D 554 -13.38 42.81 -6.24
N LEU D 555 -13.85 43.14 -5.03
CA LEU D 555 -13.52 42.43 -3.81
C LEU D 555 -12.01 42.45 -3.53
N LYS D 556 -11.22 41.86 -4.42
CA LYS D 556 -9.77 41.83 -4.28
C LYS D 556 -9.13 42.56 -5.45
N ILE D 557 -7.80 42.67 -5.39
CA ILE D 557 -7.06 43.35 -6.46
C ILE D 557 -6.95 42.43 -7.67
N LYS D 558 -7.03 43.02 -8.85
CA LYS D 558 -7.00 42.27 -10.10
C LYS D 558 -6.10 42.99 -11.11
N LYS D 559 -5.72 42.25 -12.14
CA LYS D 559 -4.92 42.78 -13.24
C LYS D 559 -5.78 42.74 -14.49
N ILE D 560 -6.30 43.90 -14.89
CA ILE D 560 -7.19 44.01 -16.03
C ILE D 560 -6.39 44.43 -17.25
N THR D 561 -6.54 43.68 -18.35
CA THR D 561 -5.86 43.95 -19.60
C THR D 561 -6.81 44.13 -20.76
N ALA D 562 -7.78 43.23 -20.91
CA ALA D 562 -8.75 43.28 -22.00
C ALA D 562 -10.10 43.76 -21.50
N ILE D 563 -10.80 44.51 -22.35
CA ILE D 563 -12.12 45.03 -22.05
C ILE D 563 -13.04 44.78 -23.23
N ILE D 564 -14.34 44.97 -22.99
CA ILE D 564 -15.34 44.83 -24.05
C ILE D 564 -16.55 45.67 -23.66
N THR D 565 -17.29 46.13 -24.66
CA THR D 565 -18.46 46.98 -24.44
C THR D 565 -19.31 46.98 -25.70
N GLN D 566 -20.59 46.66 -25.56
CA GLN D 566 -21.50 46.64 -26.70
C GLN D 566 -22.51 47.78 -26.62
N GLY D 567 -23.55 47.60 -25.82
CA GLY D 567 -24.60 48.60 -25.66
C GLY D 567 -25.96 47.94 -25.77
N CYS D 568 -26.98 48.64 -25.26
CA CYS D 568 -28.35 48.16 -25.27
C CYS D 568 -29.24 49.11 -26.08
N LYS D 569 -30.52 48.78 -26.12
CA LYS D 569 -31.49 49.58 -26.86
C LYS D 569 -32.85 49.42 -26.16
N SER D 570 -33.93 49.76 -26.87
CA SER D 570 -35.28 49.65 -26.34
C SER D 570 -36.23 49.16 -27.41
N LEU D 571 -35.75 48.27 -28.29
CA LEU D 571 -36.54 47.71 -29.37
C LEU D 571 -37.11 48.80 -30.29
N SER D 572 -36.36 49.88 -30.47
CA SER D 572 -36.79 50.98 -31.32
C SER D 572 -35.58 51.76 -31.82
N SER D 573 -34.92 52.47 -30.92
CA SER D 573 -33.70 53.22 -31.24
C SER D 573 -32.53 52.62 -30.48
N GLU D 574 -31.35 52.73 -31.09
CA GLU D 574 -30.12 52.18 -30.53
C GLU D 574 -29.23 53.32 -30.06
N MET D 575 -28.92 53.34 -28.77
CA MET D 575 -28.04 54.34 -28.18
C MET D 575 -26.83 53.65 -27.57
N TYR D 576 -25.76 54.42 -27.40
CA TYR D 576 -24.51 53.89 -26.85
C TYR D 576 -23.70 55.05 -26.27
N VAL D 577 -22.54 54.72 -25.73
CA VAL D 577 -21.63 55.68 -25.12
C VAL D 577 -20.35 55.72 -25.95
N LYS D 578 -19.86 56.92 -26.23
CA LYS D 578 -18.68 57.09 -27.06
C LYS D 578 -17.38 57.23 -26.27
N SER D 579 -17.44 57.66 -25.01
CA SER D 579 -16.24 57.80 -24.21
C SER D 579 -16.60 57.72 -22.73
N TYR D 580 -15.69 57.17 -21.94
CA TYR D 580 -15.87 57.05 -20.50
C TYR D 580 -14.50 57.16 -19.83
N THR D 581 -14.50 57.14 -18.49
CA THR D 581 -13.27 57.22 -17.71
C THR D 581 -13.31 56.17 -16.63
N ILE D 582 -12.21 55.44 -16.47
CA ILE D 582 -12.10 54.39 -15.46
C ILE D 582 -11.42 54.97 -14.23
N HIS D 583 -12.08 54.88 -13.09
CA HIS D 583 -11.56 55.36 -11.81
C HIS D 583 -11.03 54.18 -11.01
N TYR D 584 -9.73 54.20 -10.71
CA TYR D 584 -9.08 53.13 -9.98
C TYR D 584 -8.93 53.51 -8.51
N SER D 585 -8.79 52.51 -7.65
CA SER D 585 -8.67 52.72 -6.22
C SER D 585 -7.78 51.67 -5.58
N GLU D 586 -8.03 51.38 -4.30
CA GLU D 586 -7.25 50.38 -3.58
C GLU D 586 -8.13 49.65 -2.56
N GLN D 587 -7.53 49.21 -1.45
CA GLN D 587 -8.30 48.55 -0.40
C GLN D 587 -9.37 49.48 0.16
N GLY D 588 -9.03 50.75 0.36
CA GLY D 588 -9.98 51.72 0.87
C GLY D 588 -10.95 52.22 -0.18
N VAL D 589 -11.06 53.53 -0.31
CA VAL D 589 -11.94 54.16 -1.29
C VAL D 589 -11.23 55.39 -1.85
N GLU D 590 -11.19 55.47 -3.18
CA GLU D 590 -10.55 56.60 -3.86
C GLU D 590 -11.08 56.66 -5.28
N TRP D 591 -11.99 57.60 -5.53
CA TRP D 591 -12.61 57.75 -6.85
C TRP D 591 -11.75 58.66 -7.74
N LYS D 592 -10.53 58.18 -8.00
CA LYS D 592 -9.56 58.90 -8.83
C LYS D 592 -9.40 58.17 -10.16
N PRO D 593 -9.41 58.89 -11.28
CA PRO D 593 -9.27 58.22 -12.58
C PRO D 593 -7.95 57.48 -12.71
N TYR D 594 -7.92 56.54 -13.66
CA TYR D 594 -6.73 55.71 -13.86
C TYR D 594 -5.59 56.56 -14.41
N ARG D 595 -4.44 56.48 -13.76
CA ARG D 595 -3.30 57.29 -14.14
C ARG D 595 -2.69 56.79 -15.45
N LEU D 596 -2.20 57.73 -16.25
CA LEU D 596 -1.56 57.42 -17.53
C LEU D 596 -0.08 57.11 -17.26
N LYS D 597 0.32 55.88 -17.57
CA LYS D 597 1.69 55.45 -17.29
C LYS D 597 2.71 56.10 -18.22
N SER D 598 2.29 56.49 -19.42
CA SER D 598 3.21 57.14 -20.36
C SER D 598 3.54 58.58 -19.97
N SER D 599 2.84 59.14 -18.98
CA SER D 599 3.11 60.49 -18.51
C SER D 599 2.86 60.59 -17.01
N MET D 600 1.82 61.33 -16.62
CA MET D 600 1.47 61.49 -15.22
C MET D 600 0.02 61.90 -15.06
N VAL D 601 -0.69 62.08 -16.17
CA VAL D 601 -2.09 62.50 -16.15
C VAL D 601 -2.98 61.27 -16.09
N ASP D 602 -4.25 61.45 -16.43
CA ASP D 602 -5.23 60.36 -16.44
C ASP D 602 -5.55 59.95 -17.88
N LYS D 603 -6.00 58.71 -18.02
CA LYS D 603 -6.36 58.19 -19.33
C LYS D 603 -7.76 58.62 -19.72
N ILE D 604 -7.97 58.81 -21.03
CA ILE D 604 -9.27 59.14 -21.58
C ILE D 604 -9.75 57.96 -22.41
N PHE D 605 -10.56 57.10 -21.83
CA PHE D 605 -11.02 55.90 -22.53
C PHE D 605 -12.16 56.24 -23.49
N GLU D 606 -12.34 55.37 -24.47
CA GLU D 606 -13.38 55.51 -25.48
C GLU D 606 -14.39 54.39 -25.34
N GLY D 607 -15.67 54.74 -25.41
CA GLY D 607 -16.75 53.78 -25.29
C GLY D 607 -17.04 53.06 -26.59
N ASN D 608 -18.31 52.72 -26.77
CA ASN D 608 -18.73 52.02 -27.98
C ASN D 608 -18.58 52.93 -29.20
N THR D 609 -17.95 52.39 -30.25
CA THR D 609 -17.75 53.15 -31.48
C THR D 609 -19.04 53.25 -32.28
N ASN D 610 -19.52 52.10 -32.77
CA ASN D 610 -20.74 52.08 -33.57
C ASN D 610 -21.93 51.66 -32.72
N THR D 611 -22.85 50.88 -33.30
CA THR D 611 -24.06 50.47 -32.58
C THR D 611 -23.81 49.20 -31.78
N LYS D 612 -23.47 48.10 -32.47
CA LYS D 612 -23.30 46.81 -31.82
C LYS D 612 -21.88 46.27 -31.86
N GLY D 613 -20.97 46.92 -32.59
CA GLY D 613 -19.60 46.46 -32.65
C GLY D 613 -18.88 46.70 -31.34
N HIS D 614 -18.32 45.65 -30.75
CA HIS D 614 -17.66 45.79 -29.46
C HIS D 614 -16.33 46.53 -29.61
N VAL D 615 -15.72 46.86 -28.47
CA VAL D 615 -14.45 47.57 -28.42
C VAL D 615 -13.45 46.69 -27.69
N LYS D 616 -12.36 46.35 -28.38
CA LYS D 616 -11.33 45.47 -27.84
C LYS D 616 -10.02 46.23 -27.78
N ASN D 617 -9.43 46.34 -26.58
CA ASN D 617 -8.17 47.03 -26.39
C ASN D 617 -7.36 46.32 -25.31
N PHE D 618 -6.05 46.32 -25.46
CA PHE D 618 -5.13 45.74 -24.49
C PHE D 618 -4.52 46.84 -23.64
N PHE D 619 -4.23 46.52 -22.38
CA PHE D 619 -3.64 47.45 -21.43
C PHE D 619 -2.51 46.74 -20.69
N ASN D 620 -1.28 47.21 -20.91
CA ASN D 620 -0.13 46.60 -20.23
C ASN D 620 -0.08 46.94 -18.75
N PRO D 621 -0.20 48.20 -18.33
CA PRO D 621 -0.15 48.50 -16.88
C PRO D 621 -1.34 47.91 -16.16
N PRO D 622 -1.12 47.24 -15.03
CA PRO D 622 -2.23 46.63 -14.30
C PRO D 622 -3.14 47.67 -13.69
N ILE D 623 -4.37 47.25 -13.39
CA ILE D 623 -5.34 48.10 -12.71
C ILE D 623 -5.57 47.54 -11.31
N ILE D 624 -4.58 47.70 -10.43
CA ILE D 624 -4.65 47.19 -9.08
C ILE D 624 -5.65 48.01 -8.28
N SER D 625 -6.89 47.51 -8.18
CA SER D 625 -7.95 48.23 -7.48
C SER D 625 -9.02 47.23 -7.06
N ARG D 626 -10.08 47.74 -6.44
CA ARG D 626 -11.18 46.92 -5.97
C ARG D 626 -12.51 47.57 -6.31
N PHE D 627 -12.58 48.90 -6.20
CA PHE D 627 -13.80 49.65 -6.50
C PHE D 627 -13.57 50.48 -7.75
N ILE D 628 -13.64 49.81 -8.90
CA ILE D 628 -13.46 50.48 -10.18
C ILE D 628 -14.75 51.19 -10.57
N ARG D 629 -14.64 52.48 -10.90
CA ARG D 629 -15.78 53.31 -11.26
C ARG D 629 -15.65 53.75 -12.70
N VAL D 630 -16.77 53.73 -13.43
CA VAL D 630 -16.81 54.12 -14.84
C VAL D 630 -17.80 55.28 -14.97
N ILE D 631 -17.31 56.44 -15.39
CA ILE D 631 -18.16 57.61 -15.59
C ILE D 631 -18.19 57.96 -17.07
N PRO D 632 -19.30 57.72 -17.76
CA PRO D 632 -19.39 58.04 -19.19
C PRO D 632 -19.33 59.54 -19.42
N LYS D 633 -18.34 59.99 -20.20
CA LYS D 633 -18.21 61.40 -20.55
C LYS D 633 -19.16 61.75 -21.69
N THR D 634 -18.72 61.51 -22.93
CA THR D 634 -19.59 61.71 -24.08
C THR D 634 -20.60 60.56 -24.17
N TRP D 635 -21.49 60.65 -25.15
CA TRP D 635 -22.54 59.65 -25.30
C TRP D 635 -23.08 59.71 -26.73
N ASN D 636 -24.09 58.89 -27.00
CA ASN D 636 -24.81 58.92 -28.28
C ASN D 636 -26.29 58.72 -27.97
N GLN D 637 -27.10 59.73 -28.26
CA GLN D 637 -28.52 59.74 -27.94
C GLN D 637 -28.74 59.61 -26.44
N SER D 638 -28.53 58.41 -25.89
CA SER D 638 -28.70 58.17 -24.46
C SER D 638 -27.54 57.33 -23.94
N ILE D 639 -27.53 57.14 -22.62
CA ILE D 639 -26.47 56.37 -21.97
C ILE D 639 -26.79 54.89 -22.08
N ALA D 640 -25.86 54.13 -22.67
CA ALA D 640 -26.03 52.69 -22.83
C ALA D 640 -24.71 52.01 -23.12
N LEU D 641 -24.39 50.96 -22.37
CA LEU D 641 -23.15 50.21 -22.57
C LEU D 641 -23.24 48.89 -21.83
N ARG D 642 -22.71 47.83 -22.44
CA ARG D 642 -22.64 46.51 -21.81
C ARG D 642 -21.20 46.33 -21.30
N LEU D 643 -20.95 46.85 -20.11
CA LEU D 643 -19.60 46.85 -19.56
C LEU D 643 -19.20 45.45 -19.12
N GLU D 644 -18.00 45.03 -19.53
CA GLU D 644 -17.46 43.74 -19.17
C GLU D 644 -15.96 43.77 -19.41
N LEU D 645 -15.19 43.47 -18.36
CA LEU D 645 -13.73 43.52 -18.41
C LEU D 645 -13.17 42.11 -18.23
N PHE D 646 -11.84 42.04 -18.16
CA PHE D 646 -11.14 40.77 -17.99
C PHE D 646 -9.98 41.01 -17.01
N GLY D 647 -10.15 40.53 -15.77
CA GLY D 647 -9.16 40.71 -14.74
C GLY D 647 -8.32 39.46 -14.51
N CYS D 648 -7.45 39.55 -13.50
CA CYS D 648 -6.55 38.47 -13.13
C CYS D 648 -6.60 38.27 -11.62
N ASP D 649 -5.84 37.27 -11.16
CA ASP D 649 -5.76 36.92 -9.74
C ASP D 649 -4.34 37.20 -9.27
N ILE D 650 -4.08 38.46 -8.91
CA ILE D 650 -2.78 38.85 -8.41
C ILE D 650 -2.59 38.30 -7.01
N TYR D 651 -1.56 37.47 -6.82
CA TYR D 651 -1.28 36.90 -5.52
C TYR D 651 -0.53 37.88 -4.63
N ILE E 1 -20.17 -7.74 -8.25
CA ILE E 1 -19.18 -8.72 -7.82
C ILE E 1 -19.81 -10.10 -7.76
N VAL E 2 -19.11 -11.10 -8.30
CA VAL E 2 -19.61 -12.48 -8.30
C VAL E 2 -19.42 -13.06 -6.91
N GLY E 3 -20.52 -13.30 -6.20
CA GLY E 3 -20.46 -13.84 -4.86
C GLY E 3 -20.45 -15.36 -4.86
N GLY E 4 -20.86 -15.92 -3.73
CA GLY E 4 -20.89 -17.36 -3.56
C GLY E 4 -22.05 -18.01 -4.28
N GLN E 5 -21.91 -18.22 -5.59
CA GLN E 5 -22.95 -18.84 -6.38
C GLN E 5 -22.83 -20.36 -6.33
N GLU E 6 -23.97 -21.03 -6.30
CA GLU E 6 -24.02 -22.48 -6.22
C GLU E 6 -23.59 -23.11 -7.55
N CYS E 7 -23.29 -24.40 -7.49
CA CYS E 7 -22.86 -25.13 -8.68
C CYS E 7 -24.06 -25.46 -9.56
N LYS E 8 -23.82 -25.57 -10.87
CA LYS E 8 -24.87 -25.89 -11.81
C LYS E 8 -25.15 -27.39 -11.82
N ASP E 9 -26.36 -27.74 -12.24
CA ASP E 9 -26.77 -29.14 -12.35
C ASP E 9 -26.54 -29.60 -13.78
N GLY E 10 -25.33 -29.35 -14.27
CA GLY E 10 -24.95 -29.74 -15.61
C GLY E 10 -23.46 -30.00 -15.74
N GLU E 11 -22.66 -28.95 -15.68
CA GLU E 11 -21.20 -29.05 -15.74
C GLU E 11 -20.58 -28.87 -14.36
N CYS E 12 -20.90 -29.75 -13.42
CA CYS E 12 -20.30 -29.75 -12.09
C CYS E 12 -20.28 -31.18 -11.55
N PRO E 13 -19.49 -32.06 -12.17
CA PRO E 13 -19.47 -33.46 -11.72
C PRO E 13 -18.50 -33.71 -10.58
N TRP E 14 -17.36 -33.03 -10.60
CA TRP E 14 -16.31 -33.23 -9.61
C TRP E 14 -16.79 -32.91 -8.20
N GLN E 15 -17.51 -33.85 -7.60
CA GLN E 15 -17.99 -33.67 -6.23
C GLN E 15 -18.31 -35.03 -5.60
N ALA E 16 -17.28 -35.82 -5.32
CA ALA E 16 -17.44 -37.13 -4.69
C ALA E 16 -17.54 -36.93 -3.19
N LEU E 17 -18.76 -36.78 -2.70
CA LEU E 17 -18.99 -36.53 -1.28
C LEU E 17 -18.56 -37.74 -0.46
N LEU E 18 -17.61 -37.54 0.45
CA LEU E 18 -17.10 -38.59 1.33
C LEU E 18 -17.84 -38.48 2.66
N ILE E 19 -18.80 -39.37 2.88
CA ILE E 19 -19.59 -39.36 4.10
C ILE E 19 -19.31 -40.62 4.90
N ASN E 20 -20.14 -40.90 5.89
CA ASN E 20 -20.03 -42.07 6.74
C ASN E 20 -21.28 -42.95 6.55
N GLU E 21 -21.28 -44.11 7.21
CA GLU E 21 -22.43 -45.01 7.13
C GLU E 21 -23.68 -44.39 7.75
N GLU E 22 -23.52 -43.49 8.71
CA GLU E 22 -24.65 -42.78 9.31
C GLU E 22 -24.86 -41.46 8.59
N ASN E 23 -25.75 -40.63 9.15
CA ASN E 23 -26.09 -39.33 8.56
C ASN E 23 -25.09 -38.29 9.06
N GLU E 24 -23.86 -38.41 8.57
CA GLU E 24 -22.80 -37.48 8.95
C GLU E 24 -21.65 -37.52 7.95
N GLY E 25 -21.48 -36.42 7.19
CA GLY E 25 -20.38 -36.33 6.25
C GLY E 25 -19.11 -35.79 6.90
N PHE E 26 -18.05 -35.73 6.08
CA PHE E 26 -16.77 -35.24 6.58
C PHE E 26 -16.07 -34.37 5.55
N CYS E 27 -15.93 -34.87 4.32
CA CYS E 27 -15.23 -34.13 3.28
C CYS E 27 -15.74 -34.61 1.92
N GLY E 28 -15.03 -34.25 0.85
CA GLY E 28 -15.43 -34.60 -0.50
C GLY E 28 -14.25 -35.06 -1.33
N GLY E 29 -14.54 -35.38 -2.59
CA GLY E 29 -13.52 -35.88 -3.49
C GLY E 29 -13.47 -35.17 -4.83
N THR E 30 -12.78 -35.77 -5.78
CA THR E 30 -12.62 -35.19 -7.12
C THR E 30 -12.79 -36.30 -8.16
N ILE E 31 -13.65 -36.06 -9.13
CA ILE E 31 -13.91 -37.04 -10.18
C ILE E 31 -12.99 -36.78 -11.37
N LEU E 32 -12.24 -37.82 -11.76
CA LEU E 32 -11.36 -37.72 -12.92
C LEU E 32 -11.55 -38.92 -13.83
N SER E 33 -11.66 -40.11 -13.24
CA SER E 33 -11.85 -41.33 -14.01
C SER E 33 -12.70 -42.34 -13.24
N GLU E 34 -12.34 -43.61 -13.31
CA GLU E 34 -13.08 -44.67 -12.63
C GLU E 34 -12.19 -45.53 -11.74
N PHE E 35 -10.96 -45.10 -11.46
CA PHE E 35 -10.04 -45.88 -10.65
C PHE E 35 -9.31 -45.07 -9.59
N TYR E 36 -9.55 -43.76 -9.51
CA TYR E 36 -8.86 -42.92 -8.53
C TYR E 36 -9.68 -41.67 -8.29
N ILE E 37 -9.80 -41.28 -7.02
CA ILE E 37 -10.54 -40.09 -6.61
C ILE E 37 -9.62 -39.27 -5.73
N LEU E 38 -9.20 -38.10 -6.21
CA LEU E 38 -8.27 -37.26 -5.47
C LEU E 38 -9.00 -36.54 -4.35
N THR E 39 -8.43 -36.61 -3.15
CA THR E 39 -9.00 -35.93 -1.98
C THR E 39 -7.91 -35.79 -0.94
N ALA E 40 -8.24 -35.09 0.15
CA ALA E 40 -7.29 -34.88 1.22
C ALA E 40 -7.11 -36.17 2.02
N ALA E 41 -5.94 -36.28 2.66
CA ALA E 41 -5.63 -37.47 3.44
C ALA E 41 -6.27 -37.44 4.82
N HIS E 42 -6.47 -36.26 5.40
CA HIS E 42 -7.15 -36.16 6.68
C HIS E 42 -8.64 -36.46 6.57
N CYS E 43 -9.16 -36.62 5.36
CA CYS E 43 -10.54 -37.06 5.19
C CYS E 43 -10.79 -38.40 5.85
N LEU E 44 -9.79 -39.28 5.83
CA LEU E 44 -9.91 -40.63 6.37
C LEU E 44 -9.03 -40.84 7.60
N TYR E 45 -7.80 -40.35 7.56
CA TYR E 45 -6.90 -40.47 8.70
C TYR E 45 -7.32 -39.50 9.80
N GLN E 46 -7.29 -39.98 11.04
CA GLN E 46 -7.74 -39.22 12.21
C GLN E 46 -9.18 -38.75 12.04
N ALA E 47 -10.02 -39.60 11.48
CA ALA E 47 -11.44 -39.25 11.29
C ALA E 47 -12.32 -40.45 11.62
N LYS E 48 -13.15 -40.87 10.66
CA LYS E 48 -14.04 -42.01 10.87
C LYS E 48 -13.94 -42.98 9.70
N ARG E 49 -15.08 -43.48 9.24
CA ARG E 49 -15.12 -44.41 8.13
C ARG E 49 -15.07 -43.64 6.81
N PHE E 50 -15.50 -44.28 5.72
CA PHE E 50 -15.47 -43.68 4.39
C PHE E 50 -16.62 -44.22 3.56
N LYS E 51 -17.45 -43.30 3.05
CA LYS E 51 -18.56 -43.64 2.17
C LYS E 51 -18.63 -42.58 1.08
N VAL E 52 -18.42 -42.99 -0.16
CA VAL E 52 -18.38 -42.07 -1.29
C VAL E 52 -19.64 -42.28 -2.15
N ARG E 53 -20.12 -41.19 -2.73
CA ARG E 53 -21.24 -41.24 -3.67
C ARG E 53 -21.07 -40.11 -4.67
N VAL E 54 -20.82 -40.47 -5.93
CA VAL E 54 -20.59 -39.48 -6.97
C VAL E 54 -21.93 -39.01 -7.53
N GLY E 55 -21.94 -37.80 -8.07
CA GLY E 55 -23.16 -37.24 -8.62
C GLY E 55 -24.21 -36.92 -7.57
N ASP E 56 -23.79 -36.59 -6.35
CA ASP E 56 -24.69 -36.27 -5.26
C ASP E 56 -24.60 -34.78 -5.00
N ARG E 57 -25.54 -34.01 -5.53
CA ARG E 57 -25.56 -32.57 -5.40
C ARG E 57 -26.13 -32.10 -4.06
N ASN E 58 -26.80 -32.98 -3.32
CA ASN E 58 -27.40 -32.61 -2.04
C ASN E 58 -27.24 -33.76 -1.06
N THR E 59 -26.94 -33.42 0.19
CA THR E 59 -26.74 -34.43 1.23
C THR E 59 -28.05 -34.80 1.92
N GLU E 60 -28.85 -33.80 2.30
CA GLU E 60 -30.11 -34.08 2.98
C GLU E 60 -31.12 -34.71 2.03
N GLN E 61 -31.17 -34.23 0.80
CA GLN E 61 -32.10 -34.73 -0.21
C GLN E 61 -31.38 -35.65 -1.19
N GLU E 62 -32.12 -36.18 -2.16
CA GLU E 62 -31.55 -37.05 -3.17
C GLU E 62 -32.28 -36.83 -4.48
N GLU E 63 -31.51 -36.73 -5.58
CA GLU E 63 -32.06 -36.49 -6.90
C GLU E 63 -32.28 -37.78 -7.68
N GLY E 64 -32.66 -38.86 -7.01
CA GLY E 64 -32.92 -40.11 -7.68
C GLY E 64 -31.71 -41.02 -7.73
N GLY E 65 -31.81 -42.05 -8.57
CA GLY E 65 -30.74 -43.01 -8.74
C GLY E 65 -29.51 -42.41 -9.42
N GLU E 66 -28.67 -41.75 -8.64
CA GLU E 66 -27.47 -41.10 -9.15
C GLU E 66 -26.28 -41.17 -8.21
N ALA E 67 -26.51 -41.14 -6.90
CA ALA E 67 -25.43 -41.17 -5.92
C ALA E 67 -25.11 -42.61 -5.56
N VAL E 68 -24.10 -43.17 -6.23
CA VAL E 68 -23.65 -44.53 -5.95
C VAL E 68 -22.19 -44.68 -6.36
N HIS E 69 -21.31 -44.84 -5.37
CA HIS E 69 -19.87 -44.97 -5.60
C HIS E 69 -19.17 -45.42 -4.33
N GLU E 70 -19.59 -46.57 -3.79
CA GLU E 70 -19.09 -47.02 -2.50
C GLU E 70 -17.58 -47.30 -2.56
N VAL E 71 -16.96 -47.23 -1.39
CA VAL E 71 -15.51 -47.42 -1.25
C VAL E 71 -15.28 -48.56 -0.26
N GLU E 72 -14.36 -49.46 -0.59
CA GLU E 72 -14.02 -50.57 0.29
C GLU E 72 -13.11 -50.11 1.41
N VAL E 73 -11.79 -50.10 1.15
CA VAL E 73 -10.82 -49.61 2.12
C VAL E 73 -10.11 -48.40 1.53
N VAL E 74 -9.09 -47.90 2.22
CA VAL E 74 -8.33 -46.75 1.77
C VAL E 74 -6.97 -46.77 2.46
N ILE E 75 -6.01 -46.03 1.89
CA ILE E 75 -4.66 -45.95 2.45
C ILE E 75 -4.34 -44.49 2.76
N LYS E 76 -3.06 -44.19 2.92
CA LYS E 76 -2.63 -42.83 3.27
C LYS E 76 -1.71 -42.25 2.19
N HIS E 77 -0.74 -41.45 2.63
CA HIS E 77 0.19 -40.82 1.70
C HIS E 77 1.54 -40.66 2.39
N ASN E 78 2.60 -40.65 1.59
CA ASN E 78 3.95 -40.55 2.15
C ASN E 78 4.24 -39.13 2.63
N ARG E 79 4.07 -38.14 1.75
CA ARG E 79 4.38 -36.75 2.10
C ARG E 79 3.31 -36.09 2.93
N PHE E 80 2.21 -36.78 3.24
CA PHE E 80 1.14 -36.18 4.03
C PHE E 80 1.62 -35.96 5.46
N THR E 81 1.70 -34.69 5.86
CA THR E 81 2.09 -34.33 7.22
C THR E 81 0.87 -34.43 8.13
N LYS E 82 1.01 -35.22 9.20
CA LYS E 82 -0.11 -35.44 10.11
C LYS E 82 -0.43 -34.18 10.91
N GLU E 83 0.60 -33.42 11.29
CA GLU E 83 0.39 -32.23 12.11
C GLU E 83 -0.03 -31.04 11.27
N THR E 84 0.67 -30.78 10.16
CA THR E 84 0.38 -29.62 9.33
C THR E 84 -0.32 -30.01 8.04
N TYR E 85 0.17 -29.52 6.91
CA TYR E 85 -0.42 -29.81 5.61
C TYR E 85 0.65 -29.67 4.54
N ASP E 86 0.82 -30.72 3.74
CA ASP E 86 1.81 -30.72 2.67
C ASP E 86 1.56 -31.94 1.79
N PHE E 87 1.32 -31.70 0.50
CA PHE E 87 0.98 -32.77 -0.46
C PHE E 87 -0.21 -33.59 0.04
N ASP E 88 -1.19 -32.93 0.66
CA ASP E 88 -2.33 -33.59 1.26
C ASP E 88 -3.26 -34.09 0.15
N ILE E 89 -2.86 -35.20 -0.47
CA ILE E 89 -3.62 -35.83 -1.54
C ILE E 89 -3.74 -37.32 -1.24
N ALA E 90 -4.97 -37.83 -1.28
CA ALA E 90 -5.23 -39.24 -1.03
C ALA E 90 -6.15 -39.77 -2.13
N VAL E 91 -5.99 -41.04 -2.46
CA VAL E 91 -6.80 -41.66 -3.51
C VAL E 91 -7.84 -42.57 -2.88
N LEU E 92 -9.09 -42.41 -3.29
CA LEU E 92 -10.19 -43.23 -2.79
C LEU E 92 -10.35 -44.45 -3.68
N ARG E 93 -10.24 -45.64 -3.09
CA ARG E 93 -10.31 -46.90 -3.82
C ARG E 93 -11.76 -47.39 -3.84
N LEU E 94 -12.47 -47.05 -4.90
CA LEU E 94 -13.87 -47.44 -5.03
C LEU E 94 -14.00 -48.95 -5.18
N LYS E 95 -15.24 -49.44 -5.03
CA LYS E 95 -15.52 -50.86 -5.13
C LYS E 95 -16.42 -51.23 -6.30
N THR E 96 -17.16 -50.27 -6.85
CA THR E 96 -18.06 -50.53 -7.97
C THR E 96 -17.80 -49.52 -9.08
N PRO E 97 -17.58 -49.97 -10.31
CA PRO E 97 -17.34 -49.03 -11.41
C PRO E 97 -18.61 -48.30 -11.81
N ILE E 98 -18.46 -47.03 -12.17
CA ILE E 98 -19.57 -46.17 -12.55
C ILE E 98 -19.29 -45.60 -13.94
N THR E 99 -20.26 -45.71 -14.84
CA THR E 99 -20.09 -45.20 -16.20
C THR E 99 -20.16 -43.68 -16.20
N PHE E 100 -20.05 -43.10 -17.40
CA PHE E 100 -20.06 -41.65 -17.57
C PHE E 100 -21.49 -41.21 -17.83
N ARG E 101 -22.09 -40.53 -16.86
CA ARG E 101 -23.44 -40.02 -16.99
C ARG E 101 -23.39 -38.50 -17.13
N MET E 102 -24.54 -37.84 -16.90
CA MET E 102 -24.59 -36.39 -16.98
C MET E 102 -23.88 -35.74 -15.79
N ASN E 103 -24.24 -36.16 -14.58
CA ASN E 103 -23.61 -35.67 -13.37
C ASN E 103 -22.26 -36.33 -13.08
N VAL E 104 -21.84 -37.29 -13.91
CA VAL E 104 -20.54 -37.93 -13.75
C VAL E 104 -19.77 -37.79 -15.06
N ALA E 105 -18.98 -36.72 -15.18
CA ALA E 105 -18.21 -36.48 -16.39
C ALA E 105 -16.73 -36.68 -16.13
N PRO E 106 -16.02 -37.43 -16.96
CA PRO E 106 -14.59 -37.64 -16.74
C PRO E 106 -13.78 -36.42 -17.09
N ALA E 107 -12.48 -36.49 -16.79
CA ALA E 107 -11.55 -35.42 -17.08
C ALA E 107 -10.21 -36.01 -17.48
N CYS E 108 -9.49 -35.27 -18.32
CA CYS E 108 -8.19 -35.74 -18.78
C CYS E 108 -7.16 -35.65 -17.67
N LEU E 109 -6.14 -36.52 -17.74
CA LEU E 109 -5.13 -36.57 -16.70
C LEU E 109 -4.19 -35.37 -16.82
N PRO E 110 -3.74 -34.81 -15.71
CA PRO E 110 -2.81 -33.69 -15.73
C PRO E 110 -1.41 -34.17 -16.11
N GLU E 111 -0.50 -33.20 -16.23
CA GLU E 111 0.88 -33.50 -16.60
C GLU E 111 1.77 -32.39 -16.06
N ARG E 112 3.07 -32.68 -15.98
CA ARG E 112 4.03 -31.72 -15.45
C ARG E 112 4.19 -30.50 -16.33
N ASP E 113 3.81 -30.58 -17.61
CA ASP E 113 3.97 -29.45 -18.52
C ASP E 113 2.98 -28.33 -18.24
N TRP E 114 1.82 -28.64 -17.66
CA TRP E 114 0.81 -27.63 -17.34
C TRP E 114 1.06 -26.97 -15.98
N ALA E 115 2.32 -26.68 -15.66
CA ALA E 115 2.67 -26.01 -14.42
C ALA E 115 3.19 -24.59 -14.64
N GLU E 116 3.74 -24.30 -15.81
CA GLU E 116 4.24 -22.96 -16.13
C GLU E 116 3.31 -22.19 -17.06
N SER E 117 2.24 -22.82 -17.53
CA SER E 117 1.29 -22.15 -18.43
C SER E 117 -0.10 -22.01 -17.83
N THR E 118 -0.40 -22.68 -16.72
CA THR E 118 -1.70 -22.59 -16.08
C THR E 118 -1.76 -21.62 -14.91
N LEU E 119 -0.62 -21.36 -14.26
CA LEU E 119 -0.61 -20.44 -13.12
C LEU E 119 -0.40 -19.00 -13.54
N MET E 120 0.21 -18.77 -14.71
CA MET E 120 0.44 -17.41 -15.17
C MET E 120 -0.70 -16.86 -16.00
N THR E 121 -1.53 -17.72 -16.59
CA THR E 121 -2.65 -17.27 -17.40
C THR E 121 -3.93 -17.21 -16.58
N GLN E 122 -4.47 -18.37 -16.21
CA GLN E 122 -5.69 -18.43 -15.42
C GLN E 122 -5.41 -17.98 -13.98
N LYS E 123 -5.54 -16.68 -13.72
CA LYS E 123 -5.32 -16.13 -12.39
C LYS E 123 -6.56 -16.21 -11.51
N THR E 124 -7.54 -17.04 -11.87
CA THR E 124 -8.75 -17.20 -11.07
C THR E 124 -8.93 -18.66 -10.70
N GLY E 125 -10.18 -19.11 -10.63
CA GLY E 125 -10.46 -20.49 -10.31
C GLY E 125 -11.76 -20.62 -9.54
N ILE E 126 -12.27 -21.85 -9.51
CA ILE E 126 -13.50 -22.19 -8.82
C ILE E 126 -13.22 -23.30 -7.82
N VAL E 127 -13.95 -23.31 -6.72
CA VAL E 127 -13.76 -24.26 -5.63
C VAL E 127 -15.08 -25.01 -5.46
N SER E 128 -15.16 -26.22 -5.99
CA SER E 128 -16.36 -27.03 -5.86
C SER E 128 -16.35 -27.77 -4.52
N GLY E 129 -17.46 -27.69 -3.80
CA GLY E 129 -17.56 -28.35 -2.52
C GLY E 129 -18.87 -28.08 -1.80
N PHE E 130 -19.39 -29.10 -1.09
CA PHE E 130 -20.65 -28.94 -0.38
C PHE E 130 -20.52 -27.96 0.79
N GLY E 131 -19.32 -27.85 1.35
CA GLY E 131 -19.09 -26.94 2.46
C GLY E 131 -18.77 -27.67 3.76
N ARG E 132 -17.73 -28.49 3.75
CA ARG E 132 -17.35 -29.27 4.92
C ARG E 132 -15.96 -28.95 5.46
N THR E 133 -15.23 -28.03 4.83
CA THR E 133 -13.95 -27.60 5.40
C THR E 133 -14.18 -26.63 6.56
N HIS E 134 -15.16 -25.74 6.42
CA HIS E 134 -15.55 -24.83 7.48
C HIS E 134 -16.99 -25.16 7.90
N GLU E 135 -17.13 -26.27 8.63
CA GLU E 135 -18.44 -26.79 9.00
C GLU E 135 -18.95 -26.14 10.28
N LYS E 136 -18.64 -24.86 10.48
CA LYS E 136 -19.03 -24.14 11.69
C LYS E 136 -20.46 -23.63 11.65
N GLY E 137 -20.73 -22.56 10.90
CA GLY E 137 -22.07 -21.98 10.88
C GLY E 137 -22.54 -21.58 9.50
N ARG E 138 -21.94 -22.16 8.46
CA ARG E 138 -22.31 -21.87 7.09
C ARG E 138 -22.68 -23.12 6.30
N GLN E 139 -23.05 -24.20 7.00
CA GLN E 139 -23.42 -25.45 6.34
C GLN E 139 -24.60 -25.26 5.40
N SER E 140 -24.32 -24.93 4.14
CA SER E 140 -25.37 -24.76 3.15
C SER E 140 -25.80 -26.11 2.59
N THR E 141 -27.11 -26.27 2.38
CA THR E 141 -27.63 -27.53 1.87
C THR E 141 -27.40 -27.67 0.37
N ARG E 142 -27.11 -26.57 -0.32
CA ARG E 142 -26.90 -26.57 -1.76
C ARG E 142 -25.41 -26.59 -2.06
N LEU E 143 -25.05 -27.26 -3.16
CA LEU E 143 -23.66 -27.35 -3.58
C LEU E 143 -23.17 -25.99 -4.07
N LYS E 144 -22.31 -25.35 -3.28
CA LYS E 144 -21.82 -24.01 -3.57
C LYS E 144 -20.43 -24.09 -4.19
N MET E 145 -20.18 -23.21 -5.15
CA MET E 145 -18.88 -23.13 -5.82
C MET E 145 -18.62 -21.67 -6.19
N LEU E 146 -17.90 -20.96 -5.32
CA LEU E 146 -17.58 -19.56 -5.56
C LEU E 146 -16.32 -19.46 -6.42
N GLU E 147 -15.99 -18.23 -6.83
CA GLU E 147 -14.83 -17.94 -7.65
C GLU E 147 -13.78 -17.22 -6.81
N VAL E 148 -12.54 -17.68 -6.90
CA VAL E 148 -11.45 -17.09 -6.14
C VAL E 148 -10.28 -16.80 -7.08
N PRO E 149 -9.63 -15.66 -6.96
CA PRO E 149 -8.49 -15.34 -7.84
C PRO E 149 -7.20 -15.97 -7.32
N TYR E 150 -6.13 -15.79 -8.10
CA TYR E 150 -4.81 -16.30 -7.77
C TYR E 150 -3.90 -15.13 -7.41
N VAL E 151 -3.11 -15.31 -6.36
CA VAL E 151 -2.21 -14.27 -5.86
C VAL E 151 -0.78 -14.75 -6.00
N ASP E 152 0.16 -13.79 -5.90
CA ASP E 152 1.57 -14.10 -6.03
C ASP E 152 2.04 -15.00 -4.89
N ARG E 153 3.08 -15.78 -5.17
CA ARG E 153 3.59 -16.74 -4.20
C ARG E 153 4.18 -16.05 -2.97
N ASN E 154 4.65 -14.81 -3.12
CA ASN E 154 5.28 -14.12 -2.00
C ASN E 154 4.29 -13.67 -0.94
N SER E 155 3.00 -13.97 -1.12
CA SER E 155 1.97 -13.59 -0.16
C SER E 155 1.18 -14.80 0.34
N CYS E 156 1.79 -15.99 0.29
CA CYS E 156 1.14 -17.20 0.75
C CYS E 156 1.81 -17.84 1.96
N LYS E 157 3.10 -17.64 2.17
CA LYS E 157 3.78 -18.18 3.35
C LYS E 157 3.39 -17.46 4.64
N LEU E 158 2.86 -16.23 4.54
CA LEU E 158 2.46 -15.46 5.71
C LEU E 158 0.95 -15.47 5.92
N SER E 159 0.19 -16.08 5.02
CA SER E 159 -1.26 -16.20 5.22
C SER E 159 -1.57 -17.04 6.45
N SER E 160 -0.77 -18.07 6.70
CA SER E 160 -0.87 -18.90 7.89
C SER E 160 0.52 -19.00 8.52
N SER E 161 0.54 -19.24 9.83
CA SER E 161 1.80 -19.36 10.56
C SER E 161 2.66 -20.51 10.07
N PHE E 162 2.06 -21.55 9.49
CA PHE E 162 2.80 -22.69 8.95
C PHE E 162 3.48 -22.27 7.64
N ILE E 163 4.75 -22.63 7.50
CA ILE E 163 5.48 -22.33 6.28
C ILE E 163 5.02 -23.27 5.17
N ILE E 164 4.50 -22.69 4.09
CA ILE E 164 3.95 -23.45 2.97
C ILE E 164 5.04 -23.65 1.93
N THR E 165 5.06 -24.84 1.33
CA THR E 165 6.07 -25.18 0.34
C THR E 165 5.57 -24.79 -1.06
N GLN E 166 6.12 -25.42 -2.10
CA GLN E 166 5.72 -25.10 -3.47
C GLN E 166 4.45 -25.81 -3.88
N ASN E 167 4.15 -26.97 -3.26
CA ASN E 167 3.00 -27.76 -3.67
C ASN E 167 1.69 -26.99 -3.46
N MET E 168 1.65 -26.12 -2.45
CA MET E 168 0.46 -25.34 -2.16
C MET E 168 0.81 -23.85 -2.21
N PHE E 169 -0.16 -23.05 -2.65
CA PHE E 169 0.05 -21.63 -2.88
C PHE E 169 -1.26 -20.88 -2.61
N CYS E 170 -1.28 -19.61 -2.98
CA CYS E 170 -2.47 -18.77 -2.85
C CYS E 170 -3.51 -19.15 -3.88
N ALA E 171 -4.78 -19.03 -3.51
CA ALA E 171 -5.90 -19.25 -4.41
C ALA E 171 -7.15 -18.64 -3.80
N GLY E 172 -7.13 -17.32 -3.60
CA GLY E 172 -8.26 -16.63 -3.03
C GLY E 172 -8.12 -15.14 -3.23
N TYR E 173 -9.06 -14.39 -2.65
CA TYR E 173 -9.05 -12.94 -2.73
C TYR E 173 -8.05 -12.38 -1.72
N ASP E 174 -7.98 -11.05 -1.64
CA ASP E 174 -7.11 -10.39 -0.68
C ASP E 174 -7.76 -10.41 0.70
N THR E 175 -7.10 -9.80 1.69
CA THR E 175 -7.63 -9.75 3.04
C THR E 175 -8.85 -8.84 3.09
N LYS E 176 -10.00 -9.33 2.62
CA LYS E 176 -11.22 -8.54 2.58
C LYS E 176 -12.40 -9.32 3.12
N GLN E 177 -12.74 -10.43 2.47
CA GLN E 177 -13.88 -11.24 2.84
C GLN E 177 -13.46 -12.70 3.01
N GLU E 178 -14.44 -13.55 3.32
CA GLU E 178 -14.19 -14.95 3.59
C GLU E 178 -13.98 -15.73 2.30
N ASP E 179 -12.74 -16.12 2.03
CA ASP E 179 -12.38 -16.84 0.82
C ASP E 179 -11.56 -18.09 1.08
N ALA E 180 -11.58 -18.62 2.30
CA ALA E 180 -10.81 -19.81 2.64
C ALA E 180 -11.72 -20.87 3.24
N CYS E 181 -11.24 -22.12 3.21
CA CYS E 181 -11.98 -23.28 3.71
C CYS E 181 -13.35 -23.37 3.04
N GLN E 182 -13.35 -23.09 1.74
CA GLN E 182 -14.55 -23.09 0.93
C GLN E 182 -14.82 -24.50 0.42
N GLY E 183 -16.06 -24.96 0.57
CA GLY E 183 -16.41 -26.29 0.11
C GLY E 183 -15.93 -27.38 1.07
N ASP E 184 -16.00 -28.62 0.58
CA ASP E 184 -15.56 -29.77 1.35
C ASP E 184 -14.05 -29.95 1.20
N ALA E 185 -13.44 -30.52 2.25
CA ALA E 185 -12.03 -30.84 2.18
C ALA E 185 -11.77 -31.83 1.05
N GLY E 186 -10.63 -31.68 0.39
CA GLY E 186 -10.38 -32.45 -0.81
C GLY E 186 -11.15 -31.95 -2.01
N GLY E 187 -11.70 -30.75 -1.93
CA GLY E 187 -12.49 -30.18 -3.00
C GLY E 187 -11.64 -29.82 -4.21
N PRO E 188 -12.15 -30.12 -5.40
CA PRO E 188 -11.39 -29.83 -6.63
C PRO E 188 -11.37 -28.35 -6.98
N HIS E 189 -10.17 -27.77 -7.07
CA HIS E 189 -10.01 -26.40 -7.53
C HIS E 189 -9.63 -26.43 -9.02
N VAL E 190 -10.55 -26.97 -9.82
CA VAL E 190 -10.31 -27.14 -11.24
C VAL E 190 -10.34 -25.78 -11.93
N THR E 191 -9.35 -25.54 -12.79
CA THR E 191 -9.25 -24.31 -13.57
C THR E 191 -9.39 -24.65 -15.04
N ARG E 192 -10.41 -24.09 -15.68
CA ARG E 192 -10.66 -24.32 -17.10
C ARG E 192 -9.52 -23.71 -17.91
N PHE E 193 -8.53 -24.53 -18.26
CA PHE E 193 -7.35 -24.07 -18.99
C PHE E 193 -7.71 -23.67 -20.42
N LYS E 194 -7.82 -24.67 -21.30
CA LYS E 194 -8.09 -24.39 -22.71
C LYS E 194 -8.64 -25.65 -23.35
N ASP E 195 -9.95 -25.66 -23.63
CA ASP E 195 -10.67 -26.77 -24.25
C ASP E 195 -10.67 -28.03 -23.39
N THR E 196 -10.09 -27.98 -22.18
CA THR E 196 -10.04 -29.13 -21.29
C THR E 196 -10.21 -28.62 -19.86
N TYR E 197 -10.26 -29.56 -18.92
CA TYR E 197 -10.39 -29.27 -17.50
C TYR E 197 -9.38 -30.09 -16.73
N PHE E 198 -8.50 -29.41 -16.00
CA PHE E 198 -7.49 -30.07 -15.18
C PHE E 198 -7.58 -29.52 -13.75
N VAL E 199 -7.86 -30.39 -12.80
CA VAL E 199 -7.90 -29.97 -11.40
C VAL E 199 -6.49 -29.58 -10.95
N THR E 200 -6.41 -28.58 -10.07
CA THR E 200 -5.11 -28.12 -9.59
C THR E 200 -5.24 -27.46 -8.22
N GLY E 201 -5.90 -28.14 -7.29
CA GLY E 201 -6.05 -27.60 -5.95
C GLY E 201 -6.91 -28.46 -5.03
N ILE E 202 -6.48 -28.58 -3.78
CA ILE E 202 -7.22 -29.32 -2.76
C ILE E 202 -7.29 -28.44 -1.52
N VAL E 203 -8.50 -28.10 -1.09
CA VAL E 203 -8.71 -27.25 0.07
C VAL E 203 -8.59 -28.09 1.33
N SER E 204 -7.71 -27.67 2.24
CA SER E 204 -7.53 -28.36 3.51
C SER E 204 -7.44 -27.35 4.64
N TRP E 205 -7.69 -27.77 5.88
CA TRP E 205 -7.63 -26.87 7.00
C TRP E 205 -6.22 -26.88 7.59
N GLY E 206 -5.67 -25.69 7.80
CA GLY E 206 -4.42 -25.52 8.51
C GLY E 206 -4.69 -24.78 9.80
N GLU E 207 -4.44 -25.44 10.94
CA GLU E 207 -4.80 -24.90 12.25
C GLU E 207 -6.31 -24.70 12.37
N GLY E 208 -7.08 -25.44 11.55
CA GLY E 208 -8.51 -25.28 11.53
C GLY E 208 -8.94 -24.18 10.58
N CYS E 209 -10.14 -23.62 10.80
CA CYS E 209 -10.64 -22.55 9.95
C CYS E 209 -11.28 -21.41 10.74
N ALA E 210 -10.58 -20.29 10.93
CA ALA E 210 -11.11 -19.17 11.69
C ALA E 210 -10.49 -17.86 11.20
N ARG E 211 -11.35 -16.89 10.90
CA ARG E 211 -10.96 -15.56 10.43
C ARG E 211 -9.83 -15.63 9.40
N LYS E 212 -10.01 -16.50 8.40
CA LYS E 212 -9.01 -16.70 7.36
C LYS E 212 -9.36 -15.95 6.08
N GLY E 213 -9.51 -14.63 6.16
CA GLY E 213 -9.84 -13.85 4.99
C GLY E 213 -8.62 -13.46 4.17
N LYS E 214 -7.44 -13.84 4.64
CA LYS E 214 -6.19 -13.53 3.94
C LYS E 214 -6.11 -14.27 2.62
N TYR E 215 -5.64 -15.51 2.65
CA TYR E 215 -5.48 -16.32 1.45
C TYR E 215 -5.89 -17.76 1.76
N GLY E 216 -5.96 -18.57 0.72
CA GLY E 216 -6.36 -19.96 0.86
C GLY E 216 -5.21 -20.90 0.57
N ILE E 217 -5.40 -22.17 0.91
CA ILE E 217 -4.38 -23.21 0.70
C ILE E 217 -4.97 -24.24 -0.25
N TYR E 218 -4.32 -24.40 -1.41
CA TYR E 218 -4.74 -25.34 -2.44
C TYR E 218 -3.51 -25.96 -3.08
N THR E 219 -3.53 -27.28 -3.25
CA THR E 219 -2.37 -28.02 -3.74
C THR E 219 -2.17 -27.79 -5.24
N LYS E 220 -1.18 -28.48 -5.79
CA LYS E 220 -0.87 -28.43 -7.22
C LYS E 220 -0.54 -29.86 -7.67
N VAL E 221 -1.47 -30.49 -8.39
CA VAL E 221 -1.29 -31.89 -8.79
C VAL E 221 -0.38 -32.05 -9.99
N THR E 222 0.08 -30.95 -10.59
CA THR E 222 1.01 -31.06 -11.71
C THR E 222 2.33 -31.69 -11.26
N ALA E 223 2.77 -31.40 -10.04
CA ALA E 223 3.92 -32.06 -9.47
C ALA E 223 3.58 -33.44 -8.88
N PHE E 224 2.29 -33.73 -8.73
CA PHE E 224 1.84 -35.01 -8.19
C PHE E 224 1.71 -36.09 -9.26
N LEU E 225 2.37 -35.90 -10.41
CA LEU E 225 2.28 -36.88 -11.49
C LEU E 225 3.00 -38.16 -11.13
N LYS E 226 4.13 -38.06 -10.43
CA LYS E 226 4.91 -39.24 -10.07
C LYS E 226 4.20 -40.12 -9.05
N TRP E 227 3.20 -39.60 -8.34
CA TRP E 227 2.45 -40.40 -7.39
C TRP E 227 1.23 -41.07 -8.02
N ILE E 228 0.51 -40.35 -8.89
CA ILE E 228 -0.61 -40.94 -9.61
C ILE E 228 -0.16 -41.93 -10.68
N ASP E 229 1.10 -41.88 -11.07
CA ASP E 229 1.66 -42.85 -12.01
C ASP E 229 2.19 -44.10 -11.32
N ARG E 230 2.76 -43.97 -10.12
CA ARG E 230 3.26 -45.12 -9.37
C ARG E 230 2.16 -45.94 -8.73
N SER E 231 0.97 -45.36 -8.56
CA SER E 231 -0.16 -46.05 -7.95
C SER E 231 -1.19 -46.53 -8.99
N MET E 232 -0.87 -46.42 -10.28
CA MET E 232 -1.76 -46.86 -11.35
C MET E 232 -1.19 -47.98 -12.20
N LYS E 233 0.11 -47.98 -12.45
CA LYS E 233 0.76 -49.00 -13.26
C LYS E 233 1.39 -50.11 -12.42
N THR E 234 1.92 -49.79 -11.24
CA THR E 234 2.50 -50.80 -10.38
C THR E 234 1.46 -51.71 -9.76
N ARG E 235 0.21 -51.24 -9.64
CA ARG E 235 -0.85 -52.08 -9.09
C ARG E 235 -1.29 -53.16 -10.06
N GLY E 236 -0.94 -53.03 -11.35
CA GLY E 236 -1.33 -54.01 -12.33
C GLY E 236 -2.71 -53.75 -12.91
N LEU E 237 -3.13 -54.68 -13.77
CA LEU E 237 -4.45 -54.58 -14.38
C LEU E 237 -5.54 -54.84 -13.33
N PRO E 238 -6.72 -54.24 -13.51
CA PRO E 238 -7.81 -54.49 -12.56
C PRO E 238 -8.21 -55.94 -12.50
N LYS E 239 -8.01 -56.58 -11.35
CA LYS E 239 -8.33 -57.99 -11.17
C LYS E 239 -9.83 -58.22 -11.25
N ALA E 240 -10.55 -57.86 -10.18
CA ALA E 240 -12.01 -57.99 -10.14
C ALA E 240 -12.71 -56.72 -10.60
N LYS E 241 -12.08 -55.96 -11.49
CA LYS E 241 -12.63 -54.70 -12.00
C LYS E 241 -12.93 -53.74 -10.87
N SER E 242 -11.91 -52.99 -10.43
CA SER E 242 -12.04 -52.02 -9.35
C SER E 242 -12.54 -52.67 -8.07
N HIS E 243 -11.62 -53.18 -7.24
CA HIS E 243 -12.04 -53.90 -6.05
C HIS E 243 -12.27 -52.99 -4.84
N ALA E 244 -11.34 -52.11 -4.43
CA ALA E 244 -9.87 -52.00 -4.65
C ALA E 244 -9.30 -51.93 -6.06
N PRO E 245 -9.06 -50.72 -6.56
CA PRO E 245 -8.27 -50.56 -7.78
C PRO E 245 -7.05 -49.66 -7.62
N GLU E 246 -6.04 -50.04 -6.85
CA GLU E 246 -6.00 -51.26 -6.04
C GLU E 246 -5.59 -50.89 -4.62
N VAL E 247 -6.48 -51.12 -3.65
CA VAL E 247 -6.20 -50.72 -2.27
C VAL E 247 -5.10 -51.54 -1.62
N ILE E 248 -4.75 -52.70 -2.19
CA ILE E 248 -3.69 -53.53 -1.64
C ILE E 248 -2.34 -52.93 -2.01
N THR E 249 -1.97 -51.85 -1.32
CA THR E 249 -0.72 -51.15 -1.56
C THR E 249 -0.15 -50.69 -0.23
N SER E 250 1.13 -50.31 -0.24
CA SER E 250 1.78 -49.87 0.98
C SER E 250 1.20 -48.53 1.45
N SER E 251 1.50 -48.19 2.70
CA SER E 251 0.99 -46.95 3.27
C SER E 251 1.59 -45.70 2.63
N PRO E 252 2.91 -45.60 2.37
CA PRO E 252 3.44 -44.38 1.76
C PRO E 252 3.10 -44.22 0.29
N LEU E 253 1.95 -44.77 -0.14
CA LEU E 253 1.49 -44.66 -1.52
C LEU E 253 2.54 -45.18 -2.51
N LYS E 254 3.09 -46.35 -2.19
CA LYS E 254 4.12 -46.99 -3.02
C LYS E 254 5.31 -46.07 -3.26
#